data_8D09
# 
_entry.id   8D09 
# 
_audit_conform.dict_name       mmcif_pdbx.dic 
_audit_conform.dict_version    5.389 
_audit_conform.dict_location   http://mmcif.pdb.org/dictionaries/ascii/mmcif_pdbx.dic 
# 
loop_
_database_2.database_id 
_database_2.database_code 
_database_2.pdbx_database_accession 
_database_2.pdbx_DOI 
PDB   8D09         pdb_00008d09 10.2210/pdb8d09/pdb 
WWPDB D_1000265648 ?            ?                   
# 
loop_
_pdbx_audit_revision_history.ordinal 
_pdbx_audit_revision_history.data_content_type 
_pdbx_audit_revision_history.major_revision 
_pdbx_audit_revision_history.minor_revision 
_pdbx_audit_revision_history.revision_date 
1 'Structure model' 1 0 2022-09-28 
2 'Structure model' 1 1 2022-10-19 
3 'Structure model' 1 2 2024-04-03 
# 
_pdbx_audit_revision_details.ordinal             1 
_pdbx_audit_revision_details.revision_ordinal    1 
_pdbx_audit_revision_details.data_content_type   'Structure model' 
_pdbx_audit_revision_details.provider            repository 
_pdbx_audit_revision_details.type                'Initial release' 
_pdbx_audit_revision_details.description         ? 
_pdbx_audit_revision_details.details             ? 
# 
loop_
_pdbx_audit_revision_group.ordinal 
_pdbx_audit_revision_group.revision_ordinal 
_pdbx_audit_revision_group.data_content_type 
_pdbx_audit_revision_group.group 
1 2 'Structure model' 'Database references'    
2 3 'Structure model' 'Data collection'        
3 3 'Structure model' 'Refinement description' 
# 
loop_
_pdbx_audit_revision_category.ordinal 
_pdbx_audit_revision_category.revision_ordinal 
_pdbx_audit_revision_category.data_content_type 
_pdbx_audit_revision_category.category 
1 2 'Structure model' citation                      
2 2 'Structure model' citation_author               
3 3 'Structure model' chem_comp_atom                
4 3 'Structure model' chem_comp_bond                
5 3 'Structure model' pdbx_initial_refinement_model 
# 
loop_
_pdbx_audit_revision_item.ordinal 
_pdbx_audit_revision_item.revision_ordinal 
_pdbx_audit_revision_item.data_content_type 
_pdbx_audit_revision_item.item 
1 2 'Structure model' '_citation.journal_volume'          
2 2 'Structure model' '_citation.page_first'              
3 2 'Structure model' '_citation.page_last'               
4 2 'Structure model' '_citation_author.identifier_ORCID' 
# 
_pdbx_database_status.status_code                     REL 
_pdbx_database_status.status_code_sf                  REL 
_pdbx_database_status.status_code_mr                  ? 
_pdbx_database_status.entry_id                        8D09 
_pdbx_database_status.recvd_initial_deposition_date   2022-05-25 
_pdbx_database_status.SG_entry                        N 
_pdbx_database_status.deposit_site                    RCSB 
_pdbx_database_status.process_site                    RCSB 
_pdbx_database_status.status_code_cs                  ? 
_pdbx_database_status.status_code_nmr_data            ? 
_pdbx_database_status.methods_development_category    ? 
_pdbx_database_status.pdb_format_compatible           Y 
# 
_pdbx_contact_author.id                 2 
_pdbx_contact_author.email              dabaker@uw.edu 
_pdbx_contact_author.name_first         David 
_pdbx_contact_author.name_last          Baker 
_pdbx_contact_author.name_mi            ? 
_pdbx_contact_author.role               'principal investigator/group leader' 
_pdbx_contact_author.identifier_ORCID   0000-0001-7896-6217 
# 
loop_
_audit_author.name 
_audit_author.pdbx_ordinal 
_audit_author.identifier_ORCID 
'Ragotte, R.J.' 1 0000-0002-6463-1595 
'Bera, A.K.'    2 0000-0001-9473-2912 
'Wicky, B.I.M.' 3 0000-0002-2501-7875 
'Milles, L.F.'  4 0000-0001-8417-3205 
'Baker, D.'     5 0000-0001-7896-6217 
# 
_citation.abstract                  ? 
_citation.abstract_id_CAS           ? 
_citation.book_id_ISBN              ? 
_citation.book_publisher            ? 
_citation.book_publisher_city       ? 
_citation.book_title                ? 
_citation.coordinate_linkage        ? 
_citation.country                   US 
_citation.database_id_Medline       ? 
_citation.details                   ? 
_citation.id                        primary 
_citation.journal_abbrev            Science 
_citation.journal_id_ASTM           SCIEAS 
_citation.journal_id_CSD            0038 
_citation.journal_id_ISSN           1095-9203 
_citation.journal_full              ? 
_citation.journal_issue             ? 
_citation.journal_volume            378 
_citation.language                  ? 
_citation.page_first                56 
_citation.page_last                 61 
_citation.title                     'Hallucinating symmetric protein assemblies.' 
_citation.year                      2022 
_citation.database_id_CSD           ? 
_citation.pdbx_database_id_DOI      10.1126/science.add1964 
_citation.pdbx_database_id_PubMed   36108048 
_citation.pdbx_database_id_patent   ? 
_citation.unpublished_flag          ? 
# 
loop_
_citation_author.citation_id 
_citation_author.name 
_citation_author.ordinal 
_citation_author.identifier_ORCID 
primary 'Wicky, B.I.M.' 1  ? 
primary 'Milles, L.F.'  2  ? 
primary 'Courbet, A.'   3  ? 
primary 'Ragotte, R.J.' 4  ? 
primary 'Dauparas, J.'  5  ? 
primary 'Kinfu, E.'     6  ? 
primary 'Tipps, S.'     7  ? 
primary 'Kibler, R.D.'  8  ? 
primary 'Baek, M.'      9  ? 
primary 'DiMaio, F.'    10 ? 
primary 'Li, X.'        11 ? 
primary 'Carter, L.'    12 ? 
primary 'Kang, A.'      13 ? 
primary 'Nguyen, H.'    14 ? 
primary 'Bera, A.K.'    15 ? 
primary 'Baker, D.'     16 ? 
# 
loop_
_entity.id 
_entity.type 
_entity.src_method 
_entity.pdbx_description 
_entity.formula_weight 
_entity.pdbx_number_of_molecules 
_entity.pdbx_ec 
_entity.pdbx_mutation 
_entity.pdbx_fragment 
_entity.details 
1 polymer man HALC4_136 7608.969 2  ? ? ? ? 
2 water   nat water     18.015   36 ? ? ? ? 
# 
_entity_poly.entity_id                      1 
_entity_poly.type                           'polypeptide(L)' 
_entity_poly.nstd_linkage                   no 
_entity_poly.nstd_monomer                   no 
_entity_poly.pdbx_seq_one_letter_code       MSGMSPYKKAIEITKRLLELLLSNPELAKKNLGGIATLISLLALISALDGTLDEKDIEPYIKKLEESLGS 
_entity_poly.pdbx_seq_one_letter_code_can   MSGMSPYKKAIEITKRLLELLLSNPELAKKNLGGIATLISLLALISALDGTLDEKDIEPYIKKLEESLGS 
_entity_poly.pdbx_strand_id                 A,B 
_entity_poly.pdbx_target_identifier         ? 
# 
_pdbx_entity_nonpoly.entity_id   2 
_pdbx_entity_nonpoly.name        water 
_pdbx_entity_nonpoly.comp_id     HOH 
# 
loop_
_entity_poly_seq.entity_id 
_entity_poly_seq.num 
_entity_poly_seq.mon_id 
_entity_poly_seq.hetero 
1 1  MET n 
1 2  SER n 
1 3  GLY n 
1 4  MET n 
1 5  SER n 
1 6  PRO n 
1 7  TYR n 
1 8  LYS n 
1 9  LYS n 
1 10 ALA n 
1 11 ILE n 
1 12 GLU n 
1 13 ILE n 
1 14 THR n 
1 15 LYS n 
1 16 ARG n 
1 17 LEU n 
1 18 LEU n 
1 19 GLU n 
1 20 LEU n 
1 21 LEU n 
1 22 LEU n 
1 23 SER n 
1 24 ASN n 
1 25 PRO n 
1 26 GLU n 
1 27 LEU n 
1 28 ALA n 
1 29 LYS n 
1 30 LYS n 
1 31 ASN n 
1 32 LEU n 
1 33 GLY n 
1 34 GLY n 
1 35 ILE n 
1 36 ALA n 
1 37 THR n 
1 38 LEU n 
1 39 ILE n 
1 40 SER n 
1 41 LEU n 
1 42 LEU n 
1 43 ALA n 
1 44 LEU n 
1 45 ILE n 
1 46 SER n 
1 47 ALA n 
1 48 LEU n 
1 49 ASP n 
1 50 GLY n 
1 51 THR n 
1 52 LEU n 
1 53 ASP n 
1 54 GLU n 
1 55 LYS n 
1 56 ASP n 
1 57 ILE n 
1 58 GLU n 
1 59 PRO n 
1 60 TYR n 
1 61 ILE n 
1 62 LYS n 
1 63 LYS n 
1 64 LEU n 
1 65 GLU n 
1 66 GLU n 
1 67 SER n 
1 68 LEU n 
1 69 GLY n 
1 70 SER n 
# 
_entity_src_gen.entity_id                          1 
_entity_src_gen.pdbx_src_id                        1 
_entity_src_gen.pdbx_alt_source_flag               sample 
_entity_src_gen.pdbx_seq_type                      'Biological sequence' 
_entity_src_gen.pdbx_beg_seq_num                   1 
_entity_src_gen.pdbx_end_seq_num                   70 
_entity_src_gen.gene_src_common_name               ? 
_entity_src_gen.gene_src_genus                     ? 
_entity_src_gen.pdbx_gene_src_gene                 ? 
_entity_src_gen.gene_src_species                   ? 
_entity_src_gen.gene_src_strain                    ? 
_entity_src_gen.gene_src_tissue                    ? 
_entity_src_gen.gene_src_tissue_fraction           ? 
_entity_src_gen.gene_src_details                   ? 
_entity_src_gen.pdbx_gene_src_fragment             ? 
_entity_src_gen.pdbx_gene_src_scientific_name      'synthetic construct' 
_entity_src_gen.pdbx_gene_src_ncbi_taxonomy_id     32630 
_entity_src_gen.pdbx_gene_src_variant              ? 
_entity_src_gen.pdbx_gene_src_cell_line            ? 
_entity_src_gen.pdbx_gene_src_atcc                 ? 
_entity_src_gen.pdbx_gene_src_organ                ? 
_entity_src_gen.pdbx_gene_src_organelle            ? 
_entity_src_gen.pdbx_gene_src_cell                 ? 
_entity_src_gen.pdbx_gene_src_cellular_location    ? 
_entity_src_gen.host_org_common_name               ? 
_entity_src_gen.pdbx_host_org_scientific_name      'Escherichia coli' 
_entity_src_gen.pdbx_host_org_ncbi_taxonomy_id     562 
_entity_src_gen.host_org_genus                     ? 
_entity_src_gen.pdbx_host_org_gene                 ? 
_entity_src_gen.pdbx_host_org_organ                ? 
_entity_src_gen.host_org_species                   ? 
_entity_src_gen.pdbx_host_org_tissue               ? 
_entity_src_gen.pdbx_host_org_tissue_fraction      ? 
_entity_src_gen.pdbx_host_org_strain               ? 
_entity_src_gen.pdbx_host_org_variant              ? 
_entity_src_gen.pdbx_host_org_cell_line            ? 
_entity_src_gen.pdbx_host_org_atcc                 ? 
_entity_src_gen.pdbx_host_org_culture_collection   ? 
_entity_src_gen.pdbx_host_org_cell                 ? 
_entity_src_gen.pdbx_host_org_organelle            ? 
_entity_src_gen.pdbx_host_org_cellular_location    ? 
_entity_src_gen.pdbx_host_org_vector_type          ? 
_entity_src_gen.pdbx_host_org_vector               ? 
_entity_src_gen.host_org_details                   ? 
_entity_src_gen.expression_system_id               ? 
_entity_src_gen.plasmid_name                       ? 
_entity_src_gen.plasmid_details                    ? 
_entity_src_gen.pdbx_description                   ? 
# 
loop_
_chem_comp.id 
_chem_comp.type 
_chem_comp.mon_nstd_flag 
_chem_comp.name 
_chem_comp.pdbx_synonyms 
_chem_comp.formula 
_chem_comp.formula_weight 
ALA 'L-peptide linking' y ALANINE         ? 'C3 H7 N O2'     89.093  
ARG 'L-peptide linking' y ARGININE        ? 'C6 H15 N4 O2 1' 175.209 
ASN 'L-peptide linking' y ASPARAGINE      ? 'C4 H8 N2 O3'    132.118 
ASP 'L-peptide linking' y 'ASPARTIC ACID' ? 'C4 H7 N O4'     133.103 
GLU 'L-peptide linking' y 'GLUTAMIC ACID' ? 'C5 H9 N O4'     147.129 
GLY 'peptide linking'   y GLYCINE         ? 'C2 H5 N O2'     75.067  
HOH non-polymer         . WATER           ? 'H2 O'           18.015  
ILE 'L-peptide linking' y ISOLEUCINE      ? 'C6 H13 N O2'    131.173 
LEU 'L-peptide linking' y LEUCINE         ? 'C6 H13 N O2'    131.173 
LYS 'L-peptide linking' y LYSINE          ? 'C6 H15 N2 O2 1' 147.195 
MET 'L-peptide linking' y METHIONINE      ? 'C5 H11 N O2 S'  149.211 
PRO 'L-peptide linking' y PROLINE         ? 'C5 H9 N O2'     115.130 
SER 'L-peptide linking' y SERINE          ? 'C3 H7 N O3'     105.093 
THR 'L-peptide linking' y THREONINE       ? 'C4 H9 N O3'     119.119 
TYR 'L-peptide linking' y TYROSINE        ? 'C9 H11 N O3'    181.189 
# 
loop_
_pdbx_poly_seq_scheme.asym_id 
_pdbx_poly_seq_scheme.entity_id 
_pdbx_poly_seq_scheme.seq_id 
_pdbx_poly_seq_scheme.mon_id 
_pdbx_poly_seq_scheme.ndb_seq_num 
_pdbx_poly_seq_scheme.pdb_seq_num 
_pdbx_poly_seq_scheme.auth_seq_num 
_pdbx_poly_seq_scheme.pdb_mon_id 
_pdbx_poly_seq_scheme.auth_mon_id 
_pdbx_poly_seq_scheme.pdb_strand_id 
_pdbx_poly_seq_scheme.pdb_ins_code 
_pdbx_poly_seq_scheme.hetero 
A 1 1  MET 1  1  ?  ?   ?   A . n 
A 1 2  SER 2  2  ?  ?   ?   A . n 
A 1 3  GLY 3  3  ?  ?   ?   A . n 
A 1 4  MET 4  4  4  MET MET A . n 
A 1 5  SER 5  5  5  SER SER A . n 
A 1 6  PRO 6  6  6  PRO PRO A . n 
A 1 7  TYR 7  7  7  TYR TYR A . n 
A 1 8  LYS 8  8  8  LYS LYS A . n 
A 1 9  LYS 9  9  9  LYS LYS A . n 
A 1 10 ALA 10 10 10 ALA ALA A . n 
A 1 11 ILE 11 11 11 ILE ILE A . n 
A 1 12 GLU 12 12 12 GLU GLU A . n 
A 1 13 ILE 13 13 13 ILE ILE A . n 
A 1 14 THR 14 14 14 THR THR A . n 
A 1 15 LYS 15 15 15 LYS LYS A . n 
A 1 16 ARG 16 16 16 ARG ARG A . n 
A 1 17 LEU 17 17 17 LEU LEU A . n 
A 1 18 LEU 18 18 18 LEU LEU A . n 
A 1 19 GLU 19 19 19 GLU GLU A . n 
A 1 20 LEU 20 20 20 LEU LEU A . n 
A 1 21 LEU 21 21 21 LEU LEU A . n 
A 1 22 LEU 22 22 22 LEU LEU A . n 
A 1 23 SER 23 23 23 SER SER A . n 
A 1 24 ASN 24 24 24 ASN ASN A . n 
A 1 25 PRO 25 25 25 PRO PRO A . n 
A 1 26 GLU 26 26 26 GLU GLU A . n 
A 1 27 LEU 27 27 27 LEU LEU A . n 
A 1 28 ALA 28 28 28 ALA ALA A . n 
A 1 29 LYS 29 29 29 LYS LYS A . n 
A 1 30 LYS 30 30 30 LYS LYS A . n 
A 1 31 ASN 31 31 31 ASN ASN A . n 
A 1 32 LEU 32 32 32 LEU LEU A . n 
A 1 33 GLY 33 33 33 GLY GLY A . n 
A 1 34 GLY 34 34 34 GLY GLY A . n 
A 1 35 ILE 35 35 35 ILE ILE A . n 
A 1 36 ALA 36 36 36 ALA ALA A . n 
A 1 37 THR 37 37 37 THR THR A . n 
A 1 38 LEU 38 38 38 LEU LEU A . n 
A 1 39 ILE 39 39 39 ILE ILE A . n 
A 1 40 SER 40 40 40 SER SER A . n 
A 1 41 LEU 41 41 41 LEU LEU A . n 
A 1 42 LEU 42 42 42 LEU LEU A . n 
A 1 43 ALA 43 43 43 ALA ALA A . n 
A 1 44 LEU 44 44 44 LEU LEU A . n 
A 1 45 ILE 45 45 45 ILE ILE A . n 
A 1 46 SER 46 46 46 SER SER A . n 
A 1 47 ALA 47 47 47 ALA ALA A . n 
A 1 48 LEU 48 48 48 LEU LEU A . n 
A 1 49 ASP 49 49 49 ASP ASP A . n 
A 1 50 GLY 50 50 50 GLY GLY A . n 
A 1 51 THR 51 51 51 THR THR A . n 
A 1 52 LEU 52 52 52 LEU LEU A . n 
A 1 53 ASP 53 53 53 ASP ASP A . n 
A 1 54 GLU 54 54 54 GLU GLU A . n 
A 1 55 LYS 55 55 55 LYS LYS A . n 
A 1 56 ASP 56 56 56 ASP ASP A . n 
A 1 57 ILE 57 57 57 ILE ILE A . n 
A 1 58 GLU 58 58 58 GLU GLU A . n 
A 1 59 PRO 59 59 59 PRO PRO A . n 
A 1 60 TYR 60 60 60 TYR TYR A . n 
A 1 61 ILE 61 61 61 ILE ILE A . n 
A 1 62 LYS 62 62 62 LYS LYS A . n 
A 1 63 LYS 63 63 63 LYS LYS A . n 
A 1 64 LEU 64 64 64 LEU LEU A . n 
A 1 65 GLU 65 65 65 GLU GLU A . n 
A 1 66 GLU 66 66 66 GLU GLU A . n 
A 1 67 SER 67 67 67 SER SER A . n 
A 1 68 LEU 68 68 68 LEU LEU A . n 
A 1 69 GLY 69 69 ?  ?   ?   A . n 
A 1 70 SER 70 70 ?  ?   ?   A . n 
B 1 1  MET 1  1  ?  ?   ?   B . n 
B 1 2  SER 2  2  ?  ?   ?   B . n 
B 1 3  GLY 3  3  ?  ?   ?   B . n 
B 1 4  MET 4  4  4  MET MET B . n 
B 1 5  SER 5  5  5  SER SER B . n 
B 1 6  PRO 6  6  6  PRO PRO B . n 
B 1 7  TYR 7  7  7  TYR TYR B . n 
B 1 8  LYS 8  8  8  LYS LYS B . n 
B 1 9  LYS 9  9  9  LYS LYS B . n 
B 1 10 ALA 10 10 10 ALA ALA B . n 
B 1 11 ILE 11 11 11 ILE ILE B . n 
B 1 12 GLU 12 12 12 GLU GLU B . n 
B 1 13 ILE 13 13 13 ILE ILE B . n 
B 1 14 THR 14 14 14 THR THR B . n 
B 1 15 LYS 15 15 15 LYS LYS B . n 
B 1 16 ARG 16 16 16 ARG ARG B . n 
B 1 17 LEU 17 17 17 LEU LEU B . n 
B 1 18 LEU 18 18 18 LEU LEU B . n 
B 1 19 GLU 19 19 19 GLU GLU B . n 
B 1 20 LEU 20 20 20 LEU LEU B . n 
B 1 21 LEU 21 21 21 LEU LEU B . n 
B 1 22 LEU 22 22 22 LEU LEU B . n 
B 1 23 SER 23 23 23 SER SER B . n 
B 1 24 ASN 24 24 24 ASN ASN B . n 
B 1 25 PRO 25 25 25 PRO PRO B . n 
B 1 26 GLU 26 26 26 GLU GLU B . n 
B 1 27 LEU 27 27 27 LEU LEU B . n 
B 1 28 ALA 28 28 28 ALA ALA B . n 
B 1 29 LYS 29 29 29 LYS LYS B . n 
B 1 30 LYS 30 30 30 LYS LYS B . n 
B 1 31 ASN 31 31 31 ASN ASN B . n 
B 1 32 LEU 32 32 32 LEU LEU B . n 
B 1 33 GLY 33 33 33 GLY GLY B . n 
B 1 34 GLY 34 34 34 GLY GLY B . n 
B 1 35 ILE 35 35 35 ILE ILE B . n 
B 1 36 ALA 36 36 36 ALA ALA B . n 
B 1 37 THR 37 37 37 THR THR B . n 
B 1 38 LEU 38 38 38 LEU LEU B . n 
B 1 39 ILE 39 39 39 ILE ILE B . n 
B 1 40 SER 40 40 40 SER SER B . n 
B 1 41 LEU 41 41 41 LEU LEU B . n 
B 1 42 LEU 42 42 42 LEU LEU B . n 
B 1 43 ALA 43 43 43 ALA ALA B . n 
B 1 44 LEU 44 44 44 LEU LEU B . n 
B 1 45 ILE 45 45 45 ILE ILE B . n 
B 1 46 SER 46 46 46 SER SER B . n 
B 1 47 ALA 47 47 47 ALA ALA B . n 
B 1 48 LEU 48 48 48 LEU LEU B . n 
B 1 49 ASP 49 49 49 ASP ASP B . n 
B 1 50 GLY 50 50 50 GLY GLY B . n 
B 1 51 THR 51 51 51 THR THR B . n 
B 1 52 LEU 52 52 52 LEU LEU B . n 
B 1 53 ASP 53 53 53 ASP ASP B . n 
B 1 54 GLU 54 54 54 GLU GLU B . n 
B 1 55 LYS 55 55 55 LYS LYS B . n 
B 1 56 ASP 56 56 56 ASP ASP B . n 
B 1 57 ILE 57 57 57 ILE ILE B . n 
B 1 58 GLU 58 58 58 GLU GLU B . n 
B 1 59 PRO 59 59 59 PRO PRO B . n 
B 1 60 TYR 60 60 60 TYR TYR B . n 
B 1 61 ILE 61 61 61 ILE ILE B . n 
B 1 62 LYS 62 62 62 LYS LYS B . n 
B 1 63 LYS 63 63 63 LYS LYS B . n 
B 1 64 LEU 64 64 64 LEU LEU B . n 
B 1 65 GLU 65 65 65 GLU GLU B . n 
B 1 66 GLU 66 66 66 GLU GLU B . n 
B 1 67 SER 67 67 67 SER SER B . n 
B 1 68 LEU 68 68 68 LEU LEU B . n 
B 1 69 GLY 69 69 ?  ?   ?   B . n 
B 1 70 SER 70 70 ?  ?   ?   B . n 
# 
loop_
_pdbx_nonpoly_scheme.asym_id 
_pdbx_nonpoly_scheme.entity_id 
_pdbx_nonpoly_scheme.mon_id 
_pdbx_nonpoly_scheme.ndb_seq_num 
_pdbx_nonpoly_scheme.pdb_seq_num 
_pdbx_nonpoly_scheme.auth_seq_num 
_pdbx_nonpoly_scheme.pdb_mon_id 
_pdbx_nonpoly_scheme.auth_mon_id 
_pdbx_nonpoly_scheme.pdb_strand_id 
_pdbx_nonpoly_scheme.pdb_ins_code 
C 2 HOH 1  101 1  HOH HOH A . 
C 2 HOH 2  102 10 HOH HOH A . 
C 2 HOH 3  103 32 HOH HOH A . 
C 2 HOH 4  104 24 HOH HOH A . 
C 2 HOH 5  105 13 HOH HOH A . 
C 2 HOH 6  106 42 HOH HOH A . 
C 2 HOH 7  107 2  HOH HOH A . 
C 2 HOH 8  108 19 HOH HOH A . 
C 2 HOH 9  109 22 HOH HOH A . 
C 2 HOH 10 110 12 HOH HOH A . 
C 2 HOH 11 111 36 HOH HOH A . 
C 2 HOH 12 112 28 HOH HOH A . 
C 2 HOH 13 113 39 HOH HOH A . 
C 2 HOH 14 114 37 HOH HOH A . 
C 2 HOH 15 115 16 HOH HOH A . 
C 2 HOH 16 116 43 HOH HOH A . 
C 2 HOH 17 117 27 HOH HOH A . 
C 2 HOH 18 118 18 HOH HOH A . 
C 2 HOH 19 119 4  HOH HOH A . 
D 2 HOH 1  101 25 HOH HOH B . 
D 2 HOH 2  102 29 HOH HOH B . 
D 2 HOH 3  103 14 HOH HOH B . 
D 2 HOH 4  104 6  HOH HOH B . 
D 2 HOH 5  105 9  HOH HOH B . 
D 2 HOH 6  106 11 HOH HOH B . 
D 2 HOH 7  107 15 HOH HOH B . 
D 2 HOH 8  108 8  HOH HOH B . 
D 2 HOH 9  109 38 HOH HOH B . 
D 2 HOH 10 110 23 HOH HOH B . 
D 2 HOH 11 111 3  HOH HOH B . 
D 2 HOH 12 112 41 HOH HOH B . 
D 2 HOH 13 113 5  HOH HOH B . 
D 2 HOH 14 114 35 HOH HOH B . 
D 2 HOH 15 115 7  HOH HOH B . 
D 2 HOH 16 116 33 HOH HOH B . 
D 2 HOH 17 117 31 HOH HOH B . 
# 
loop_
_software.citation_id 
_software.classification 
_software.compiler_name 
_software.compiler_version 
_software.contact_author 
_software.contact_author_email 
_software.date 
_software.description 
_software.dependencies 
_software.hardware 
_software.language 
_software.location 
_software.mods 
_software.name 
_software.os 
_software.os_version 
_software.type 
_software.version 
_software.pdbx_ordinal 
? refinement       ? ? ? ? ? ? ? ? ? ? ? PHENIX ? ? ? 1.20.1_4487 1 
? 'data reduction' ? ? ? ? ? ? ? ? ? ? ? XDS    ? ? ? .           2 
? 'data scaling'   ? ? ? ? ? ? ? ? ? ? ? XSCALE ? ? ? .           3 
? phasing          ? ? ? ? ? ? ? ? ? ? ? PHASER ? ? ? .           4 
# 
_cell.angle_alpha                  90.000 
_cell.angle_alpha_esd              ? 
_cell.angle_beta                   90.000 
_cell.angle_beta_esd               ? 
_cell.angle_gamma                  90.000 
_cell.angle_gamma_esd              ? 
_cell.entry_id                     8D09 
_cell.details                      ? 
_cell.formula_units_Z              ? 
_cell.length_a                     52.829 
_cell.length_a_esd                 ? 
_cell.length_b                     77.894 
_cell.length_b_esd                 ? 
_cell.length_c                     52.798 
_cell.length_c_esd                 ? 
_cell.volume                       217267.050 
_cell.volume_esd                   ? 
_cell.Z_PDB                        16 
_cell.reciprocal_angle_alpha       ? 
_cell.reciprocal_angle_beta        ? 
_cell.reciprocal_angle_gamma       ? 
_cell.reciprocal_angle_alpha_esd   ? 
_cell.reciprocal_angle_beta_esd    ? 
_cell.reciprocal_angle_gamma_esd   ? 
_cell.reciprocal_length_a          ? 
_cell.reciprocal_length_b          ? 
_cell.reciprocal_length_c          ? 
_cell.reciprocal_length_a_esd      ? 
_cell.reciprocal_length_b_esd      ? 
_cell.reciprocal_length_c_esd      ? 
_cell.pdbx_unique_axis             ? 
_cell.pdbx_esd_method              ? 
# 
_symmetry.entry_id                         8D09 
_symmetry.cell_setting                     ? 
_symmetry.Int_Tables_number                20 
_symmetry.space_group_name_Hall            'C 2c 2' 
_symmetry.space_group_name_H-M             'C 2 2 21' 
_symmetry.pdbx_full_space_group_name_H-M   ? 
# 
_exptl.absorpt_coefficient_mu     ? 
_exptl.absorpt_correction_T_max   ? 
_exptl.absorpt_correction_T_min   ? 
_exptl.absorpt_correction_type    ? 
_exptl.absorpt_process_details    ? 
_exptl.entry_id                   8D09 
_exptl.crystals_number            1 
_exptl.details                    ? 
_exptl.method                     'X-RAY DIFFRACTION' 
_exptl.method_details             ? 
# 
_exptl_crystal.colour                       ? 
_exptl_crystal.density_diffrn               ? 
_exptl_crystal.density_Matthews             1.78 
_exptl_crystal.density_method               ? 
_exptl_crystal.density_percent_sol          31.08 
_exptl_crystal.description                  ? 
_exptl_crystal.F_000                        ? 
_exptl_crystal.id                           1 
_exptl_crystal.preparation                  ? 
_exptl_crystal.size_max                     ? 
_exptl_crystal.size_mid                     ? 
_exptl_crystal.size_min                     ? 
_exptl_crystal.size_rad                     ? 
_exptl_crystal.colour_lustre                ? 
_exptl_crystal.colour_modifier              ? 
_exptl_crystal.colour_primary               ? 
_exptl_crystal.density_meas                 ? 
_exptl_crystal.density_meas_esd             ? 
_exptl_crystal.density_meas_gt              ? 
_exptl_crystal.density_meas_lt              ? 
_exptl_crystal.density_meas_temp            ? 
_exptl_crystal.density_meas_temp_esd        ? 
_exptl_crystal.density_meas_temp_gt         ? 
_exptl_crystal.density_meas_temp_lt         ? 
_exptl_crystal.pdbx_crystal_image_url       ? 
_exptl_crystal.pdbx_crystal_image_format    ? 
_exptl_crystal.pdbx_mosaicity               ? 
_exptl_crystal.pdbx_mosaicity_esd           ? 
_exptl_crystal.pdbx_mosaic_method           ? 
_exptl_crystal.pdbx_mosaic_block_size       ? 
_exptl_crystal.pdbx_mosaic_block_size_esd   ? 
# 
_exptl_crystal_grow.apparatus       ? 
_exptl_crystal_grow.atmosphere      ? 
_exptl_crystal_grow.crystal_id      1 
_exptl_crystal_grow.details         ? 
_exptl_crystal_grow.method          'VAPOR DIFFUSION, SITTING DROP' 
_exptl_crystal_grow.method_ref      ? 
_exptl_crystal_grow.pH              5 
_exptl_crystal_grow.pressure        ? 
_exptl_crystal_grow.pressure_esd    ? 
_exptl_crystal_grow.seeding         ? 
_exptl_crystal_grow.seeding_ref     ? 
_exptl_crystal_grow.temp            293 
_exptl_crystal_grow.temp_details    ? 
_exptl_crystal_grow.temp_esd        ? 
_exptl_crystal_grow.time            ? 
_exptl_crystal_grow.pdbx_details    
;0.1M SPG buffer pH 5
25% w/v PEG 1500
;
_exptl_crystal_grow.pdbx_pH_range   ? 
# 
_diffrn.ambient_environment              ? 
_diffrn.ambient_temp                     100 
_diffrn.ambient_temp_details             ? 
_diffrn.ambient_temp_esd                 ? 
_diffrn.crystal_id                       1 
_diffrn.crystal_support                  ? 
_diffrn.crystal_treatment                ? 
_diffrn.details                          ? 
_diffrn.id                               1 
_diffrn.ambient_pressure                 ? 
_diffrn.ambient_pressure_esd             ? 
_diffrn.ambient_pressure_gt              ? 
_diffrn.ambient_pressure_lt              ? 
_diffrn.ambient_temp_gt                  ? 
_diffrn.ambient_temp_lt                  ? 
_diffrn.pdbx_serial_crystal_experiment   N 
# 
_diffrn_detector.details                      ? 
_diffrn_detector.detector                     PIXEL 
_diffrn_detector.diffrn_id                    1 
_diffrn_detector.type                         'DECTRIS EIGER2 X 16M' 
_diffrn_detector.area_resol_mean              ? 
_diffrn_detector.dtime                        ? 
_diffrn_detector.pdbx_frames_total            ? 
_diffrn_detector.pdbx_collection_time_total   ? 
_diffrn_detector.pdbx_collection_date         2022-03-13 
_diffrn_detector.pdbx_frequency               ? 
# 
_diffrn_radiation.collimation                      ? 
_diffrn_radiation.diffrn_id                        1 
_diffrn_radiation.filter_edge                      ? 
_diffrn_radiation.inhomogeneity                    ? 
_diffrn_radiation.monochromator                    ? 
_diffrn_radiation.polarisn_norm                    ? 
_diffrn_radiation.polarisn_ratio                   ? 
_diffrn_radiation.probe                            ? 
_diffrn_radiation.type                             ? 
_diffrn_radiation.xray_symbol                      ? 
_diffrn_radiation.wavelength_id                    1 
_diffrn_radiation.pdbx_monochromatic_or_laue_m_l   M 
_diffrn_radiation.pdbx_wavelength_list             ? 
_diffrn_radiation.pdbx_wavelength                  ? 
_diffrn_radiation.pdbx_diffrn_protocol             'SINGLE WAVELENGTH' 
_diffrn_radiation.pdbx_analyzer                    ? 
_diffrn_radiation.pdbx_scattering_type             x-ray 
# 
_diffrn_radiation_wavelength.id           1 
_diffrn_radiation_wavelength.wavelength   0.97918 
_diffrn_radiation_wavelength.wt           1.0 
# 
_diffrn_source.current                     ? 
_diffrn_source.details                     ? 
_diffrn_source.diffrn_id                   1 
_diffrn_source.power                       ? 
_diffrn_source.size                        ? 
_diffrn_source.source                      SYNCHROTRON 
_diffrn_source.target                      ? 
_diffrn_source.type                        'APS BEAMLINE 24-ID-C' 
_diffrn_source.voltage                     ? 
_diffrn_source.take-off_angle              ? 
_diffrn_source.pdbx_wavelength_list        0.97918 
_diffrn_source.pdbx_wavelength             ? 
_diffrn_source.pdbx_synchrotron_beamline   24-ID-C 
_diffrn_source.pdbx_synchrotron_site       APS 
# 
_reflns.B_iso_Wilson_estimate                          37.36 
_reflns.entry_id                                       8D09 
_reflns.data_reduction_details                         ? 
_reflns.data_reduction_method                          ? 
_reflns.d_resolution_high                              1.9 
_reflns.d_resolution_low                               31.34 
_reflns.details                                        ? 
_reflns.limit_h_max                                    ? 
_reflns.limit_h_min                                    ? 
_reflns.limit_k_max                                    ? 
_reflns.limit_k_min                                    ? 
_reflns.limit_l_max                                    ? 
_reflns.limit_l_min                                    ? 
_reflns.number_all                                     ? 
_reflns.number_obs                                     8869 
_reflns.observed_criterion                             ? 
_reflns.observed_criterion_F_max                       ? 
_reflns.observed_criterion_F_min                       ? 
_reflns.observed_criterion_I_max                       ? 
_reflns.observed_criterion_I_min                       ? 
_reflns.observed_criterion_sigma_F                     ? 
_reflns.observed_criterion_sigma_I                     ? 
_reflns.percent_possible_obs                           99.52 
_reflns.R_free_details                                 ? 
_reflns.Rmerge_F_all                                   ? 
_reflns.Rmerge_F_obs                                   ? 
_reflns.Friedel_coverage                               ? 
_reflns.number_gt                                      ? 
_reflns.threshold_expression                           ? 
_reflns.pdbx_redundancy                                13.1 
_reflns.pdbx_Rmerge_I_obs                              ? 
_reflns.pdbx_Rmerge_I_all                              ? 
_reflns.pdbx_Rsym_value                                ? 
_reflns.pdbx_netI_over_av_sigmaI                       ? 
_reflns.pdbx_netI_over_sigmaI                          9.45 
_reflns.pdbx_res_netI_over_av_sigmaI_2                 ? 
_reflns.pdbx_res_netI_over_sigmaI_2                    ? 
_reflns.pdbx_chi_squared                               ? 
_reflns.pdbx_scaling_rejects                           ? 
_reflns.pdbx_d_res_high_opt                            ? 
_reflns.pdbx_d_res_low_opt                             ? 
_reflns.pdbx_d_res_opt_method                          ? 
_reflns.phase_calculation_details                      ? 
_reflns.pdbx_Rrim_I_all                                ? 
_reflns.pdbx_Rpim_I_all                                ? 
_reflns.pdbx_d_opt                                     ? 
_reflns.pdbx_number_measured_all                       ? 
_reflns.pdbx_diffrn_id                                 1 
_reflns.pdbx_ordinal                                   1 
_reflns.pdbx_CC_half                                   0.981 
_reflns.pdbx_CC_star                                   ? 
_reflns.pdbx_R_split                                   ? 
_reflns.pdbx_aniso_diffraction_limit_axis_1_ortho[1]   ? 
_reflns.pdbx_aniso_diffraction_limit_axis_1_ortho[2]   ? 
_reflns.pdbx_aniso_diffraction_limit_axis_1_ortho[3]   ? 
_reflns.pdbx_aniso_diffraction_limit_axis_2_ortho[1]   ? 
_reflns.pdbx_aniso_diffraction_limit_axis_2_ortho[2]   ? 
_reflns.pdbx_aniso_diffraction_limit_axis_2_ortho[3]   ? 
_reflns.pdbx_aniso_diffraction_limit_axis_3_ortho[1]   ? 
_reflns.pdbx_aniso_diffraction_limit_axis_3_ortho[2]   ? 
_reflns.pdbx_aniso_diffraction_limit_axis_3_ortho[3]   ? 
_reflns.pdbx_aniso_diffraction_limit_1                 ? 
_reflns.pdbx_aniso_diffraction_limit_2                 ? 
_reflns.pdbx_aniso_diffraction_limit_3                 ? 
_reflns.pdbx_aniso_B_tensor_eigenvector_1_ortho[1]     ? 
_reflns.pdbx_aniso_B_tensor_eigenvector_1_ortho[2]     ? 
_reflns.pdbx_aniso_B_tensor_eigenvector_1_ortho[3]     ? 
_reflns.pdbx_aniso_B_tensor_eigenvector_2_ortho[1]     ? 
_reflns.pdbx_aniso_B_tensor_eigenvector_2_ortho[2]     ? 
_reflns.pdbx_aniso_B_tensor_eigenvector_2_ortho[3]     ? 
_reflns.pdbx_aniso_B_tensor_eigenvector_3_ortho[1]     ? 
_reflns.pdbx_aniso_B_tensor_eigenvector_3_ortho[2]     ? 
_reflns.pdbx_aniso_B_tensor_eigenvector_3_ortho[3]     ? 
_reflns.pdbx_aniso_B_tensor_eigenvalue_1               ? 
_reflns.pdbx_aniso_B_tensor_eigenvalue_2               ? 
_reflns.pdbx_aniso_B_tensor_eigenvalue_3               ? 
_reflns.pdbx_orthogonalization_convention              ? 
_reflns.pdbx_percent_possible_ellipsoidal              ? 
_reflns.pdbx_percent_possible_spherical                ? 
_reflns.pdbx_percent_possible_ellipsoidal_anomalous    ? 
_reflns.pdbx_percent_possible_spherical_anomalous      ? 
_reflns.pdbx_redundancy_anomalous                      ? 
_reflns.pdbx_CC_half_anomalous                         ? 
_reflns.pdbx_absDiff_over_sigma_anomalous              ? 
_reflns.pdbx_percent_possible_anomalous                ? 
_reflns.pdbx_observed_signal_threshold                 ? 
_reflns.pdbx_signal_type                               ? 
_reflns.pdbx_signal_details                            ? 
_reflns.pdbx_signal_software_id                        ? 
_reflns.pdbx_CC_split_method                           ? 
# 
_reflns_shell.d_res_high                                    1.9 
_reflns_shell.d_res_low                                     1.968 
_reflns_shell.meanI_over_sigI_all                           ? 
_reflns_shell.meanI_over_sigI_obs                           3.95 
_reflns_shell.number_measured_all                           ? 
_reflns_shell.number_measured_obs                           ? 
_reflns_shell.number_possible                               ? 
_reflns_shell.number_unique_all                             ? 
_reflns_shell.number_unique_obs                             875 
_reflns_shell.percent_possible_all                          100.00 
_reflns_shell.percent_possible_obs                          ? 
_reflns_shell.Rmerge_F_all                                  ? 
_reflns_shell.Rmerge_F_obs                                  ? 
_reflns_shell.Rmerge_I_all                                  ? 
_reflns_shell.Rmerge_I_obs                                  ? 
_reflns_shell.meanI_over_sigI_gt                            ? 
_reflns_shell.meanI_over_uI_all                             ? 
_reflns_shell.meanI_over_uI_gt                              ? 
_reflns_shell.number_measured_gt                            ? 
_reflns_shell.number_unique_gt                              ? 
_reflns_shell.percent_possible_gt                           ? 
_reflns_shell.Rmerge_F_gt                                   ? 
_reflns_shell.Rmerge_I_gt                                   ? 
_reflns_shell.pdbx_redundancy                               ? 
_reflns_shell.pdbx_Rsym_value                               ? 
_reflns_shell.pdbx_chi_squared                              ? 
_reflns_shell.pdbx_netI_over_sigmaI_all                     ? 
_reflns_shell.pdbx_netI_over_sigmaI_obs                     ? 
_reflns_shell.pdbx_Rrim_I_all                               ? 
_reflns_shell.pdbx_Rpim_I_all                               ? 
_reflns_shell.pdbx_rejects                                  ? 
_reflns_shell.pdbx_ordinal                                  1 
_reflns_shell.pdbx_diffrn_id                                1 
_reflns_shell.pdbx_CC_half                                  0.832 
_reflns_shell.pdbx_CC_star                                  ? 
_reflns_shell.pdbx_R_split                                  ? 
_reflns_shell.pdbx_percent_possible_ellipsoidal             ? 
_reflns_shell.pdbx_percent_possible_spherical               ? 
_reflns_shell.pdbx_percent_possible_ellipsoidal_anomalous   ? 
_reflns_shell.pdbx_percent_possible_spherical_anomalous     ? 
_reflns_shell.pdbx_redundancy_anomalous                     ? 
_reflns_shell.pdbx_CC_half_anomalous                        ? 
_reflns_shell.pdbx_absDiff_over_sigma_anomalous             ? 
_reflns_shell.pdbx_percent_possible_anomalous               ? 
# 
_refine.aniso_B[1][1]                            ? 
_refine.aniso_B[1][2]                            ? 
_refine.aniso_B[1][3]                            ? 
_refine.aniso_B[2][2]                            ? 
_refine.aniso_B[2][3]                            ? 
_refine.aniso_B[3][3]                            ? 
_refine.B_iso_max                                ? 
_refine.B_iso_mean                               37.36 
_refine.B_iso_min                                ? 
_refine.correlation_coeff_Fo_to_Fc               ? 
_refine.correlation_coeff_Fo_to_Fc_free          ? 
_refine.details                                  ? 
_refine.diff_density_max                         ? 
_refine.diff_density_max_esd                     ? 
_refine.diff_density_min                         ? 
_refine.diff_density_min_esd                     ? 
_refine.diff_density_rms                         ? 
_refine.diff_density_rms_esd                     ? 
_refine.entry_id                                 8D09 
_refine.pdbx_refine_id                           'X-RAY DIFFRACTION' 
_refine.ls_abs_structure_details                 ? 
_refine.ls_abs_structure_Flack                   ? 
_refine.ls_abs_structure_Flack_esd               ? 
_refine.ls_abs_structure_Rogers                  ? 
_refine.ls_abs_structure_Rogers_esd              ? 
_refine.ls_d_res_high                            1.90 
_refine.ls_d_res_low                             31.34 
_refine.ls_extinction_coef                       ? 
_refine.ls_extinction_coef_esd                   ? 
_refine.ls_extinction_expression                 ? 
_refine.ls_extinction_method                     ? 
_refine.ls_goodness_of_fit_all                   ? 
_refine.ls_goodness_of_fit_all_esd               ? 
_refine.ls_goodness_of_fit_obs                   ? 
_refine.ls_goodness_of_fit_obs_esd               ? 
_refine.ls_hydrogen_treatment                    ? 
_refine.ls_matrix_type                           ? 
_refine.ls_number_constraints                    ? 
_refine.ls_number_parameters                     ? 
_refine.ls_number_reflns_all                     ? 
_refine.ls_number_reflns_obs                     8842 
_refine.ls_number_reflns_R_free                  435 
_refine.ls_number_reflns_R_work                  8407 
_refine.ls_number_restraints                     ? 
_refine.ls_percent_reflns_obs                    99.57 
_refine.ls_percent_reflns_R_free                 4.92 
_refine.ls_R_factor_all                          ? 
_refine.ls_R_factor_obs                          0.2329 
_refine.ls_R_factor_R_free                       0.2549 
_refine.ls_R_factor_R_free_error                 ? 
_refine.ls_R_factor_R_free_error_details         ? 
_refine.ls_R_factor_R_work                       0.2317 
_refine.ls_R_Fsqd_factor_obs                     ? 
_refine.ls_R_I_factor_obs                        ? 
_refine.ls_redundancy_reflns_all                 ? 
_refine.ls_redundancy_reflns_obs                 ? 
_refine.ls_restrained_S_all                      ? 
_refine.ls_restrained_S_obs                      ? 
_refine.ls_shift_over_esd_max                    ? 
_refine.ls_shift_over_esd_mean                   ? 
_refine.ls_structure_factor_coef                 ? 
_refine.ls_weighting_details                     ? 
_refine.ls_weighting_scheme                      ? 
_refine.ls_wR_factor_all                         ? 
_refine.ls_wR_factor_obs                         ? 
_refine.ls_wR_factor_R_free                      ? 
_refine.ls_wR_factor_R_work                      ? 
_refine.occupancy_max                            ? 
_refine.occupancy_min                            ? 
_refine.solvent_model_details                    'FLAT BULK SOLVENT MODEL' 
_refine.solvent_model_param_bsol                 ? 
_refine.solvent_model_param_ksol                 ? 
_refine.pdbx_R_complete                          ? 
_refine.ls_R_factor_gt                           ? 
_refine.ls_goodness_of_fit_gt                    ? 
_refine.ls_goodness_of_fit_ref                   ? 
_refine.ls_shift_over_su_max                     ? 
_refine.ls_shift_over_su_max_lt                  ? 
_refine.ls_shift_over_su_mean                    ? 
_refine.ls_shift_over_su_mean_lt                 ? 
_refine.pdbx_ls_sigma_I                          ? 
_refine.pdbx_ls_sigma_F                          1.40 
_refine.pdbx_ls_sigma_Fsqd                       ? 
_refine.pdbx_data_cutoff_high_absF               ? 
_refine.pdbx_data_cutoff_high_rms_absF           ? 
_refine.pdbx_data_cutoff_low_absF                ? 
_refine.pdbx_isotropic_thermal_model             ? 
_refine.pdbx_ls_cross_valid_method               'FREE R-VALUE' 
_refine.pdbx_method_to_determine_struct          'MOLECULAR REPLACEMENT' 
_refine.pdbx_starting_model                      'Design model' 
_refine.pdbx_stereochemistry_target_values       'GeoStd + Monomer Library + CDL v1.2' 
_refine.pdbx_R_Free_selection_details            ? 
_refine.pdbx_stereochem_target_val_spec_case     ? 
_refine.pdbx_overall_ESU_R                       ? 
_refine.pdbx_overall_ESU_R_Free                  ? 
_refine.pdbx_solvent_vdw_probe_radii             1.1000 
_refine.pdbx_solvent_ion_probe_radii             ? 
_refine.pdbx_solvent_shrinkage_radii             0.9000 
_refine.pdbx_real_space_R                        ? 
_refine.pdbx_density_correlation                 ? 
_refine.pdbx_pd_number_of_powder_patterns        ? 
_refine.pdbx_pd_number_of_points                 ? 
_refine.pdbx_pd_meas_number_of_points            ? 
_refine.pdbx_pd_proc_ls_prof_R_factor            ? 
_refine.pdbx_pd_proc_ls_prof_wR_factor           ? 
_refine.pdbx_pd_Marquardt_correlation_coeff      ? 
_refine.pdbx_pd_Fsqrd_R_factor                   ? 
_refine.pdbx_pd_ls_matrix_band_width             ? 
_refine.pdbx_overall_phase_error                 31.1739 
_refine.pdbx_overall_SU_R_free_Cruickshank_DPI   ? 
_refine.pdbx_overall_SU_R_free_Blow_DPI          ? 
_refine.pdbx_overall_SU_R_Blow_DPI               ? 
_refine.pdbx_TLS_residual_ADP_flag               ? 
_refine.pdbx_diffrn_id                           1 
_refine.overall_SU_B                             ? 
_refine.overall_SU_ML                            0.1581 
_refine.overall_SU_R_Cruickshank_DPI             ? 
_refine.overall_SU_R_free                        ? 
_refine.overall_FOM_free_R_set                   ? 
_refine.overall_FOM_work_R_set                   ? 
_refine.pdbx_average_fsc_overall                 ? 
_refine.pdbx_average_fsc_work                    ? 
_refine.pdbx_average_fsc_free                    ? 
# 
_refine_hist.pdbx_refine_id                   'X-RAY DIFFRACTION' 
_refine_hist.cycle_id                         LAST 
_refine_hist.details                          ? 
_refine_hist.d_res_high                       1.90 
_refine_hist.d_res_low                        31.34 
_refine_hist.number_atoms_solvent             36 
_refine_hist.number_atoms_total               1042 
_refine_hist.number_reflns_all                ? 
_refine_hist.number_reflns_obs                ? 
_refine_hist.number_reflns_R_free             ? 
_refine_hist.number_reflns_R_work             ? 
_refine_hist.R_factor_all                     ? 
_refine_hist.R_factor_obs                     ? 
_refine_hist.R_factor_R_free                  ? 
_refine_hist.R_factor_R_work                  ? 
_refine_hist.pdbx_number_residues_total       ? 
_refine_hist.pdbx_B_iso_mean_ligand           ? 
_refine_hist.pdbx_B_iso_mean_solvent          ? 
_refine_hist.pdbx_number_atoms_protein        1006 
_refine_hist.pdbx_number_atoms_nucleic_acid   0 
_refine_hist.pdbx_number_atoms_ligand         0 
_refine_hist.pdbx_number_atoms_lipid          ? 
_refine_hist.pdbx_number_atoms_carb           ? 
_refine_hist.pdbx_pseudo_atom_details         ? 
# 
loop_
_refine_ls_restr.pdbx_refine_id 
_refine_ls_restr.criterion 
_refine_ls_restr.dev_ideal 
_refine_ls_restr.dev_ideal_target 
_refine_ls_restr.number 
_refine_ls_restr.rejects 
_refine_ls_restr.type 
_refine_ls_restr.weight 
_refine_ls_restr.pdbx_restraint_function 
'X-RAY DIFFRACTION' ? 0.0138  ? 1032 ? f_bond_d           ? ? 
'X-RAY DIFFRACTION' ? 1.4716  ? 1396 ? f_angle_d          ? ? 
'X-RAY DIFFRACTION' ? 0.0749  ? 180  ? f_chiral_restr     ? ? 
'X-RAY DIFFRACTION' ? 0.0098  ? 168  ? f_plane_restr      ? ? 
'X-RAY DIFFRACTION' ? 16.9775 ? 416  ? f_dihedral_angle_d ? ? 
# 
loop_
_refine_ls_shell.pdbx_refine_id 
_refine_ls_shell.d_res_high 
_refine_ls_shell.d_res_low 
_refine_ls_shell.number_reflns_all 
_refine_ls_shell.number_reflns_obs 
_refine_ls_shell.number_reflns_R_free 
_refine_ls_shell.number_reflns_R_work 
_refine_ls_shell.percent_reflns_obs 
_refine_ls_shell.percent_reflns_R_free 
_refine_ls_shell.R_factor_all 
_refine_ls_shell.R_factor_obs 
_refine_ls_shell.R_factor_R_free 
_refine_ls_shell.R_factor_R_free_error 
_refine_ls_shell.R_factor_R_work 
_refine_ls_shell.redundancy_reflns_all 
_refine_ls_shell.redundancy_reflns_obs 
_refine_ls_shell.wR_factor_all 
_refine_ls_shell.wR_factor_obs 
_refine_ls_shell.wR_factor_R_free 
_refine_ls_shell.wR_factor_R_work 
_refine_ls_shell.pdbx_R_complete 
_refine_ls_shell.pdbx_total_number_of_bins_used 
_refine_ls_shell.pdbx_phase_error 
_refine_ls_shell.pdbx_fsc_work 
_refine_ls_shell.pdbx_fsc_free 
'X-RAY DIFFRACTION' 1.90 2.17  . . 129 2753 99.93 . . . 0.2810 . 0.2535 . . . . . . . . . . . 
'X-RAY DIFFRACTION' 2.17 2.74  . . 148 2779 99.49 . . . 0.2581 . 0.2456 . . . . . . . . . . . 
'X-RAY DIFFRACTION' 2.74 31.34 . . 158 2875 99.34 . . . 0.2484 . 0.2197 . . . . . . . . . . . 
# 
_struct.entry_id                     8D09 
_struct.title                        'Hallucinated C4 protein assembly HALC4_136' 
_struct.pdbx_model_details           ? 
_struct.pdbx_formula_weight          ? 
_struct.pdbx_formula_weight_method   ? 
_struct.pdbx_model_type_details      ? 
_struct.pdbx_CASP_flag               N 
# 
_struct_keywords.entry_id        8D09 
_struct_keywords.text            'De novo design Hallucination Cyclic Oligomer ProteinMPNN, DE NOVO PROTEIN' 
_struct_keywords.pdbx_keywords   'DE NOVO PROTEIN' 
# 
loop_
_struct_asym.id 
_struct_asym.pdbx_blank_PDB_chainid_flag 
_struct_asym.pdbx_modified 
_struct_asym.entity_id 
_struct_asym.details 
A N N 1 ? 
B N N 1 ? 
C N N 2 ? 
D N N 2 ? 
# 
_struct_ref.id                         1 
_struct_ref.db_name                    PDB 
_struct_ref.db_code                    8D09 
_struct_ref.pdbx_db_accession          8D09 
_struct_ref.pdbx_db_isoform            ? 
_struct_ref.entity_id                  1 
_struct_ref.pdbx_seq_one_letter_code   ? 
_struct_ref.pdbx_align_begin           1 
# 
loop_
_struct_ref_seq.align_id 
_struct_ref_seq.ref_id 
_struct_ref_seq.pdbx_PDB_id_code 
_struct_ref_seq.pdbx_strand_id 
_struct_ref_seq.seq_align_beg 
_struct_ref_seq.pdbx_seq_align_beg_ins_code 
_struct_ref_seq.seq_align_end 
_struct_ref_seq.pdbx_seq_align_end_ins_code 
_struct_ref_seq.pdbx_db_accession 
_struct_ref_seq.db_align_beg 
_struct_ref_seq.pdbx_db_align_beg_ins_code 
_struct_ref_seq.db_align_end 
_struct_ref_seq.pdbx_db_align_end_ins_code 
_struct_ref_seq.pdbx_auth_seq_align_beg 
_struct_ref_seq.pdbx_auth_seq_align_end 
1 1 8D09 A 1 ? 70 ? 8D09 1 ? 70 ? 1 70 
2 1 8D09 B 1 ? 70 ? 8D09 1 ? 70 ? 1 70 
# 
_pdbx_struct_assembly.id                   1 
_pdbx_struct_assembly.details              author_and_software_defined_assembly 
_pdbx_struct_assembly.method_details       PISA 
_pdbx_struct_assembly.oligomeric_details   tetrameric 
_pdbx_struct_assembly.oligomeric_count     4 
# 
loop_
_pdbx_struct_assembly_prop.biol_id 
_pdbx_struct_assembly_prop.type 
_pdbx_struct_assembly_prop.value 
_pdbx_struct_assembly_prop.details 
1 'ABSA (A^2)' 7060  ? 
1 MORE         -65   ? 
1 'SSA (A^2)'  11070 ? 
# 
loop_
_pdbx_struct_assembly_gen.assembly_id 
_pdbx_struct_assembly_gen.oper_expression 
_pdbx_struct_assembly_gen.asym_id_list 
1 1,2 A,C 
1 3,4 B,D 
# 
_pdbx_struct_assembly_auth_evidence.id                     1 
_pdbx_struct_assembly_auth_evidence.assembly_id            1 
_pdbx_struct_assembly_auth_evidence.experimental_support   'light scattering' 
_pdbx_struct_assembly_auth_evidence.details                ? 
# 
loop_
_pdbx_struct_oper_list.id 
_pdbx_struct_oper_list.type 
_pdbx_struct_oper_list.name 
_pdbx_struct_oper_list.symmetry_operation 
_pdbx_struct_oper_list.matrix[1][1] 
_pdbx_struct_oper_list.matrix[1][2] 
_pdbx_struct_oper_list.matrix[1][3] 
_pdbx_struct_oper_list.vector[1] 
_pdbx_struct_oper_list.matrix[2][1] 
_pdbx_struct_oper_list.matrix[2][2] 
_pdbx_struct_oper_list.matrix[2][3] 
_pdbx_struct_oper_list.vector[2] 
_pdbx_struct_oper_list.matrix[3][1] 
_pdbx_struct_oper_list.matrix[3][2] 
_pdbx_struct_oper_list.matrix[3][3] 
_pdbx_struct_oper_list.vector[3] 
1 'identity operation'         1_555 x,y,z               1.0000000000  0.0000000000  0.0000000000  0.0000000000   0.0000000000  1.0000000000  0.0000000000  0.0000000000  0.0000000000  0.0000000000  1.0000000000  0.0000000000   
2 'crystal symmetry operation' 3_554 -x,y,-z-1/2         -0.8904987391 0.3406614424  0.3015987024  -36.4503529748 0.3406614424  0.0598071418  0.9382818806  11.9244840928 0.3015987024  0.9382818806  -0.1693084027 -0.2349225638  
3 'crystal symmetry operation' 6_554 -x+1/2,-y+1/2,z-1/2 -0.0912525141 0.4802393657  -0.8723778598 -22.0497218708 0.4802393657  -0.7462112941 -0.4610193663 -5.4810447001 -0.8723778598 -0.4610193663 -0.1625361918 14.8099097953  
4 'crystal symmetry operation' 8_455 x-1/2,-y+1/2,-z     -0.0182487468 -0.8209008081 0.5707791574  -14.2156344667 -0.8209008081 -0.3135958477 -0.4772625143 17.9810584332 0.5707791574  -0.4772625143 -0.6681554055 -14.5352971692   
# 
loop_
_struct_conf.conf_type_id 
_struct_conf.id 
_struct_conf.pdbx_PDB_helix_id 
_struct_conf.beg_label_comp_id 
_struct_conf.beg_label_asym_id 
_struct_conf.beg_label_seq_id 
_struct_conf.pdbx_beg_PDB_ins_code 
_struct_conf.end_label_comp_id 
_struct_conf.end_label_asym_id 
_struct_conf.end_label_seq_id 
_struct_conf.pdbx_end_PDB_ins_code 
_struct_conf.beg_auth_comp_id 
_struct_conf.beg_auth_asym_id 
_struct_conf.beg_auth_seq_id 
_struct_conf.end_auth_comp_id 
_struct_conf.end_auth_asym_id 
_struct_conf.end_auth_seq_id 
_struct_conf.pdbx_PDB_helix_class 
_struct_conf.details 
_struct_conf.pdbx_PDB_helix_length 
HELX_P HELX_P1 AA1 SER A 5  ? SER A 23 ? SER A 5  SER A 23 1 ? 19 
HELX_P HELX_P2 AA2 ASN A 24 ? LYS A 30 ? ASN A 24 LYS A 30 1 ? 7  
HELX_P HELX_P3 AA3 ASN A 31 ? ASP A 49 ? ASN A 31 ASP A 49 1 ? 19 
HELX_P HELX_P4 AA4 ASP A 53 ? ASP A 56 ? ASP A 53 ASP A 56 5 ? 4  
HELX_P HELX_P5 AA5 ILE A 57 ? LEU A 68 ? ILE A 57 LEU A 68 1 ? 12 
HELX_P HELX_P6 AA6 SER B 5  ? SER B 23 ? SER B 5  SER B 23 1 ? 19 
HELX_P HELX_P7 AA7 ASN B 24 ? LYS B 30 ? ASN B 24 LYS B 30 1 ? 7  
HELX_P HELX_P8 AA8 ASN B 31 ? GLY B 50 ? ASN B 31 GLY B 50 1 ? 20 
HELX_P HELX_P9 AA9 ASP B 53 ? LEU B 68 ? ASP B 53 LEU B 68 1 ? 16 
# 
_struct_conf_type.id          HELX_P 
_struct_conf_type.criteria    ? 
_struct_conf_type.reference   ? 
# 
loop_
_space_group_symop.id 
_space_group_symop.operation_xyz 
1 x,y,z               
2 x,-y,-z             
3 -x,y,-z+1/2         
4 -x,-y,z+1/2         
5 x+1/2,y+1/2,z       
6 x+1/2,-y+1/2,-z     
7 -x+1/2,y+1/2,-z+1/2 
8 -x+1/2,-y+1/2,z+1/2 
# 
loop_
_pdbx_unobs_or_zero_occ_residues.id 
_pdbx_unobs_or_zero_occ_residues.PDB_model_num 
_pdbx_unobs_or_zero_occ_residues.polymer_flag 
_pdbx_unobs_or_zero_occ_residues.occupancy_flag 
_pdbx_unobs_or_zero_occ_residues.auth_asym_id 
_pdbx_unobs_or_zero_occ_residues.auth_comp_id 
_pdbx_unobs_or_zero_occ_residues.auth_seq_id 
_pdbx_unobs_or_zero_occ_residues.PDB_ins_code 
_pdbx_unobs_or_zero_occ_residues.label_asym_id 
_pdbx_unobs_or_zero_occ_residues.label_comp_id 
_pdbx_unobs_or_zero_occ_residues.label_seq_id 
1  1 Y 1 A MET 1  ? A MET 1  
2  1 Y 1 A SER 2  ? A SER 2  
3  1 Y 1 A GLY 3  ? A GLY 3  
4  1 Y 1 A GLY 69 ? A GLY 69 
5  1 Y 1 A SER 70 ? A SER 70 
6  1 Y 1 B MET 1  ? B MET 1  
7  1 Y 1 B SER 2  ? B SER 2  
8  1 Y 1 B GLY 3  ? B GLY 3  
9  1 Y 1 B GLY 69 ? B GLY 69 
10 1 Y 1 B SER 70 ? B SER 70 
# 
loop_
_chem_comp_atom.comp_id 
_chem_comp_atom.atom_id 
_chem_comp_atom.type_symbol 
_chem_comp_atom.pdbx_aromatic_flag 
_chem_comp_atom.pdbx_stereo_config 
_chem_comp_atom.pdbx_ordinal 
ALA N    N N N 1   
ALA CA   C N S 2   
ALA C    C N N 3   
ALA O    O N N 4   
ALA CB   C N N 5   
ALA OXT  O N N 6   
ALA H    H N N 7   
ALA H2   H N N 8   
ALA HA   H N N 9   
ALA HB1  H N N 10  
ALA HB2  H N N 11  
ALA HB3  H N N 12  
ALA HXT  H N N 13  
ARG N    N N N 14  
ARG CA   C N S 15  
ARG C    C N N 16  
ARG O    O N N 17  
ARG CB   C N N 18  
ARG CG   C N N 19  
ARG CD   C N N 20  
ARG NE   N N N 21  
ARG CZ   C N N 22  
ARG NH1  N N N 23  
ARG NH2  N N N 24  
ARG OXT  O N N 25  
ARG H    H N N 26  
ARG H2   H N N 27  
ARG HA   H N N 28  
ARG HB2  H N N 29  
ARG HB3  H N N 30  
ARG HG2  H N N 31  
ARG HG3  H N N 32  
ARG HD2  H N N 33  
ARG HD3  H N N 34  
ARG HE   H N N 35  
ARG HH11 H N N 36  
ARG HH12 H N N 37  
ARG HH21 H N N 38  
ARG HH22 H N N 39  
ARG HXT  H N N 40  
ASN N    N N N 41  
ASN CA   C N S 42  
ASN C    C N N 43  
ASN O    O N N 44  
ASN CB   C N N 45  
ASN CG   C N N 46  
ASN OD1  O N N 47  
ASN ND2  N N N 48  
ASN OXT  O N N 49  
ASN H    H N N 50  
ASN H2   H N N 51  
ASN HA   H N N 52  
ASN HB2  H N N 53  
ASN HB3  H N N 54  
ASN HD21 H N N 55  
ASN HD22 H N N 56  
ASN HXT  H N N 57  
ASP N    N N N 58  
ASP CA   C N S 59  
ASP C    C N N 60  
ASP O    O N N 61  
ASP CB   C N N 62  
ASP CG   C N N 63  
ASP OD1  O N N 64  
ASP OD2  O N N 65  
ASP OXT  O N N 66  
ASP H    H N N 67  
ASP H2   H N N 68  
ASP HA   H N N 69  
ASP HB2  H N N 70  
ASP HB3  H N N 71  
ASP HD2  H N N 72  
ASP HXT  H N N 73  
GLU N    N N N 74  
GLU CA   C N S 75  
GLU C    C N N 76  
GLU O    O N N 77  
GLU CB   C N N 78  
GLU CG   C N N 79  
GLU CD   C N N 80  
GLU OE1  O N N 81  
GLU OE2  O N N 82  
GLU OXT  O N N 83  
GLU H    H N N 84  
GLU H2   H N N 85  
GLU HA   H N N 86  
GLU HB2  H N N 87  
GLU HB3  H N N 88  
GLU HG2  H N N 89  
GLU HG3  H N N 90  
GLU HE2  H N N 91  
GLU HXT  H N N 92  
GLY N    N N N 93  
GLY CA   C N N 94  
GLY C    C N N 95  
GLY O    O N N 96  
GLY OXT  O N N 97  
GLY H    H N N 98  
GLY H2   H N N 99  
GLY HA2  H N N 100 
GLY HA3  H N N 101 
GLY HXT  H N N 102 
HOH O    O N N 103 
HOH H1   H N N 104 
HOH H2   H N N 105 
ILE N    N N N 106 
ILE CA   C N S 107 
ILE C    C N N 108 
ILE O    O N N 109 
ILE CB   C N S 110 
ILE CG1  C N N 111 
ILE CG2  C N N 112 
ILE CD1  C N N 113 
ILE OXT  O N N 114 
ILE H    H N N 115 
ILE H2   H N N 116 
ILE HA   H N N 117 
ILE HB   H N N 118 
ILE HG12 H N N 119 
ILE HG13 H N N 120 
ILE HG21 H N N 121 
ILE HG22 H N N 122 
ILE HG23 H N N 123 
ILE HD11 H N N 124 
ILE HD12 H N N 125 
ILE HD13 H N N 126 
ILE HXT  H N N 127 
LEU N    N N N 128 
LEU CA   C N S 129 
LEU C    C N N 130 
LEU O    O N N 131 
LEU CB   C N N 132 
LEU CG   C N N 133 
LEU CD1  C N N 134 
LEU CD2  C N N 135 
LEU OXT  O N N 136 
LEU H    H N N 137 
LEU H2   H N N 138 
LEU HA   H N N 139 
LEU HB2  H N N 140 
LEU HB3  H N N 141 
LEU HG   H N N 142 
LEU HD11 H N N 143 
LEU HD12 H N N 144 
LEU HD13 H N N 145 
LEU HD21 H N N 146 
LEU HD22 H N N 147 
LEU HD23 H N N 148 
LEU HXT  H N N 149 
LYS N    N N N 150 
LYS CA   C N S 151 
LYS C    C N N 152 
LYS O    O N N 153 
LYS CB   C N N 154 
LYS CG   C N N 155 
LYS CD   C N N 156 
LYS CE   C N N 157 
LYS NZ   N N N 158 
LYS OXT  O N N 159 
LYS H    H N N 160 
LYS H2   H N N 161 
LYS HA   H N N 162 
LYS HB2  H N N 163 
LYS HB3  H N N 164 
LYS HG2  H N N 165 
LYS HG3  H N N 166 
LYS HD2  H N N 167 
LYS HD3  H N N 168 
LYS HE2  H N N 169 
LYS HE3  H N N 170 
LYS HZ1  H N N 171 
LYS HZ2  H N N 172 
LYS HZ3  H N N 173 
LYS HXT  H N N 174 
MET N    N N N 175 
MET CA   C N S 176 
MET C    C N N 177 
MET O    O N N 178 
MET CB   C N N 179 
MET CG   C N N 180 
MET SD   S N N 181 
MET CE   C N N 182 
MET OXT  O N N 183 
MET H    H N N 184 
MET H2   H N N 185 
MET HA   H N N 186 
MET HB2  H N N 187 
MET HB3  H N N 188 
MET HG2  H N N 189 
MET HG3  H N N 190 
MET HE1  H N N 191 
MET HE2  H N N 192 
MET HE3  H N N 193 
MET HXT  H N N 194 
PRO N    N N N 195 
PRO CA   C N S 196 
PRO C    C N N 197 
PRO O    O N N 198 
PRO CB   C N N 199 
PRO CG   C N N 200 
PRO CD   C N N 201 
PRO OXT  O N N 202 
PRO H    H N N 203 
PRO HA   H N N 204 
PRO HB2  H N N 205 
PRO HB3  H N N 206 
PRO HG2  H N N 207 
PRO HG3  H N N 208 
PRO HD2  H N N 209 
PRO HD3  H N N 210 
PRO HXT  H N N 211 
SER N    N N N 212 
SER CA   C N S 213 
SER C    C N N 214 
SER O    O N N 215 
SER CB   C N N 216 
SER OG   O N N 217 
SER OXT  O N N 218 
SER H    H N N 219 
SER H2   H N N 220 
SER HA   H N N 221 
SER HB2  H N N 222 
SER HB3  H N N 223 
SER HG   H N N 224 
SER HXT  H N N 225 
THR N    N N N 226 
THR CA   C N S 227 
THR C    C N N 228 
THR O    O N N 229 
THR CB   C N R 230 
THR OG1  O N N 231 
THR CG2  C N N 232 
THR OXT  O N N 233 
THR H    H N N 234 
THR H2   H N N 235 
THR HA   H N N 236 
THR HB   H N N 237 
THR HG1  H N N 238 
THR HG21 H N N 239 
THR HG22 H N N 240 
THR HG23 H N N 241 
THR HXT  H N N 242 
TYR N    N N N 243 
TYR CA   C N S 244 
TYR C    C N N 245 
TYR O    O N N 246 
TYR CB   C N N 247 
TYR CG   C Y N 248 
TYR CD1  C Y N 249 
TYR CD2  C Y N 250 
TYR CE1  C Y N 251 
TYR CE2  C Y N 252 
TYR CZ   C Y N 253 
TYR OH   O N N 254 
TYR OXT  O N N 255 
TYR H    H N N 256 
TYR H2   H N N 257 
TYR HA   H N N 258 
TYR HB2  H N N 259 
TYR HB3  H N N 260 
TYR HD1  H N N 261 
TYR HD2  H N N 262 
TYR HE1  H N N 263 
TYR HE2  H N N 264 
TYR HH   H N N 265 
TYR HXT  H N N 266 
# 
loop_
_chem_comp_bond.comp_id 
_chem_comp_bond.atom_id_1 
_chem_comp_bond.atom_id_2 
_chem_comp_bond.value_order 
_chem_comp_bond.pdbx_aromatic_flag 
_chem_comp_bond.pdbx_stereo_config 
_chem_comp_bond.pdbx_ordinal 
ALA N   CA   sing N N 1   
ALA N   H    sing N N 2   
ALA N   H2   sing N N 3   
ALA CA  C    sing N N 4   
ALA CA  CB   sing N N 5   
ALA CA  HA   sing N N 6   
ALA C   O    doub N N 7   
ALA C   OXT  sing N N 8   
ALA CB  HB1  sing N N 9   
ALA CB  HB2  sing N N 10  
ALA CB  HB3  sing N N 11  
ALA OXT HXT  sing N N 12  
ARG N   CA   sing N N 13  
ARG N   H    sing N N 14  
ARG N   H2   sing N N 15  
ARG CA  C    sing N N 16  
ARG CA  CB   sing N N 17  
ARG CA  HA   sing N N 18  
ARG C   O    doub N N 19  
ARG C   OXT  sing N N 20  
ARG CB  CG   sing N N 21  
ARG CB  HB2  sing N N 22  
ARG CB  HB3  sing N N 23  
ARG CG  CD   sing N N 24  
ARG CG  HG2  sing N N 25  
ARG CG  HG3  sing N N 26  
ARG CD  NE   sing N N 27  
ARG CD  HD2  sing N N 28  
ARG CD  HD3  sing N N 29  
ARG NE  CZ   sing N N 30  
ARG NE  HE   sing N N 31  
ARG CZ  NH1  sing N N 32  
ARG CZ  NH2  doub N N 33  
ARG NH1 HH11 sing N N 34  
ARG NH1 HH12 sing N N 35  
ARG NH2 HH21 sing N N 36  
ARG NH2 HH22 sing N N 37  
ARG OXT HXT  sing N N 38  
ASN N   CA   sing N N 39  
ASN N   H    sing N N 40  
ASN N   H2   sing N N 41  
ASN CA  C    sing N N 42  
ASN CA  CB   sing N N 43  
ASN CA  HA   sing N N 44  
ASN C   O    doub N N 45  
ASN C   OXT  sing N N 46  
ASN CB  CG   sing N N 47  
ASN CB  HB2  sing N N 48  
ASN CB  HB3  sing N N 49  
ASN CG  OD1  doub N N 50  
ASN CG  ND2  sing N N 51  
ASN ND2 HD21 sing N N 52  
ASN ND2 HD22 sing N N 53  
ASN OXT HXT  sing N N 54  
ASP N   CA   sing N N 55  
ASP N   H    sing N N 56  
ASP N   H2   sing N N 57  
ASP CA  C    sing N N 58  
ASP CA  CB   sing N N 59  
ASP CA  HA   sing N N 60  
ASP C   O    doub N N 61  
ASP C   OXT  sing N N 62  
ASP CB  CG   sing N N 63  
ASP CB  HB2  sing N N 64  
ASP CB  HB3  sing N N 65  
ASP CG  OD1  doub N N 66  
ASP CG  OD2  sing N N 67  
ASP OD2 HD2  sing N N 68  
ASP OXT HXT  sing N N 69  
GLU N   CA   sing N N 70  
GLU N   H    sing N N 71  
GLU N   H2   sing N N 72  
GLU CA  C    sing N N 73  
GLU CA  CB   sing N N 74  
GLU CA  HA   sing N N 75  
GLU C   O    doub N N 76  
GLU C   OXT  sing N N 77  
GLU CB  CG   sing N N 78  
GLU CB  HB2  sing N N 79  
GLU CB  HB3  sing N N 80  
GLU CG  CD   sing N N 81  
GLU CG  HG2  sing N N 82  
GLU CG  HG3  sing N N 83  
GLU CD  OE1  doub N N 84  
GLU CD  OE2  sing N N 85  
GLU OE2 HE2  sing N N 86  
GLU OXT HXT  sing N N 87  
GLY N   CA   sing N N 88  
GLY N   H    sing N N 89  
GLY N   H2   sing N N 90  
GLY CA  C    sing N N 91  
GLY CA  HA2  sing N N 92  
GLY CA  HA3  sing N N 93  
GLY C   O    doub N N 94  
GLY C   OXT  sing N N 95  
GLY OXT HXT  sing N N 96  
HOH O   H1   sing N N 97  
HOH O   H2   sing N N 98  
ILE N   CA   sing N N 99  
ILE N   H    sing N N 100 
ILE N   H2   sing N N 101 
ILE CA  C    sing N N 102 
ILE CA  CB   sing N N 103 
ILE CA  HA   sing N N 104 
ILE C   O    doub N N 105 
ILE C   OXT  sing N N 106 
ILE CB  CG1  sing N N 107 
ILE CB  CG2  sing N N 108 
ILE CB  HB   sing N N 109 
ILE CG1 CD1  sing N N 110 
ILE CG1 HG12 sing N N 111 
ILE CG1 HG13 sing N N 112 
ILE CG2 HG21 sing N N 113 
ILE CG2 HG22 sing N N 114 
ILE CG2 HG23 sing N N 115 
ILE CD1 HD11 sing N N 116 
ILE CD1 HD12 sing N N 117 
ILE CD1 HD13 sing N N 118 
ILE OXT HXT  sing N N 119 
LEU N   CA   sing N N 120 
LEU N   H    sing N N 121 
LEU N   H2   sing N N 122 
LEU CA  C    sing N N 123 
LEU CA  CB   sing N N 124 
LEU CA  HA   sing N N 125 
LEU C   O    doub N N 126 
LEU C   OXT  sing N N 127 
LEU CB  CG   sing N N 128 
LEU CB  HB2  sing N N 129 
LEU CB  HB3  sing N N 130 
LEU CG  CD1  sing N N 131 
LEU CG  CD2  sing N N 132 
LEU CG  HG   sing N N 133 
LEU CD1 HD11 sing N N 134 
LEU CD1 HD12 sing N N 135 
LEU CD1 HD13 sing N N 136 
LEU CD2 HD21 sing N N 137 
LEU CD2 HD22 sing N N 138 
LEU CD2 HD23 sing N N 139 
LEU OXT HXT  sing N N 140 
LYS N   CA   sing N N 141 
LYS N   H    sing N N 142 
LYS N   H2   sing N N 143 
LYS CA  C    sing N N 144 
LYS CA  CB   sing N N 145 
LYS CA  HA   sing N N 146 
LYS C   O    doub N N 147 
LYS C   OXT  sing N N 148 
LYS CB  CG   sing N N 149 
LYS CB  HB2  sing N N 150 
LYS CB  HB3  sing N N 151 
LYS CG  CD   sing N N 152 
LYS CG  HG2  sing N N 153 
LYS CG  HG3  sing N N 154 
LYS CD  CE   sing N N 155 
LYS CD  HD2  sing N N 156 
LYS CD  HD3  sing N N 157 
LYS CE  NZ   sing N N 158 
LYS CE  HE2  sing N N 159 
LYS CE  HE3  sing N N 160 
LYS NZ  HZ1  sing N N 161 
LYS NZ  HZ2  sing N N 162 
LYS NZ  HZ3  sing N N 163 
LYS OXT HXT  sing N N 164 
MET N   CA   sing N N 165 
MET N   H    sing N N 166 
MET N   H2   sing N N 167 
MET CA  C    sing N N 168 
MET CA  CB   sing N N 169 
MET CA  HA   sing N N 170 
MET C   O    doub N N 171 
MET C   OXT  sing N N 172 
MET CB  CG   sing N N 173 
MET CB  HB2  sing N N 174 
MET CB  HB3  sing N N 175 
MET CG  SD   sing N N 176 
MET CG  HG2  sing N N 177 
MET CG  HG3  sing N N 178 
MET SD  CE   sing N N 179 
MET CE  HE1  sing N N 180 
MET CE  HE2  sing N N 181 
MET CE  HE3  sing N N 182 
MET OXT HXT  sing N N 183 
PRO N   CA   sing N N 184 
PRO N   CD   sing N N 185 
PRO N   H    sing N N 186 
PRO CA  C    sing N N 187 
PRO CA  CB   sing N N 188 
PRO CA  HA   sing N N 189 
PRO C   O    doub N N 190 
PRO C   OXT  sing N N 191 
PRO CB  CG   sing N N 192 
PRO CB  HB2  sing N N 193 
PRO CB  HB3  sing N N 194 
PRO CG  CD   sing N N 195 
PRO CG  HG2  sing N N 196 
PRO CG  HG3  sing N N 197 
PRO CD  HD2  sing N N 198 
PRO CD  HD3  sing N N 199 
PRO OXT HXT  sing N N 200 
SER N   CA   sing N N 201 
SER N   H    sing N N 202 
SER N   H2   sing N N 203 
SER CA  C    sing N N 204 
SER CA  CB   sing N N 205 
SER CA  HA   sing N N 206 
SER C   O    doub N N 207 
SER C   OXT  sing N N 208 
SER CB  OG   sing N N 209 
SER CB  HB2  sing N N 210 
SER CB  HB3  sing N N 211 
SER OG  HG   sing N N 212 
SER OXT HXT  sing N N 213 
THR N   CA   sing N N 214 
THR N   H    sing N N 215 
THR N   H2   sing N N 216 
THR CA  C    sing N N 217 
THR CA  CB   sing N N 218 
THR CA  HA   sing N N 219 
THR C   O    doub N N 220 
THR C   OXT  sing N N 221 
THR CB  OG1  sing N N 222 
THR CB  CG2  sing N N 223 
THR CB  HB   sing N N 224 
THR OG1 HG1  sing N N 225 
THR CG2 HG21 sing N N 226 
THR CG2 HG22 sing N N 227 
THR CG2 HG23 sing N N 228 
THR OXT HXT  sing N N 229 
TYR N   CA   sing N N 230 
TYR N   H    sing N N 231 
TYR N   H2   sing N N 232 
TYR CA  C    sing N N 233 
TYR CA  CB   sing N N 234 
TYR CA  HA   sing N N 235 
TYR C   O    doub N N 236 
TYR C   OXT  sing N N 237 
TYR CB  CG   sing N N 238 
TYR CB  HB2  sing N N 239 
TYR CB  HB3  sing N N 240 
TYR CG  CD1  doub Y N 241 
TYR CG  CD2  sing Y N 242 
TYR CD1 CE1  sing Y N 243 
TYR CD1 HD1  sing N N 244 
TYR CD2 CE2  doub Y N 245 
TYR CD2 HD2  sing N N 246 
TYR CE1 CZ   doub Y N 247 
TYR CE1 HE1  sing N N 248 
TYR CE2 CZ   sing Y N 249 
TYR CE2 HE2  sing N N 250 
TYR CZ  OH   sing N N 251 
TYR OH  HH   sing N N 252 
TYR OXT HXT  sing N N 253 
# 
_pdbx_audit_support.funding_organization   'Howard Hughes Medical Institute (HHMI)' 
_pdbx_audit_support.country                'United States' 
_pdbx_audit_support.grant_number           ? 
_pdbx_audit_support.ordinal                1 
# 
_pdbx_initial_refinement_model.accession_code   ? 
_pdbx_initial_refinement_model.id               1 
_pdbx_initial_refinement_model.entity_id_list   ? 
_pdbx_initial_refinement_model.type             'in silico model' 
_pdbx_initial_refinement_model.source_name      Other 
_pdbx_initial_refinement_model.details          'Design model' 
# 
_space_group.name_H-M_alt     'C 2 2 21' 
_space_group.name_Hall        'C 2c 2' 
_space_group.IT_number        20 
_space_group.crystal_system   orthorhombic 
_space_group.id               1 
# 
_atom_sites.entry_id                    8D09 
_atom_sites.Cartn_transf_matrix[1][1]   ? 
_atom_sites.Cartn_transf_matrix[1][2]   ? 
_atom_sites.Cartn_transf_matrix[1][3]   ? 
_atom_sites.Cartn_transf_matrix[2][1]   ? 
_atom_sites.Cartn_transf_matrix[2][2]   ? 
_atom_sites.Cartn_transf_matrix[2][3]   ? 
_atom_sites.Cartn_transf_matrix[3][1]   ? 
_atom_sites.Cartn_transf_matrix[3][2]   ? 
_atom_sites.Cartn_transf_matrix[3][3]   ? 
_atom_sites.Cartn_transf_vector[1]      ? 
_atom_sites.Cartn_transf_vector[2]      ? 
_atom_sites.Cartn_transf_vector[3]      ? 
_atom_sites.fract_transf_matrix[1][1]   0.01326213 
_atom_sites.fract_transf_matrix[1][2]   -0.01108926 
_atom_sites.fract_transf_matrix[1][3]   0.00771046 
_atom_sites.fract_transf_matrix[2][1]   -0.00300394 
_atom_sites.fract_transf_matrix[2][2]   -0.00934535 
_atom_sites.fract_transf_matrix[2][3]   -0.00827375 
_atom_sites.fract_transf_matrix[3][1]   0.01276693 
_atom_sites.fract_transf_matrix[3][2]   0.00674685 
_atom_sites.fract_transf_matrix[3][3]   -0.01225598 
_atom_sites.fract_transf_vector[1]      0.308727 
_atom_sites.fract_transf_vector[2]      0.252538 
_atom_sites.fract_transf_vector[3]      -0.058985 
_atom_sites.solution_primary            ? 
_atom_sites.solution_secondary          ? 
_atom_sites.solution_hydrogens          ? 
_atom_sites.special_details             ? 
# 
loop_
_atom_type.symbol 
_atom_type.scat_dispersion_real 
_atom_type.scat_dispersion_imag 
_atom_type.scat_Cromer_Mann_a1 
_atom_type.scat_Cromer_Mann_a2 
_atom_type.scat_Cromer_Mann_a3 
_atom_type.scat_Cromer_Mann_a4 
_atom_type.scat_Cromer_Mann_b1 
_atom_type.scat_Cromer_Mann_b2 
_atom_type.scat_Cromer_Mann_b3 
_atom_type.scat_Cromer_Mann_b4 
_atom_type.scat_Cromer_Mann_c 
_atom_type.scat_source 
_atom_type.scat_dispersion_source 
C ? ? 3.54356 2.42580 ? ? 25.62398 1.50364  ? ? 0.0 
;2-Gaussian fit: Grosse-Kunstleve RW, Sauter NK, Adams PD: Newsletter of the IUCr Commission on Crystallographic Computing 2004, 3, 22-31.
;
? 
N ? ? 4.01032 2.96436 ? ? 19.97189 1.75589  ? ? 0.0 
;2-Gaussian fit: Grosse-Kunstleve RW, Sauter NK, Adams PD: Newsletter of the IUCr Commission on Crystallographic Computing 2004, 3, 22-31.
;
? 
O ? ? 4.49882 3.47563 ? ? 15.80542 1.70748  ? ? 0.0 
;2-Gaussian fit: Grosse-Kunstleve RW, Sauter NK, Adams PD: Newsletter of the IUCr Commission on Crystallographic Computing 2004, 3, 22-31.
;
? 
S ? ? 9.55732 6.39887 ? ? 1.23737  29.19336 ? ? 0.0 
;2-Gaussian fit: Grosse-Kunstleve RW, Sauter NK, Adams PD: Newsletter of the IUCr Commission on Crystallographic Computing 2004, 3, 22-31.
;
? 
# 
loop_
_atom_site.group_PDB 
_atom_site.id 
_atom_site.type_symbol 
_atom_site.label_atom_id 
_atom_site.label_alt_id 
_atom_site.label_comp_id 
_atom_site.label_asym_id 
_atom_site.label_entity_id 
_atom_site.label_seq_id 
_atom_site.pdbx_PDB_ins_code 
_atom_site.Cartn_x 
_atom_site.Cartn_y 
_atom_site.Cartn_z 
_atom_site.occupancy 
_atom_site.B_iso_or_equiv 
_atom_site.pdbx_formal_charge 
_atom_site.auth_seq_id 
_atom_site.auth_comp_id 
_atom_site.auth_asym_id 
_atom_site.auth_atom_id 
_atom_site.pdbx_PDB_model_num 
ATOM   1    N N   . MET A 1 4  ? -4.06858  -4.91736  -15.46107 1.000 66.53000  ? 4   MET A N   1 
ATOM   2    C CA  . MET A 1 4  ? -4.80279  -4.53820  -16.69022 1.000 56.02000  ? 4   MET A CA  1 
ATOM   3    C C   . MET A 1 4  ? -6.30301  -4.31687  -16.42414 1.000 51.35000  ? 4   MET A C   1 
ATOM   4    O O   . MET A 1 4  ? -6.91038  -3.43395  -17.03639 1.000 52.74000  ? 4   MET A O   1 
ATOM   5    C CB  . MET A 1 4  ? -4.62939  -5.62245  -17.79209 1.000 58.49000  ? 4   MET A CB  1 
ATOM   6    C CG  . MET A 1 4  ? -3.68544  -5.26609  -18.96169 1.000 65.86000  ? 4   MET A CG  1 
ATOM   7    S SD  . MET A 1 4  ? -3.30583  -6.63359  -20.10394 1.000 79.98000  ? 4   MET A SD  1 
ATOM   8    C CE  . MET A 1 4  ? -2.38497  -7.66516  -18.97526 1.000 40.68000  ? 4   MET A CE  1 
ATOM   9    N N   . SER A 1 5  ? -6.89572  -5.11341  -15.53949 1.000 46.38000  ? 5   SER A N   1 
ATOM   10   C CA  A SER A 1 5  ? -8.34211  -5.07746  -15.36749 0.410 42.53000  ? 5   SER A CA  1 
ATOM   11   C CA  B SER A 1 5  ? -8.34476  -5.07800  -15.36127 0.590 42.60000  ? 5   SER A CA  1 
ATOM   12   C C   . SER A 1 5  ? -8.76900  -3.71238  -14.84757 1.000 41.79000  ? 5   SER A C   1 
ATOM   13   O O   . SER A 1 5  ? -8.05161  -3.11406  -14.03809 1.000 35.07000  ? 5   SER A O   1 
ATOM   14   C CB  A SER A 1 5  ? -8.78707  -6.17629  -14.39833 0.410 42.54000  ? 5   SER A CB  1 
ATOM   15   C CB  B SER A 1 5  ? -8.79618  -6.16122  -14.37324 0.590 42.59000  ? 5   SER A CB  1 
ATOM   16   O OG  A SER A 1 5  ? -8.79545  -5.70805  -13.06406 0.410 37.56000  ? 5   SER A OG  1 
ATOM   17   O OG  B SER A 1 5  ? -10.18977 -6.08349  -14.09694 0.590 42.85000  ? 5   SER A OG  1 
ATOM   18   N N   . PRO A 1 6  ? -9.92166  -3.18510  -15.29028 1.000 39.46000  ? 6   PRO A N   1 
ATOM   19   C CA  . PRO A 1 6  ? -10.36184 -1.87435  -14.77399 1.000 36.43000  ? 6   PRO A CA  1 
ATOM   20   C C   . PRO A 1 6  ? -10.50183 -1.86352  -13.26182 1.000 35.49000  ? 6   PRO A C   1 
ATOM   21   O O   . PRO A 1 6  ? -10.16767 -0.85921  -12.61357 1.000 32.87000  ? 6   PRO A O   1 
ATOM   22   C CB  . PRO A 1 6  ? -11.72138 -1.65116  -15.45760 1.000 37.82000  ? 6   PRO A CB  1 
ATOM   23   C CG  . PRO A 1 6  ? -11.64593 -2.45559  -16.70806 1.000 44.22000  ? 6   PRO A CG  1 
ATOM   24   C CD  . PRO A 1 6  ? -10.79380 -3.68128  -16.36682 1.000 41.28000  ? 6   PRO A CD  1 
ATOM   25   N N   . TYR A 1 7  ? -11.00609 -2.95971  -12.68055 1.000 33.37000  ? 7   TYR A N   1 
ATOM   26   C CA  . TYR A 1 7  ? -11.05943 -3.04544  -11.21331 1.000 29.80000  ? 7   TYR A CA  1 
ATOM   27   C C   . TYR A 1 7  ? -9.64965  -2.97339  -10.60668 1.000 32.84000  ? 7   TYR A C   1 
ATOM   28   O O   . TYR A 1 7  ? -9.43757  -2.34822  -9.55901  1.000 29.12000  ? 7   TYR A O   1 
ATOM   29   C CB  . TYR A 1 7  ? -11.76088 -4.33014  -10.80686 1.000 32.31000  ? 7   TYR A CB  1 
ATOM   30   C CG  . TYR A 1 7  ? -13.23593 -4.36090  -11.18514 1.000 32.27000  ? 7   TYR A CG  1 
ATOM   31   C CD1 . TYR A 1 7  ? -14.11545 -3.36601  -10.78430 1.000 35.09000  ? 7   TYR A CD1 1 
ATOM   32   C CD2 . TYR A 1 7  ? -13.73887 -5.40132  -11.96566 1.000 39.07000  ? 7   TYR A CD2 1 
ATOM   33   C CE1 . TYR A 1 7  ? -15.46668 -3.39893  -11.15539 1.000 37.43000  ? 7   TYR A CE1 1 
ATOM   34   C CE2 . TYR A 1 7  ? -15.05613 -5.44057  -12.35279 1.000 44.27000  ? 7   TYR A CE2 1 
ATOM   35   C CZ  . TYR A 1 7  ? -15.91786 -4.43475  -11.95211 1.000 38.31000  ? 7   TYR A CZ  1 
ATOM   36   O OH  . TYR A 1 7  ? -17.22598 -4.49914  -12.32968 1.000 45.09000  ? 7   TYR A OH  1 
ATOM   37   N N   . LYS A 1 8  ? -8.65088  -3.57446  -11.25808 1.000 33.42000  ? 8   LYS A N   1 
ATOM   38   C CA  . LYS A 1 8  ? -7.30142  -3.47880  -10.70278 1.000 31.92000  ? 8   LYS A CA  1 
ATOM   39   C C   . LYS A 1 8  ? -6.79533  -2.02972  -10.69350 1.000 29.67000  ? 8   LYS A C   1 
ATOM   40   O O   . LYS A 1 8  ? -6.12982  -1.60157  -9.73979  1.000 29.69000  ? 8   LYS A O   1 
ATOM   41   C CB  . LYS A 1 8  ? -6.36079  -4.38000  -11.48441 1.000 37.66000  ? 8   LYS A CB  1 
ATOM   42   C CG  . LYS A 1 8  ? -6.05982  -5.69213  -10.70151 1.000 44.80000  ? 8   LYS A CG  1 
ATOM   43   C CD  . LYS A 1 8  ? -5.42731  -5.40135  -9.31858  1.000 49.78000  ? 8   LYS A CD  1 
ATOM   44   C CE  . LYS A 1 8  ? -4.09121  -4.65811  -9.46943  1.000 67.31000  ? 8   LYS A CE  1 
ATOM   45   N NZ  . LYS A 1 8  ? -3.72713  -3.77449  -8.31417  1.000 62.34000  ? 8   LYS A NZ  1 
ATOM   46   N N   . LYS A 1 9  ? -7.11242  -1.25790  -11.74936 1.000 31.06000  ? 9   LYS A N   1 
ATOM   47   C CA  . LYS A 1 9  ? -6.74163  0.16330   -11.75107 1.000 26.98000  ? 9   LYS A CA  1 
ATOM   48   C C   . LYS A 1 9  ? -7.44961  0.89645   -10.62671 1.000 29.81000  ? 9   LYS A C   1 
ATOM   49   O O   . LYS A 1 9  ? -6.85719  1.75482   -9.96004  1.000 26.99000  ? 9   LYS A O   1 
ATOM   50   C CB  . LYS A 1 9  ? -7.09833  0.83307   -13.06979 1.000 34.41000  ? 9   LYS A CB  1 
ATOM   51   C CG  . LYS A 1 9  ? -6.49061  0.23789   -14.32909 1.000 41.43000  ? 9   LYS A CG  1 
ATOM   52   C CD  . LYS A 1 9  ? -7.06551  0.94656   -15.57229 1.000 50.02000  ? 9   LYS A CD  1 
ATOM   53   C CE  . LYS A 1 9  ? -6.67349  0.22298   -16.83645 1.000 63.23000  ? 9   LYS A CE  1 
ATOM   54   N NZ  . LYS A 1 9  ? -5.52603  -0.70602  -16.56965 1.000 86.06000  ? 9   LYS A NZ  1 
ATOM   55   N N   . ALA A 1 10 ? -8.73523  0.57120   -10.40611 1.000 27.56000  ? 10  ALA A N   1 
ATOM   56   C CA  . ALA A 1 10 ? -9.46560  1.24557   -9.30810  1.000 25.54000  ? 10  ALA A CA  1 
ATOM   57   C C   . ALA A 1 10 ? -8.92054  0.87471   -7.93289  1.000 27.74000  ? 10  ALA A C   1 
ATOM   58   O O   . ALA A 1 10 ? -8.92305  1.68934   -6.98255  1.000 23.35000  ? 10  ALA A O   1 
ATOM   59   C CB  . ALA A 1 10 ? -10.93208 0.91596   -9.43583  1.000 25.58000  ? 10  ALA A CB  1 
ATOM   60   N N   . ILE A 1 11 ? -8.45698  -0.36006  -7.78800  1.000 25.04000  ? 11  ILE A N   1 
ATOM   61   C CA  . ILE A 1 11 ? -7.77115  -0.75682  -6.55246  1.000 23.41000  ? 11  ILE A CA  1 
ATOM   62   C C   . ILE A 1 11 ? -6.50895  0.06472   -6.34301  1.000 25.35000  ? 11  ILE A C   1 
ATOM   63   O O   . ILE A 1 11 ? -6.24355  0.56982   -5.23805  1.000 26.86000  ? 11  ILE A O   1 
ATOM   64   C CB  . ILE A 1 11 ? -7.44255  -2.25432  -6.58013  1.000 23.55000  ? 11  ILE A CB  1 
ATOM   65   C CG1 . ILE A 1 11 ? -8.74870  -2.99742  -6.30377  1.000 26.84000  ? 11  ILE A CG1 1 
ATOM   66   C CG2 . ILE A 1 11 ? -6.38028  -2.59772  -5.55993  1.000 26.46000  ? 11  ILE A CG2 1 
ATOM   67   C CD1 . ILE A 1 11 ? -8.75491  -4.44648  -6.86195  1.000 33.78000  ? 11  ILE A CD1 1 
ATOM   68   N N   . GLU A 1 12 ? -5.70722  0.22412   -7.39378  1.000 26.03000  ? 12  GLU A N   1 
ATOM   69   C CA  . GLU A 1 12 ? -4.45840  0.98391   -7.23540  1.000 25.73000  ? 12  GLU A CA  1 
ATOM   70   C C   . GLU A 1 12 ? -4.71536  2.45724   -6.87448  1.000 24.72000  ? 12  GLU A C   1 
ATOM   71   O O   . GLU A 1 12 ? -4.00825  3.07993   -6.02209  1.000 24.17000  ? 12  GLU A O   1 
ATOM   72   C CB  . GLU A 1 12 ? -3.63354  0.90675   -8.52386  1.000 29.16000  ? 12  GLU A CB  1 
ATOM   73   C CG  . GLU A 1 12 ? -2.65897  -0.27123  -8.65162  1.000 37.00000  ? 12  GLU A CG  1 
ATOM   74   C CD  . GLU A 1 12 ? -2.54777  -0.75474  -10.09898 1.000 44.36000  ? 12  GLU A CD  1 
ATOM   75   O OE1 . GLU A 1 12 ? -2.73771  0.06217   -11.03622 1.000 51.25000  ? 12  GLU A OE1 1 
ATOM   76   O OE2 . GLU A 1 12 ? -2.24086  -1.94955  -10.28523 1.000 63.80000  ? 12  GLU A OE2 1 
ATOM   77   N N   . ILE A 1 13 ? -5.72845  3.03976   -7.49530  1.000 23.47000  ? 13  ILE A N   1 
ATOM   78   C CA  . ILE A 1 13 ? -6.14747  4.41532   -7.17777  1.000 22.57000  ? 13  ILE A CA  1 
ATOM   79   C C   . ILE A 1 13 ? -6.59504  4.53490   -5.73116  1.000 20.57000  ? 13  ILE A C   1 
ATOM   80   O O   . ILE A 1 13 ? -6.17255  5.44432   -4.99073  1.000 24.96000  ? 13  ILE A O   1 
ATOM   81   C CB  . ILE A 1 13 ? -7.29221  4.81777   -8.11838  1.000 21.68000  ? 13  ILE A CB  1 
ATOM   82   C CG1 . ILE A 1 13 ? -6.76160  5.20054   -9.47662  1.000 23.41000  ? 13  ILE A CG1 1 
ATOM   83   C CG2 . ILE A 1 13 ? -8.11318  5.99416   -7.72185  1.000 22.83000  ? 13  ILE A CG2 1 
ATOM   84   C CD1 . ILE A 1 13 ? -7.82205  5.06743   -10.57376 1.000 26.59000  ? 13  ILE A CD1 1 
ATOM   85   N N   . THR A 1 14 ? -7.44881  3.61099   -5.28282  1.000 21.38000  ? 14  THR A N   1 
ATOM   86   C CA  . THR A 1 14 ? -7.94970  3.67269   -3.89892  1.000 22.12000  ? 14  THR A CA  1 
ATOM   87   C C   . THR A 1 14 ? -6.79748  3.49000   -2.89579  1.000 23.84000  ? 14  THR A C   1 
ATOM   88   O O   . THR A 1 14 ? -6.73794  4.15339   -1.83752  1.000 21.64000  ? 14  THR A O   1 
ATOM   89   C CB  . THR A 1 14 ? -9.05842  2.61288   -3.76470  1.000 23.35000  ? 14  THR A CB  1 
ATOM   90   O OG1 . THR A 1 14 ? -10.11087 2.87624   -4.75237  1.000 23.38000  ? 14  THR A OG1 1 
ATOM   91   C CG2 . THR A 1 14 ? -9.73453  2.65242   -2.40083  1.000 20.87000  ? 14  THR A CG2 1 
ATOM   92   N N   . LYS A 1 15 ? -5.83809  2.60003   -3.18499  1.000 23.09000  ? 15  LYS A N   1 
ATOM   93   C CA  . LYS A 1 15 ? -4.70691  2.47720   -2.25113  1.000 27.30000  ? 15  LYS A CA  1 
ATOM   94   C C   . LYS A 1 15 ? -3.86500  3.74578   -2.25442  1.000 25.34000  ? 15  LYS A C   1 
ATOM   95   O O   . LYS A 1 15 ? -3.32688  4.15253   -1.22262  1.000 26.07000  ? 15  LYS A O   1 
ATOM   96   C CB  . LYS A 1 15 ? -3.80982  1.26860   -2.58925  1.000 25.69000  ? 15  LYS A CB  1 
ATOM   97   C CG  . LYS A 1 15 ? -4.56707  -0.04494  -2.55814  1.000 24.15000  ? 15  LYS A CG  1 
ATOM   98   C CD  . LYS A 1 15 ? -3.59026  -1.17954  -2.65192  1.000 29.79000  ? 15  LYS A CD  1 
ATOM   99   C CE  . LYS A 1 15 ? -4.16356  -2.49483  -2.20309  1.000 32.30000  ? 15  LYS A CE  1 
ATOM   100  N NZ  . LYS A 1 15 ? -3.07229  -3.54466  -2.37204  1.000 38.21000  ? 15  LYS A NZ  1 
ATOM   101  N N   . ARG A 1 16 ? -3.69493  4.36239   -3.42179  1.000 25.59000  ? 16  ARG A N   1 
ATOM   102  C CA  . ARG A 1 16 ? -2.99103  5.64859   -3.47406  1.000 24.61000  ? 16  ARG A CA  1 
ATOM   103  C C   . ARG A 1 16 ? -3.66181  6.70222   -2.60869  1.000 26.08000  ? 16  ARG A C   1 
ATOM   104  O O   . ARG A 1 16 ? -2.98812  7.43099   -1.86550  1.000 24.19000  ? 16  ARG A O   1 
ATOM   105  C CB  . ARG A 1 16 ? -2.92463  6.09683   -4.92873  1.000 26.70000  ? 16  ARG A CB  1 
ATOM   106  C CG  . ARG A 1 16 ? -2.13065  7.33124   -5.16149  1.000 32.48000  ? 16  ARG A CG  1 
ATOM   107  C CD  . ARG A 1 16 ? -1.99888  7.50901   -6.63387  1.000 35.49000  ? 16  ARG A CD  1 
ATOM   108  N NE  . ARG A 1 16 ? -1.46316  8.81724   -6.99129  1.000 37.05000  ? 16  ARG A NE  1 
ATOM   109  C CZ  . ARG A 1 16 ? -1.52369  9.29103   -8.22251  1.000 36.23000  ? 16  ARG A CZ  1 
ATOM   110  N NH1 . ARG A 1 16 ? -2.13129  8.61163   -9.16328  1.000 31.43000  ? 16  ARG A NH1 1 
ATOM   111  N NH2 . ARG A 1 16 ? -0.97775  10.47843  -8.49374  1.000 43.26000  ? 16  ARG A NH2 1 
ATOM   112  N N   . LEU A 1 17 ? -4.99287  6.78310   -2.68125  1.000 23.67000  ? 17  LEU A N   1 
ATOM   113  C CA  . LEU A 1 17 ? -5.72830  7.73766   -1.86673  1.000 23.91000  ? 17  LEU A CA  1 
ATOM   114  C C   . LEU A 1 17 ? -5.59193  7.42593   -0.38064  1.000 24.03000  ? 17  LEU A C   1 
ATOM   115  O O   . LEU A 1 17 ? -5.44013  8.34352   0.44714   1.000 26.06000  ? 17  LEU A O   1 
ATOM   116  C CB  . LEU A 1 17 ? -7.17430  7.71010   -2.31501  1.000 24.63000  ? 17  LEU A CB  1 
ATOM   117  C CG  . LEU A 1 17 ? -7.40611  8.26499   -3.74631  1.000 21.90000  ? 17  LEU A CG  1 
ATOM   118  C CD1 . LEU A 1 17 ? -8.74905  7.82653   -4.25818  1.000 24.65000  ? 17  LEU A CD1 1 
ATOM   119  C CD2 . LEU A 1 17 ? -7.12363  9.79518   -3.71186  1.000 26.34000  ? 17  LEU A CD2 1 
ATOM   120  N N   . LEU A 1 18 ? -5.62872  6.14284   -0.01841  1.000 25.18000  ? 18  LEU A N   1 
ATOM   121  C CA  . LEU A 1 18 ? -5.42980  5.80074   1.39243   1.000 22.66000  ? 18  LEU A CA  1 
ATOM   122  C C   . LEU A 1 18 ? -4.02684  6.25066   1.86651   1.000 28.66000  ? 18  LEU A C   1 
ATOM   123  O O   . LEU A 1 18 ? -3.88027  6.85050   2.94635   1.000 26.50000  ? 18  LEU A O   1 
ATOM   124  C CB  . LEU A 1 18 ? -5.60855  4.31613   1.59620   1.000 25.60000  ? 18  LEU A CB  1 
ATOM   125  C CG  . LEU A 1 18 ? -6.98116  3.71398   1.70337   1.000 22.05000  ? 18  LEU A CG  1 
ATOM   126  C CD1 . LEU A 1 18 ? -6.86266  2.27515   1.24976   1.000 25.51000  ? 18  LEU A CD1 1 
ATOM   127  C CD2 . LEU A 1 18 ? -7.35767  3.77592   3.14120   1.000 26.66000  ? 18  LEU A CD2 1 
ATOM   128  N N   . GLU A 1 19 ? -2.98561  6.00461   1.05327   1.000 29.56000  ? 19  GLU A N   1 
ATOM   129  C CA  . GLU A 1 19 ? -1.63332  6.43406   1.45249   1.000 27.28000  ? 19  GLU A CA  1 
ATOM   130  C C   . GLU A 1 19 ? -1.55157  7.93610   1.60547   1.000 34.23000  ? 19  GLU A C   1 
ATOM   131  O O   . GLU A 1 19 ? -0.80737  8.44483   2.48311   1.000 31.91000  ? 19  GLU A O   1 
ATOM   132  C CB  . GLU A 1 19 ? -0.58372  5.91972   0.47223   1.000 30.52000  ? 19  GLU A CB  1 
ATOM   133  C CG  . GLU A 1 19 ? -0.67146  4.38109   0.25727   1.000 33.65000  ? 19  GLU A CG  1 
ATOM   134  C CD  . GLU A 1 19 ? -0.12659  3.55638   1.45159   1.000 44.49000  ? 19  GLU A CD  1 
ATOM   135  O OE1 . GLU A 1 19 ? 0.23889   4.16015   2.49418   1.000 39.55000  ? 19  GLU A OE1 1 
ATOM   136  O OE2 . GLU A 1 19 ? -0.14100  2.30615   1.39011   1.000 39.78000  ? 19  GLU A OE2 1 
ATOM   137  N N   . LEU A 1 20 ? -2.26029  8.68101   0.72353   1.000 30.92000  ? 20  LEU A N   1 
ATOM   138  C CA  . LEU A 1 20 ? -2.26757  10.13672  0.86491   1.000 30.60000  ? 20  LEU A CA  1 
ATOM   139  C C   . LEU A 1 20 ? -2.86182  10.52905  2.20718   1.000 30.79000  ? 20  LEU A C   1 
ATOM   140  O O   . LEU A 1 20 ? -2.28001  11.35404  2.94485   1.000 30.01000  ? 20  LEU A O   1 
ATOM   141  C CB  . LEU A 1 20 ? -3.04201  10.81162  -0.26009  1.000 28.33000  ? 20  LEU A CB  1 
ATOM   142  C CG  . LEU A 1 20 ? -2.41094  10.82075  -1.65327  1.000 33.72000  ? 20  LEU A CG  1 
ATOM   143  C CD1 . LEU A 1 20 ? -3.37094  11.32561  -2.70824  1.000 30.17000  ? 20  LEU A CD1 1 
ATOM   144  C CD2 . LEU A 1 20 ? -1.11212  11.68311  -1.65209  1.000 36.38000  ? 20  LEU A CD2 1 
ATOM   145  N N   . LEU A 1 21 ? -4.05022  10.00098  2.52381   1.000 23.80000  ? 21  LEU A N   1 
ATOM   146  C CA  . LEU A 1 21 ? -4.70781  10.44238  3.76075   1.000 26.08000  ? 21  LEU A CA  1 
ATOM   147  C C   . LEU A 1 21 ? -3.99124  9.91853   5.01848   1.000 30.11000  ? 21  LEU A C   1 
ATOM   148  O O   . LEU A 1 21 ? -4.18858  10.46872  6.11311   1.000 29.50000  ? 21  LEU A O   1 
ATOM   149  C CB  . LEU A 1 21 ? -6.16005  9.96207   3.82902   1.000 25.05000  ? 21  LEU A CB  1 
ATOM   150  C CG  . LEU A 1 21 ? -7.17095  10.57153  2.88691   1.000 24.85000  ? 21  LEU A CG  1 
ATOM   151  C CD1 . LEU A 1 21 ? -8.56614  9.92950   3.09848   1.000 28.84000  ? 21  LEU A CD1 1 
ATOM   152  C CD2 . LEU A 1 21 ? -7.28335  12.07393  3.13158   1.000 30.81000  ? 21  LEU A CD2 1 
ATOM   153  N N   . LEU A 1 22 ? -3.23888  8.80946   4.92296   1.000 25.60000  ? 22  LEU A N   1 
ATOM   154  C CA  . LEU A 1 22 ? -2.55781  8.29487   6.11021   1.000 32.27000  ? 22  LEU A CA  1 
ATOM   155  C C   . LEU A 1 22 ? -1.13822  8.82050   6.26165   1.000 40.23000  ? 22  LEU A C   1 
ATOM   156  O O   . LEU A 1 22 ? -0.47019  8.51554   7.26192   1.000 39.77000  ? 22  LEU A O   1 
ATOM   157  C CB  . LEU A 1 22 ? -2.46291  6.76978   6.07434   1.000 32.29000  ? 22  LEU A CB  1 
ATOM   158  C CG  . LEU A 1 22 ? -3.76078  6.05171   6.22014   1.000 24.35000  ? 22  LEU A CG  1 
ATOM   159  C CD1 . LEU A 1 22 ? -3.78721  4.65392   5.76808   1.000 27.70000  ? 22  LEU A CD1 1 
ATOM   160  C CD2 . LEU A 1 22 ? -4.19958  6.03962   7.73000   1.000 30.75000  ? 22  LEU A CD2 1 
ATOM   161  N N   . SER A 1 23 ? -0.62535  9.51945   5.25863   1.000 38.85000  ? 23  SER A N   1 
ATOM   162  C CA  . SER A 1 23 ? 0.78057   9.91425   5.27733   1.000 42.40000  ? 23  SER A CA  1 
ATOM   163  C C   . SER A 1 23 ? 1.09060   10.75383  6.50656   1.000 49.65000  ? 23  SER A C   1 
ATOM   164  O O   . SER A 1 23 ? 2.18833   10.67106  7.06917   1.000 47.53000  ? 23  SER A O   1 
ATOM   165  C CB  . SER A 1 23 ? 1.10610   10.71590  4.01996   1.000 49.35000  ? 23  SER A CB  1 
ATOM   166  O OG  . SER A 1 23 ? 0.40336   11.96682  4.06456   1.000 45.69000  ? 23  SER A OG  1 
ATOM   167  N N   . ASN A 1 24 ? 0.13707   11.58940  6.91867   1.000 45.66000  ? 24  ASN A N   1 
ATOM   168  C CA  . ASN A 1 24 ? 0.33291   12.54448  8.00461   1.000 56.85000  ? 24  ASN A CA  1 
ATOM   169  C C   . ASN A 1 24 ? -0.56137  12.13455  9.16394   1.000 50.47000  ? 24  ASN A C   1 
ATOM   170  O O   . ASN A 1 24 ? -1.78745  12.21967  9.03458   1.000 47.96000  ? 24  ASN A O   1 
ATOM   171  C CB  . ASN A 1 24 ? -0.02266  13.95550  7.51454   1.000 54.26000  ? 24  ASN A CB  1 
ATOM   172  C CG  . ASN A 1 24 ? -0.05599  14.98621  8.63229   1.000 55.42000  ? 24  ASN A CG  1 
ATOM   173  O OD1 . ASN A 1 24 ? -0.21590  14.65337  9.79979   1.000 57.73000  ? 24  ASN A OD1 1 
ATOM   174  N ND2 . ASN A 1 24 ? 0.06236   16.26375  8.25917   1.000 60.98000  ? 24  ASN A ND2 1 
ATOM   175  N N   . PRO A 1 25 ? -0.02832  11.70591  10.30471  1.000 48.35000  ? 25  PRO A N   1 
ATOM   176  C CA  . PRO A 1 25 ? -0.93585  11.29306  11.38683  1.000 47.02000  ? 25  PRO A CA  1 
ATOM   177  C C   . PRO A 1 25 ? -1.94661  12.35894  11.74735  1.000 49.61000  ? 25  PRO A C   1 
ATOM   178  O O   . PRO A 1 25 ? -3.08705  12.04347  12.11524  1.000 42.78000  ? 25  PRO A O   1 
ATOM   179  C CB  . PRO A 1 25 ? 0.00062   10.99163  12.55881  1.000 49.08000  ? 25  PRO A CB  1 
ATOM   180  C CG  . PRO A 1 25 ? 1.38373   11.18677  12.06663  1.000 56.28000  ? 25  PRO A CG  1 
ATOM   181  C CD  . PRO A 1 25 ? 1.39271   11.76440  10.70541  1.000 48.27000  ? 25  PRO A CD  1 
ATOM   182  N N   . GLU A 1 26 ? -1.56750  13.63004  11.64065  1.000 50.17000  ? 26  GLU A N   1 
ATOM   183  C CA  . GLU A 1 26 ? -2.48659  14.68388  12.05443  1.000 50.69000  ? 26  GLU A CA  1 
ATOM   184  C C   . GLU A 1 26 ? -3.65058  14.81376  11.07175  1.000 46.52000  ? 26  GLU A C   1 
ATOM   185  O O   . GLU A 1 26 ? -4.80211  15.00277  11.48679  1.000 43.49000  ? 26  GLU A O   1 
ATOM   186  C CB  . GLU A 1 26 ? -1.73248  16.00414  12.20302  1.000 52.22000  ? 26  GLU A CB  1 
ATOM   187  C CG  . GLU A 1 26 ? -1.28877  16.24097  13.65170  1.000 55.70000  ? 26  GLU A CG  1 
ATOM   188  C CD  . GLU A 1 26 ? -0.63383  15.00484  14.28562  1.000 61.26000  ? 26  GLU A CD  1 
ATOM   189  O OE1 . GLU A 1 26 ? 0.47271   14.62847  13.84558  1.000 57.96000  ? 26  GLU A OE1 1 
ATOM   190  O OE2 . GLU A 1 26 ? -1.22281  14.43030  15.24246  1.000 62.06000  ? 26  GLU A OE2 1 
ATOM   191  N N   . LEU A 1 27 ? -3.38067  14.67351  9.76875   1.000 46.05000  ? 27  LEU A N   1 
ATOM   192  C CA  . LEU A 1 27 ? -4.47060  14.72856  8.79408   1.000 43.71000  ? 27  LEU A CA  1 
ATOM   193  C C   . LEU A 1 27 ? -5.34235  13.48234  8.87601   1.000 38.52000  ? 27  LEU A C   1 
ATOM   194  O O   . LEU A 1 27 ? -6.55098  13.57383  8.64470   1.000 33.77000  ? 27  LEU A O   1 
ATOM   195  C CB  . LEU A 1 27 ? -3.91982  14.88410  7.37638   1.000 51.58000  ? 27  LEU A CB  1 
ATOM   196  C CG  . LEU A 1 27 ? -3.45145  16.25023  6.89888   1.000 56.12000  ? 27  LEU A CG  1 
ATOM   197  C CD1 . LEU A 1 27 ? -3.30411  16.32543  5.36759   1.000 49.22000  ? 27  LEU A CD1 1 
ATOM   198  C CD2 . LEU A 1 27 ? -4.35769  17.40403  7.34096   1.000 63.54000  ? 27  LEU A CD2 1 
ATOM   199  N N   . ALA A 1 28 ? -4.73551  12.31983  9.18520   1.000 35.93000  ? 28  ALA A N   1 
ATOM   200  C CA  . ALA A 1 28 ? -5.47490  11.07278  9.34264   1.000 38.89000  ? 28  ALA A CA  1 
ATOM   201  C C   . ALA A 1 28 ? -6.43945  11.13471  10.52055  1.000 39.37000  ? 28  ALA A C   1 
ATOM   202  O O   . ALA A 1 28 ? -7.56517  10.64914  10.42674  1.000 36.56000  ? 28  ALA A O   1 
ATOM   203  C CB  . ALA A 1 28 ? -4.50474  9.91025   9.52478   1.000 34.75000  ? 28  ALA A CB  1 
ATOM   204  N N   . LYS A 1 29 ? -6.02360  11.71221  11.64745  1.000 37.57000  ? 29  LYS A N   1 
ATOM   205  C CA  . LYS A 1 29 ? -6.98740  11.84065  12.74534  1.000 39.54000  ? 29  LYS A CA  1 
ATOM   206  C C   . LYS A 1 29 ? -8.15329  12.76549  12.39372  1.000 36.79000  ? 29  LYS A C   1 
ATOM   207  O O   . LYS A 1 29 ? -9.24580  12.62702  12.96319  1.000 39.59000  ? 29  LYS A O   1 
ATOM   208  C CB  . LYS A 1 29 ? -6.29764  12.33959  14.02450  1.000 44.35000  ? 29  LYS A CB  1 
ATOM   209  C CG  . LYS A 1 29 ? -5.15288  11.44101  14.50924  1.000 58.70000  ? 29  LYS A CG  1 
ATOM   210  C CD  . LYS A 1 29 ? -4.90731  11.54321  16.02200  1.000 77.51000  ? 29  LYS A CD  1 
ATOM   211  C CE  . LYS A 1 29 ? -5.70079  10.51990  16.83526  1.000 74.63000  ? 29  LYS A CE  1 
ATOM   212  N NZ  . LYS A 1 29 ? -7.17413  10.59320  16.62584  1.000 61.18000  ? 29  LYS A NZ  1 
ATOM   213  N N   . LYS A 1 30 ? -7.97148  13.68437  11.43460  1.000 36.31000  ? 30  LYS A N   1 
ATOM   214  C CA  . LYS A 1 30 ? -9.05494  14.57975  11.01656  1.000 35.33000  ? 30  LYS A CA  1 
ATOM   215  C C   . LYS A 1 30 ? -9.95661  13.98288  9.94184   1.000 36.09000  ? 30  LYS A C   1 
ATOM   216  O O   . LYS A 1 30 ? -10.94726 14.61356  9.57030   1.000 31.33000  ? 30  LYS A O   1 
ATOM   217  C CB  . LYS A 1 30 ? -8.49304  15.87569  10.42929  1.000 38.16000  ? 30  LYS A CB  1 
ATOM   218  C CG  . LYS A 1 30 ? -8.00013  16.93408  11.36843  1.000 47.46000  ? 30  LYS A CG  1 
ATOM   219  C CD  . LYS A 1 30 ? -7.02048  17.83763  10.57325  1.000 59.96000  ? 30  LYS A CD  1 
ATOM   220  C CE  . LYS A 1 30 ? -7.66023  18.41978  9.29165   1.000 80.08000  ? 30  LYS A CE  1 
ATOM   221  N NZ  . LYS A 1 30 ? -7.57750  17.56684  8.03749   1.000 56.28000  ? 30  LYS A NZ  1 
ATOM   222  N N   . ASN A 1 31 ? -9.63510  12.80094  9.42708   1.000 33.42000  ? 31  ASN A N   1 
ATOM   223  C CA  . ASN A 1 31 ? -10.32587 12.23121  8.27630   1.000 32.07000  ? 31  ASN A CA  1 
ATOM   224  C C   . ASN A 1 31 ? -10.54033 10.74053  8.48127   1.000 31.87000  ? 31  ASN A C   1 
ATOM   225  O O   . ASN A 1 31 ? -10.45593 9.93944   7.53714   1.000 27.76000  ? 31  ASN A O   1 
ATOM   226  C CB  . ASN A 1 31 ? -9.53460  12.51592  6.99631   1.000 28.83000  ? 31  ASN A CB  1 
ATOM   227  C CG  . ASN A 1 31 ? -9.62569  13.96389  6.54857   1.000 35.21000  ? 31  ASN A CG  1 
ATOM   228  O OD1 . ASN A 1 31 ? -10.61049 14.37706  5.91791   1.000 36.61000  ? 31  ASN A OD1 1 
ATOM   229  N ND2 . ASN A 1 31 ? -8.63318  14.75512  6.90865   1.000 33.79000  ? 31  ASN A ND2 1 
ATOM   230  N N   . LEU A 1 32 ? -10.82578 10.34141  9.73032   1.000 30.36000  ? 32  LEU A N   1 
ATOM   231  C CA  . LEU A 1 32 ? -10.99126 8.92338   10.03407  1.000 28.06000  ? 32  LEU A CA  1 
ATOM   232  C C   . LEU A 1 32 ? -12.13409 8.28832   9.25588   1.000 26.65000  ? 32  LEU A C   1 
ATOM   233  O O   . LEU A 1 32 ? -12.03931 7.12111   8.84080   1.000 28.53000  ? 32  LEU A O   1 
ATOM   234  C CB  . LEU A 1 32 ? -11.22047 8.72207   11.52492  1.000 29.78000  ? 32  LEU A CB  1 
ATOM   235  C CG  . LEU A 1 32 ? -10.01221 9.05913   12.36609  1.000 32.53000  ? 32  LEU A CG  1 
ATOM   236  C CD1 . LEU A 1 32 ? -10.38992 9.03736   13.84768  1.000 42.21000  ? 32  LEU A CD1 1 
ATOM   237  C CD2 . LEU A 1 32 ? -8.84719  8.17696   12.10986  1.000 33.43000  ? 32  LEU A CD2 1 
ATOM   238  N N   . GLY A 1 33 ? -13.24054 9.00628   9.12095   1.000 27.64000  ? 33  GLY A N   1 
ATOM   239  C CA  . GLY A 1 33 ? -14.38765 8.43033   8.43271   1.000 29.42000  ? 33  GLY A CA  1 
ATOM   240  C C   . GLY A 1 33 ? -14.07969 8.25325   6.96203   1.000 27.24000  ? 33  GLY A C   1 
ATOM   241  O O   . GLY A 1 33 ? -14.52755 7.27768   6.31016   1.000 25.14000  ? 33  GLY A O   1 
ATOM   242  N N   . GLY A 1 34 ? -13.30543 9.17613   6.40099   1.000 26.63000  ? 34  GLY A N   1 
ATOM   243  C CA  . GLY A 1 34 ? -12.90371 8.99727   4.98986   1.000 36.05000  ? 34  GLY A CA  1 
ATOM   244  C C   . GLY A 1 34 ? -11.95283 7.82413   4.75509   1.000 26.28000  ? 34  GLY A C   1 
ATOM   245  O O   . GLY A 1 34 ? -12.05633 7.09436   3.74581   1.000 26.21000  ? 34  GLY A O   1 
ATOM   246  N N   . ILE A 1 35 ? -10.95052 7.65962   5.63226   1.000 21.64000  ? 35  ILE A N   1 
ATOM   247  C CA  . ILE A 1 35 ? -10.08927 6.47244   5.58079   1.000 21.94000  ? 35  ILE A CA  1 
ATOM   248  C C   . ILE A 1 35 ? -10.93631 5.20475   5.71213   1.000 22.61000  ? 35  ILE A C   1 
ATOM   249  O O   . ILE A 1 35 ? -10.71898 4.19985   4.99027   1.000 24.50000  ? 35  ILE A O   1 
ATOM   250  C CB  . ILE A 1 35 ? -9.02967  6.55373   6.69328   1.000 27.29000  ? 35  ILE A CB  1 
ATOM   251  C CG1 . ILE A 1 35 ? -8.03656  7.70432   6.37285   1.000 26.80000  ? 35  ILE A CG1 1 
ATOM   252  C CG2 . ILE A 1 35 ? -8.32564  5.24062   6.94027   1.000 25.24000  ? 35  ILE A CG2 1 
ATOM   253  C CD1 . ILE A 1 35 ? -7.17956  8.12963   7.60936   1.000 30.24000  ? 35  ILE A CD1 1 
ATOM   254  N N   . ALA A 1 36 ? -11.91532 5.21827   6.62419   1.000 21.07000  ? 36  ALA A N   1 
ATOM   255  C CA  . ALA A 1 36 ? -12.70746 3.97663   6.78689   1.000 20.15000  ? 36  ALA A CA  1 
ATOM   256  C C   . ALA A 1 36 ? -13.48379 3.70319   5.52183   1.000 21.83000  ? 36  ALA A C   1 
ATOM   257  O O   . ALA A 1 36 ? -13.65086 2.53935   5.12033   1.000 21.19000  ? 36  ALA A O   1 
ATOM   258  C CB  . ALA A 1 36 ? -13.65546 4.03397   7.97639   1.000 24.80000  ? 36  ALA A CB  1 
ATOM   259  N N   . THR A 1 37 ? -14.09103 4.73910   4.93536   1.000 21.23000  ? 37  THR A N   1 
ATOM   260  C CA  A THR A 1 37 ? -14.90812 4.49347   3.74365   0.480 20.90000  ? 37  THR A CA  1 
ATOM   261  C CA  B THR A 1 37 ? -14.91553 4.48677   3.74924   0.520 21.34000  ? 37  THR A CA  1 
ATOM   262  C C   . THR A 1 37 ? -14.06000 4.01730   2.58548   1.000 23.34000  ? 37  THR A C   1 
ATOM   263  O O   . THR A 1 37 ? -14.48656 3.12330   1.85705   1.000 22.69000  ? 37  THR A O   1 
ATOM   264  C CB  A THR A 1 37 ? -15.73368 5.73932   3.39795   0.480 22.47000  ? 37  THR A CB  1 
ATOM   265  C CB  B THR A 1 37 ? -15.74795 5.73283   3.40579   0.520 22.46000  ? 37  THR A CB  1 
ATOM   266  O OG1 A THR A 1 37 ? -14.88439 6.87970   3.24665   0.480 20.16000  ? 37  THR A OG1 1 
ATOM   267  O OG1 B THR A 1 37 ? -16.59879 6.01759   4.52667   0.520 22.12000  ? 37  THR A OG1 1 
ATOM   268  C CG2 A THR A 1 37 ? -16.70941 5.98108   4.53200   0.480 22.14000  ? 37  THR A CG2 1 
ATOM   269  C CG2 B THR A 1 37 ? -16.64096 5.55245   2.15864   0.520 23.23000  ? 37  THR A CG2 1 
ATOM   270  N N   . LEU A 1 38 ? -12.81604 4.52148   2.46804   1.000 20.44000  ? 38  LEU A N   1 
ATOM   271  C CA  . LEU A 1 38 ? -11.87840 4.01871   1.46876   1.000 20.69000  ? 38  LEU A CA  1 
ATOM   272  C C   . LEU A 1 38 ? -11.51004 2.56696   1.72097   1.000 18.57000  ? 38  LEU A C   1 
ATOM   273  O O   . LEU A 1 38 ? -11.39839 1.79283   0.76134   1.000 22.09000  ? 38  LEU A O   1 
ATOM   274  C CB  . LEU A 1 38 ? -10.58726 4.87926   1.50270   1.000 22.52000  ? 38  LEU A CB  1 
ATOM   275  C CG  . LEU A 1 38 ? -10.65205 6.25493   0.82458   1.000 21.07000  ? 38  LEU A CG  1 
ATOM   276  C CD1 . LEU A 1 38 ? -9.31750  6.97751   1.15522   1.000 27.12000  ? 38  LEU A CD1 1 
ATOM   277  C CD2 . LEU A 1 38 ? -10.83352 6.10917   -0.72118  1.000 23.62000  ? 38  LEU A CD2 1 
ATOM   278  N N   . ILE A 1 39 ? -11.32877 2.15174   3.00048   1.000 17.79000  ? 39  ILE A N   1 
ATOM   279  C CA  . ILE A 1 39 ? -11.03975 0.72944   3.23268   1.000 22.82000  ? 39  ILE A CA  1 
ATOM   280  C C   . ILE A 1 39 ? -12.24803 -0.12662  2.81927   1.000 20.94000  ? 39  ILE A C   1 
ATOM   281  O O   . ILE A 1 39 ? -12.11130 -1.17470  2.11023   1.000 19.50000  ? 39  ILE A O   1 
ATOM   282  C CB  . ILE A 1 39 ? -10.65912 0.48439   4.70851   1.000 22.61000  ? 39  ILE A CB  1 
ATOM   283  C CG1 . ILE A 1 39 ? -9.36201  1.24016   5.05558   1.000 21.28000  ? 39  ILE A CG1 1 
ATOM   284  C CG2 . ILE A 1 39 ? -10.54067 -1.00083  4.92777   1.000 23.13000  ? 39  ILE A CG2 1 
ATOM   285  C CD1 . ILE A 1 39 ? -9.00005  1.21915   6.55667   1.000 27.51000  ? 39  ILE A CD1 1 
ATOM   286  N N   . SER A 1 40 ? -13.47934 0.31345   3.20470   1.000 20.02000  ? 40  SER A N   1 
ATOM   287  C CA  . SER A 1 40 ? -14.66649 -0.42315  2.68598   1.000 22.08000  ? 40  SER A CA  1 
ATOM   288  C C   . SER A 1 40 ? -14.67776 -0.52690  1.14587   1.000 23.02000  ? 40  SER A C   1 
ATOM   289  O O   . SER A 1 40 ? -14.84548 -1.62883  0.56921   1.000 24.08000  ? 40  SER A O   1 
ATOM   290  C CB  . SER A 1 40 ? -15.94811 0.23446   3.20079   1.000 21.01000  ? 40  SER A CB  1 
ATOM   291  O OG  . SER A 1 40 ? -17.15320 -0.43497  2.91524   1.000 21.99000  ? 40  SER A OG  1 
ATOM   292  N N   . LEU A 1 41 ? -14.46212 0.60582   0.45580   1.000 19.31000  ? 41  LEU A N   1 
ATOM   293  C CA  . LEU A 1 41 ? -14.43514 0.58823   -1.01397  1.000 20.13000  ? 41  LEU A CA  1 
ATOM   294  C C   . LEU A 1 41 ? -13.36396 -0.32213  -1.57663  1.000 24.06000  ? 41  LEU A C   1 
ATOM   295  O O   . LEU A 1 41 ? -13.58591 -0.99613  -2.58422  1.000 24.28000  ? 41  LEU A O   1 
ATOM   296  C CB  . LEU A 1 41 ? -14.23082 1.98422   -1.59077  1.000 21.01000  ? 41  LEU A CB  1 
ATOM   297  C CG  . LEU A 1 41 ? -15.50819 2.80483   -1.62762  1.000 20.39000  ? 41  LEU A CG  1 
ATOM   298  C CD1 . LEU A 1 41 ? -15.16259 4.27727   -1.74319  1.000 23.68000  ? 41  LEU A CD1 1 
ATOM   299  C CD2 . LEU A 1 41 ? -16.40246 2.47353   -2.80474  1.000 23.01000  ? 41  LEU A CD2 1 
ATOM   300  N N   . LEU A 1 42 ? -12.16671 -0.29548  -1.01078  1.000 22.81000  ? 42  LEU A N   1 
ATOM   301  C CA  . LEU A 1 42 ? -11.10788 -1.22191  -1.42053  1.000 22.27000  ? 42  LEU A CA  1 
ATOM   302  C C   . LEU A 1 42 ? -11.58412 -2.66070  -1.33126  1.000 26.25000  ? 42  LEU A C   1 
ATOM   303  O O   . LEU A 1 42 ? -11.39143 -3.46477  -2.26474  1.000 25.24000  ? 42  LEU A O   1 
ATOM   304  C CB  . LEU A 1 42 ? -9.89049  -0.98359  -0.50375  1.000 27.80000  ? 42  LEU A CB  1 
ATOM   305  C CG  . LEU A 1 42 ? -8.66102  -1.84661  -0.65916  1.000 28.27000  ? 42  LEU A CG  1 
ATOM   306  C CD1 . LEU A 1 42 ? -8.31523  -1.68097  -2.10238  1.000 29.42000  ? 42  LEU A CD1 1 
ATOM   307  C CD2 . LEU A 1 42 ? -7.56512  -1.31129  0.21607   1.000 25.38000  ? 42  LEU A CD2 1 
ATOM   308  N N   . ALA A 1 43 ? -12.27010 -2.99431  -0.25140  1.000 23.47000  ? 43  ALA A N   1 
ATOM   309  C CA  . ALA A 1 43 ? -12.81532 -4.34399  -0.13380  1.000 25.63000  ? 43  ALA A CA  1 
ATOM   310  C C   . ALA A 1 43 ? -13.90809 -4.62598  -1.16589  1.000 24.72000  ? 43  ALA A C   1 
ATOM   311  O O   . ALA A 1 43 ? -13.93749 -5.71278  -1.77719  1.000 27.47000  ? 43  ALA A O   1 
ATOM   312  C CB  . ALA A 1 43 ? -13.37656 -4.56916  1.27789   1.000 23.87000  ? 43  ALA A CB  1 
ATOM   313  N N   . LEU A 1 44 ? -14.84371 -3.70165  -1.35222  1.000 23.81000  ? 44  LEU A N   1 
ATOM   314  C CA  . LEU A 1 44 ? -15.90248 -3.87007  -2.37284  1.000 22.26000  ? 44  LEU A CA  1 
ATOM   315  C C   . LEU A 1 44 ? -15.31134 -4.08107  -3.76828  1.000 26.34000  ? 44  LEU A C   1 
ATOM   316  O O   . LEU A 1 44 ? -15.66751 -5.03029  -4.50331  1.000 27.32000  ? 44  LEU A O   1 
ATOM   317  C CB  . LEU A 1 44 ? -16.81022 -2.63776  -2.40978  1.000 25.19000  ? 44  LEU A CB  1 
ATOM   318  C CG  . LEU A 1 44 ? -17.86088 -2.53743  -3.49012  1.000 27.38000  ? 44  LEU A CG  1 
ATOM   319  C CD1 . LEU A 1 44 ? -18.69864 -3.79222  -3.59698  1.000 29.84000  ? 44  LEU A CD1 1 
ATOM   320  C CD2 . LEU A 1 44 ? -18.75549 -1.31644  -3.26619  1.000 28.24000  ? 44  LEU A CD2 1 
ATOM   321  N N   . ILE A 1 45 ? -14.40435 -3.19510  -4.15894  1.000 24.64000  ? 45  ILE A N   1 
ATOM   322  C CA  . ILE A 1 45 ? -13.83586 -3.27545  -5.49201  1.000 27.94000  ? 45  ILE A CA  1 
ATOM   323  C C   . ILE A 1 45 ? -13.07517 -4.58433  -5.65348  1.000 26.28000  ? 45  ILE A C   1 
ATOM   324  O O   . ILE A 1 45 ? -13.03781 -5.17215  -6.74534  1.000 30.45000  ? 45  ILE A O   1 
ATOM   325  C CB  . ILE A 1 45 ? -12.92631 -2.06865  -5.75720  1.000 27.66000  ? 45  ILE A CB  1 
ATOM   326  C CG1 . ILE A 1 45 ? -13.65366 -0.74702  -5.55861  1.000 23.08000  ? 45  ILE A CG1 1 
ATOM   327  C CG2 . ILE A 1 45 ? -12.32356 -2.13916  -7.18671  1.000 27.68000  ? 45  ILE A CG2 1 
ATOM   328  C CD1 . ILE A 1 45 ? -12.68372 0.36582   -5.46349  1.000 23.88000  ? 45  ILE A CD1 1 
ATOM   329  N N   . SER A 1 46 ? -12.39389 -5.02194  -4.59665  1.000 25.18000  ? 46  SER A N   1 
ATOM   330  C CA  . SER A 1 46 ? -11.65443 -6.27965  -4.65774  1.000 26.76000  ? 46  SER A CA  1 
ATOM   331  C C   . SER A 1 46 ? -12.59686 -7.45540  -4.86863  1.000 30.49000  ? 46  SER A C   1 
ATOM   332  O O   . SER A 1 46 ? -12.28067 -8.41396  -5.59336  1.000 33.03000  ? 46  SER A O   1 
ATOM   333  C CB  . SER A 1 46 ? -10.86964 -6.47419  -3.36067  1.000 30.78000  ? 46  SER A CB  1 
ATOM   334  O OG  . SER A 1 46 ? -9.77249  -5.58856  -3.26611  1.000 30.96000  ? 46  SER A OG  1 
ATOM   335  N N   . ALA A 1 47 ? -13.72665 -7.42505  -4.18617  1.000 26.44000  ? 47  ALA A N   1 
ATOM   336  C CA  . ALA A 1 47 ? -14.73236 -8.47399  -4.35131  1.000 32.54000  ? 47  ALA A CA  1 
ATOM   337  C C   . ALA A 1 47 ? -15.35507 -8.46045  -5.74323  1.000 35.85000  ? 47  ALA A C   1 
ATOM   338  O O   . ALA A 1 47 ? -15.73047 -9.51943  -6.27138  1.000 34.51000  ? 47  ALA A O   1 
ATOM   339  C CB  . ALA A 1 47 ? -15.82794 -8.31099  -3.29121  1.000 33.38000  ? 47  ALA A CB  1 
ATOM   340  N N   . LEU A 1 48 ? -15.54292 -7.27662  -6.31837  1.000 30.64000  ? 48  LEU A N   1 
ATOM   341  C CA  . LEU A 1 48 ? -15.99071 -7.20199  -7.71238  1.000 33.16000  ? 48  LEU A CA  1 
ATOM   342  C C   . LEU A 1 48 ? -14.93800 -7.77787  -8.66616  1.000 34.29000  ? 48  LEU A C   1 
ATOM   343  O O   . LEU A 1 48 ? -15.28589 -8.37605  -9.69662  1.000 35.90000  ? 48  LEU A O   1 
ATOM   344  C CB  . LEU A 1 48 ? -16.29691 -5.76378  -8.07886  1.000 32.78000  ? 48  LEU A CB  1 
ATOM   345  C CG  . LEU A 1 48 ? -17.63852 -5.23026  -7.58522  1.000 33.03000  ? 48  LEU A CG  1 
ATOM   346  C CD1 . LEU A 1 48 ? -17.64356 -3.70673  -7.60810  1.000 32.12000  ? 48  LEU A CD1 1 
ATOM   347  C CD2 . LEU A 1 48 ? -18.79187 -5.75246  -8.41876  1.000 32.08000  ? 48  LEU A CD2 1 
ATOM   348  N N   . ASP A 1 49 ? -13.66224 -7.58978  -8.36689  1.000 35.89000  ? 49  ASP A N   1 
ATOM   349  C CA  . ASP A 1 49 ? -12.57688 -8.10787  -9.19301  1.000 34.22000  ? 49  ASP A CA  1 
ATOM   350  C C   . ASP A 1 49 ? -12.34330 -9.59628  -8.96534  1.000 41.20000  ? 49  ASP A C   1 
ATOM   351  O O   . ASP A 1 49 ? -11.50962 -10.17180 -9.66175  1.000 41.41000  ? 49  ASP A O   1 
ATOM   352  C CB  . ASP A 1 49 ? -11.29410 -7.33743  -8.88368  1.000 36.09000  ? 49  ASP A CB  1 
ATOM   353  C CG  . ASP A 1 49 ? -10.12728 -7.75231  -9.75813  1.000 41.29000  ? 49  ASP A CG  1 
ATOM   354  O OD1 . ASP A 1 49 ? -10.29946 -7.80925  -10.99801 1.000 41.89000  ? 49  ASP A OD1 1 
ATOM   355  O OD2 . ASP A 1 49 ? -9.04162  -8.00663  -9.20532  1.000 44.13000  ? 49  ASP A OD2 1 
ATOM   356  N N   . GLY A 1 50 ? -13.02849 -10.20368 -7.99081  1.000 36.97000  ? 50  GLY A N   1 
ATOM   357  C CA  . GLY A 1 50 ? -12.90761 -11.60590 -7.67844  1.000 44.96000  ? 50  GLY A CA  1 
ATOM   358  C C   . GLY A 1 50 ? -11.84861 -11.92349 -6.64742  1.000 50.21000  ? 50  GLY A C   1 
ATOM   359  O O   . GLY A 1 50 ? -11.91160 -12.98862 -6.02229  1.000 62.83000  ? 50  GLY A O   1 
ATOM   360  N N   . THR A 1 51 ? -10.87750 -11.02259 -6.46857  1.000 50.07000  ? 51  THR A N   1 
ATOM   361  C CA  . THR A 1 51 ? -9.69339  -11.23792 -5.65577  1.000 57.15000  ? 51  THR A CA  1 
ATOM   362  C C   . THR A 1 51 ? -9.77819  -10.39060 -4.39139  1.000 44.34000  ? 51  THR A C   1 
ATOM   363  O O   . THR A 1 51 ? -9.39408  -9.21753  -4.40941  1.000 62.61000  ? 51  THR A O   1 
ATOM   364  C CB  . THR A 1 51 ? -8.43193  -10.81989 -6.41134  1.000 52.12000  ? 51  THR A CB  1 
ATOM   365  O OG1 . THR A 1 51 ? -8.44669  -9.37893  -6.59031  1.000 52.25000  ? 51  THR A OG1 1 
ATOM   366  C CG2 . THR A 1 51 ? -8.33006  -11.48716 -7.77038  1.000 62.73000  ? 51  THR A CG2 1 
ATOM   367  N N   . LEU A 1 52 ? -10.23904 -10.96781 -3.28563  1.000 44.49000  ? 52  LEU A N   1 
ATOM   368  C CA  . LEU A 1 52 ? -10.10820 -10.26494 -2.01082  1.000 42.19000  ? 52  LEU A CA  1 
ATOM   369  C C   . LEU A 1 52 ? -9.31018  -11.14159 -1.06680  1.000 44.58000  ? 52  LEU A C   1 
ATOM   370  O O   . LEU A 1 52 ? -9.80508  -12.17213 -0.61113  1.000 45.18000  ? 52  LEU A O   1 
ATOM   371  C CB  . LEU A 1 52 ? -11.44314 -9.92660  -1.37215  1.000 36.18000  ? 52  LEU A CB  1 
ATOM   372  C CG  . LEU A 1 52 ? -11.43650 -9.21739  -0.03154  1.000 37.49000  ? 52  LEU A CG  1 
ATOM   373  C CD1 . LEU A 1 52 ? -10.32068 -8.17133  0.05040   1.000 40.05000  ? 52  LEU A CD1 1 
ATOM   374  C CD2 . LEU A 1 52 ? -12.79794 -8.59328  0.16224   1.000 35.77000  ? 52  LEU A CD2 1 
ATOM   375  N N   . ASP A 1 53 ? -8.09860  -10.71166 -0.73655  1.000 41.30000  ? 53  ASP A N   1 
ATOM   376  C CA  . ASP A 1 53 ? -7.29892  -11.34978 0.30208   1.000 44.92000  ? 53  ASP A CA  1 
ATOM   377  C C   . ASP A 1 53 ? -7.32849  -10.45655 1.53491   1.000 44.38000  ? 53  ASP A C   1 
ATOM   378  O O   . ASP A 1 53 ? -6.85168  -9.33162  1.47715   1.000 42.25000  ? 53  ASP A O   1 
ATOM   379  C CB  . ASP A 1 53 ? -5.87051  -11.55582 -0.20651  1.000 51.04000  ? 53  ASP A CB  1 
ATOM   380  C CG  . ASP A 1 53 ? -4.97139  -12.26711 0.78405   1.000 65.07000  ? 53  ASP A CG  1 
ATOM   381  O OD1 . ASP A 1 53 ? -5.43974  -12.58264 1.90575   1.000 63.74000  ? 53  ASP A OD1 1 
ATOM   382  O OD2 . ASP A 1 53 ? -3.79235  -12.52509 0.42141   1.000 63.86000  ? 53  ASP A OD2 1 
ATOM   383  N N   . GLU A 1 54 ? -7.88409  -10.96464 2.64041   1.000 46.84000  ? 54  GLU A N   1 
ATOM   384  C CA  . GLU A 1 54 ? -7.93589  -10.15242 3.85643   1.000 50.34000  ? 54  GLU A CA  1 
ATOM   385  C C   . GLU A 1 54 ? -6.58382  -9.49898  4.15329   1.000 48.03000  ? 54  GLU A C   1 
ATOM   386  O O   . GLU A 1 54 ? -6.52066  -8.38986  4.69924   1.000 43.53000  ? 54  GLU A O   1 
ATOM   387  C CB  . GLU A 1 54 ? -8.35111  -10.99900 5.06363   1.000 57.00000  ? 54  GLU A CB  1 
ATOM   388  C CG  . GLU A 1 54 ? -9.80550  -10.97422 5.49622   1.000 60.39000  ? 54  GLU A CG  1 
ATOM   389  C CD  . GLU A 1 54 ? -10.33702 -12.37179 5.80875   1.000 65.45000  ? 54  GLU A CD  1 
ATOM   390  O OE1 . GLU A 1 54 ? -9.60768  -13.18158 6.42915   1.000 68.54000  ? 54  GLU A OE1 1 
ATOM   391  O OE2 . GLU A 1 54 ? -11.49663 -12.65161 5.47475   1.000 66.32000  ? 54  GLU A OE2 1 
ATOM   392  N N   . LYS A 1 55 ? -5.47721  -10.21247 3.87671   1.000 48.65000  ? 55  LYS A N   1 
ATOM   393  C CA  . LYS A 1 55 ? -4.14276  -9.70461  4.21559   1.000 51.92000  ? 55  LYS A CA  1 
ATOM   394  C C   . LYS A 1 55 ? -3.81669  -8.42007  3.48004   1.000 48.15000  ? 55  LYS A C   1 
ATOM   395  O O   . LYS A 1 55 ? -2.87707  -7.72186  3.88830   1.000 44.46000  ? 55  LYS A O   1 
ATOM   396  C CB  . LYS A 1 55 ? -3.09907  -10.81077 3.93205   1.000 78.94000  ? 55  LYS A CB  1 
ATOM   397  C CG  . LYS A 1 55 ? -1.60078  -10.44713 3.96794   1.000 97.03000  ? 55  LYS A CG  1 
ATOM   398  C CD  . LYS A 1 55 ? -1.14585  -9.80183  2.65094   1.000 89.36000  ? 55  LYS A CD  1 
ATOM   399  C CE  . LYS A 1 55 ? 0.30402   -9.25830  2.75879   1.000 56.69000  ? 55  LYS A CE  1 
ATOM   400  N NZ  . LYS A 1 55 ? 0.21891   -7.86379  3.29998   1.000 54.65000  ? 55  LYS A NZ  1 
ATOM   401  N N   . ASP A 1 56 ? -4.53479  -8.10661  2.38905   1.000 47.62000  ? 56  ASP A N   1 
ATOM   402  C CA  . ASP A 1 56 ? -4.34976  -6.86634  1.64603   1.000 45.58000  ? 56  ASP A CA  1 
ATOM   403  C C   . ASP A 1 56 ? -5.08893  -5.69335  2.27267   1.000 40.67000  ? 56  ASP A C   1 
ATOM   404  O O   . ASP A 1 56 ? -4.86615  -4.53831  1.86040   1.000 41.98000  ? 56  ASP A O   1 
ATOM   405  C CB  . ASP A 1 56 ? -4.85553  -7.03834  0.20094   1.000 48.85000  ? 56  ASP A CB  1 
ATOM   406  C CG  . ASP A 1 56 ? -3.96354  -7.90638  -0.64084  1.000 54.36000  ? 56  ASP A CG  1 
ATOM   407  O OD1 . ASP A 1 56 ? -2.75161  -7.90565  -0.40781  1.000 64.67000  ? 56  ASP A OD1 1 
ATOM   408  O OD2 . ASP A 1 56 ? -4.48572  -8.64601  -1.50580  1.000 50.05000  ? 56  ASP A OD2 1 
ATOM   409  N N   . ILE A 1 57 ? -6.02658  -5.96523  3.17708   1.000 36.43000  ? 57  ILE A N   1 
ATOM   410  C CA  . ILE A 1 57 ? -6.82036  -4.90510  3.80669   1.000 29.81000  ? 57  ILE A CA  1 
ATOM   411  C C   . ILE A 1 57 ? -6.33277  -4.59996  5.21664   1.000 32.50000  ? 57  ILE A C   1 
ATOM   412  O O   . ILE A 1 57 ? -6.34437  -3.43408  5.65115   1.000 29.16000  ? 57  ILE A O   1 
ATOM   413  C CB  . ILE A 1 57 ? -8.31978  -5.27131  3.85012   1.000 36.74000  ? 57  ILE A CB  1 
ATOM   414  C CG1 . ILE A 1 57 ? -8.79161  -5.82732  2.52379   1.000 42.89000  ? 57  ILE A CG1 1 
ATOM   415  C CG2 . ILE A 1 57 ? -9.12233  -4.03558  4.28309   1.000 36.22000  ? 57  ILE A CG2 1 
ATOM   416  C CD1 . ILE A 1 57 ? -8.82299  -4.81430  1.41624   1.000 37.42000  ? 57  ILE A CD1 1 
ATOM   417  N N   . GLU A 1 58 ? -5.94666  -5.65246  5.94391   1.000 31.69000  ? 58  GLU A N   1 
ATOM   418  C CA  . GLU A 1 58 ? -5.65688  -5.52567  7.37409   1.000 28.34000  ? 58  GLU A CA  1 
ATOM   419  C C   . GLU A 1 58 ? -4.63410  -4.45099  7.70409   1.000 30.01000  ? 58  GLU A C   1 
ATOM   420  O O   . GLU A 1 58 ? -4.88817  -3.66929  8.64476   1.000 29.53000  ? 58  GLU A O   1 
ATOM   421  C CB  . GLU A 1 58 ? -5.13678  -6.86403  7.90398   1.000 38.29000  ? 58  GLU A CB  1 
ATOM   422  C CG  . GLU A 1 58 ? -6.16280  -7.91188  8.05054   1.000 53.23000  ? 58  GLU A CG  1 
ATOM   423  C CD  . GLU A 1 58 ? -7.10496  -7.60694  9.18330   1.000 45.30000  ? 58  GLU A CD  1 
ATOM   424  O OE1 . GLU A 1 58 ? -6.70974  -6.97649  10.19584  1.000 48.36000  ? 58  GLU A OE1 1 
ATOM   425  O OE2 . GLU A 1 58 ? -8.28307  -7.99354  9.00760   1.000 61.56000  ? 58  GLU A OE2 1 
ATOM   426  N N   . PRO A 1 59 ? -3.54809  -4.27984  6.94961   1.000 31.10000  ? 59  PRO A N   1 
ATOM   427  C CA  . PRO A 1 59 ? -2.58345  -3.21084  7.31020   1.000 28.75000  ? 59  PRO A CA  1 
ATOM   428  C C   . PRO A 1 59 ? -3.24579  -1.85244  7.45456   1.000 27.53000  ? 59  PRO A C   1 
ATOM   429  O O   . PRO A 1 59 ? -2.96518  -1.12709  8.43254   1.000 32.53000  ? 59  PRO A O   1 
ATOM   430  C CB  . PRO A 1 59 ? -1.58412  -3.23088  6.13753   1.000 26.12000  ? 59  PRO A CB  1 
ATOM   431  C CG  . PRO A 1 59 ? -1.60932  -4.68233  5.64789   1.000 31.39000  ? 59  PRO A CG  1 
ATOM   432  C CD  . PRO A 1 59 ? -3.07681  -5.07043  5.78665   1.000 31.66000  ? 59  PRO A CD  1 
ATOM   433  N N   . TYR A 1 60 ? -4.17214  -1.51559  6.52744   1.000 24.69000  ? 60  TYR A N   1 
ATOM   434  C CA  . TYR A 1 60 ? -4.87718  -0.23690  6.58649   1.000 23.00000  ? 60  TYR A CA  1 
ATOM   435  C C   . TYR A 1 60 ? -5.78757  -0.14645  7.79323   1.000 25.56000  ? 60  TYR A C   1 
ATOM   436  O O   . TYR A 1 60 ? -5.91520  0.92609   8.41861   1.000 27.23000  ? 60  TYR A O   1 
ATOM   437  C CB  . TYR A 1 60 ? -5.70129  -0.01857  5.33731   1.000 24.00000  ? 60  TYR A CB  1 
ATOM   438  C CG  . TYR A 1 60 ? -4.86880  0.07407   4.09325   1.000 24.25000  ? 60  TYR A CG  1 
ATOM   439  C CD1 . TYR A 1 60 ? -4.07793  1.17648   3.86019   1.000 29.75000  ? 60  TYR A CD1 1 
ATOM   440  C CD2 . TYR A 1 60 ? -4.83754  -0.96453  3.20852   1.000 29.24000  ? 60  TYR A CD2 1 
ATOM   441  C CE1 . TYR A 1 60 ? -3.28468  1.27175   2.70961   1.000 31.53000  ? 60  TYR A CE1 1 
ATOM   442  C CE2 . TYR A 1 60 ? -4.07485  -0.89903  2.05299   1.000 29.94000  ? 60  TYR A CE2 1 
ATOM   443  C CZ  . TYR A 1 60 ? -3.30565  0.22796   1.81401   1.000 30.10000  ? 60  TYR A CZ  1 
ATOM   444  O OH  . TYR A 1 60 ? -2.52406  0.26478   0.67314   1.000 35.59000  ? 60  TYR A OH  1 
ATOM   445  N N   . ILE A 1 61 ? -6.43904  -1.27487  8.13698   1.000 24.70000  ? 61  ILE A N   1 
ATOM   446  C CA  . ILE A 1 61 ? -7.30328  -1.27294  9.29661   1.000 26.50000  ? 61  ILE A CA  1 
ATOM   447  C C   . ILE A 1 61 ? -6.46380  -1.02654  10.54913  1.000 29.18000  ? 61  ILE A C   1 
ATOM   448  O O   . ILE A 1 61 ? -6.81063  -0.17299  11.39423  1.000 29.09000  ? 61  ILE A O   1 
ATOM   449  C CB  . ILE A 1 61 ? -8.11905  -2.57693  9.42504   1.000 29.48000  ? 61  ILE A CB  1 
ATOM   450  C CG1 . ILE A 1 61 ? -9.06731  -2.77917  8.24896   1.000 26.59000  ? 61  ILE A CG1 1 
ATOM   451  C CG2 . ILE A 1 61 ? -8.88868  -2.57089  10.71017  1.000 32.11000  ? 61  ILE A CG2 1 
ATOM   452  C CD1 . ILE A 1 61 ? -9.90999  -4.09131  8.27690   1.000 29.09000  ? 61  ILE A CD1 1 
ATOM   453  N N   . LYS A 1 62 ? -5.29148  -1.67982  10.65386  1.000 27.65000  ? 62  LYS A N   1 
ATOM   454  C CA  . LYS A 1 62 ? -4.51715  -1.41771  11.87658  1.000 30.96000  ? 62  LYS A CA  1 
ATOM   455  C C   . LYS A 1 62 ? -4.02535  0.02949   11.88076  1.000 35.07000  ? 62  LYS A C   1 
ATOM   456  O O   . LYS A 1 62 ? -4.03922  0.68977   12.93814  1.000 34.33000  ? 62  LYS A O   1 
ATOM   457  C CB  . LYS A 1 62 ? -3.39140  -2.43382  12.06038  1.000 35.83000  ? 62  LYS A CB  1 
ATOM   458  C CG  . LYS A 1 62 ? -3.94839  -3.84925  12.17736  1.000 36.62000  ? 62  LYS A CG  1 
ATOM   459  C CD  . LYS A 1 62 ? -4.87808  -4.03484  13.41579  1.000 48.38000  ? 62  LYS A CD  1 
ATOM   460  C CE  . LYS A 1 62 ? -5.08605  -5.51767  13.78792  1.000 59.08000  ? 62  LYS A CE  1 
ATOM   461  N NZ  . LYS A 1 62 ? -4.53156  -5.95276  15.11591  1.000 62.47000  ? 62  LYS A NZ  1 
ATOM   462  N N   . LYS A 1 63 ? -3.68493  0.58102   10.70961  1.000 32.84000  ? 63  LYS A N   1 
ATOM   463  C CA  . LYS A 1 63 ? -3.24484  1.97462   10.69377  1.000 32.73000  ? 63  LYS A CA  1 
ATOM   464  C C   . LYS A 1 63 ? -4.38699  2.88699   11.16046  1.000 35.96000  ? 63  LYS A C   1 
ATOM   465  O O   . LYS A 1 63 ? -4.18701  3.80296   11.97416  1.000 37.36000  ? 63  LYS A O   1 
ATOM   466  C CB  . LYS A 1 63 ? -2.76934  2.37483   9.30323   1.000 35.87000  ? 63  LYS A CB  1 
ATOM   467  C CG  . LYS A 1 63 ? -1.28373  2.20634   9.05725   1.000 42.06000  ? 63  LYS A CG  1 
ATOM   468  C CD  . LYS A 1 63 ? -0.46706  3.45355   9.42540   1.000 50.60000  ? 63  LYS A CD  1 
ATOM   469  C CE  . LYS A 1 63 ? 0.98442   3.33796   8.93352   1.000 64.63000  ? 63  LYS A CE  1 
ATOM   470  N NZ  . LYS A 1 63 ? 2.00902   3.33602   10.03324  1.000 67.78000  ? 63  LYS A NZ  1 
ATOM   471  N N   . LEU A 1 64 ? -5.61331  2.60738   10.69841  1.000 32.01000  ? 64  LEU A N   1 
ATOM   472  C CA  . LEU A 1 64 ? -6.77752  3.36397   11.17059  1.000 31.64000  ? 64  LEU A CA  1 
ATOM   473  C C   . LEU A 1 64 ? -6.91938  3.25558   12.68153  1.000 33.89000  ? 64  LEU A C   1 
ATOM   474  O O   . LEU A 1 64 ? -7.11835  4.27364   13.37104  1.000 36.81000  ? 64  LEU A O   1 
ATOM   475  C CB  . LEU A 1 64 ? -8.03682  2.83763   10.48407  1.000 28.44000  ? 64  LEU A CB  1 
ATOM   476  C CG  . LEU A 1 64 ? -9.41581  3.33409   10.93227  1.000 37.41000  ? 64  LEU A CG  1 
ATOM   477  C CD1 . LEU A 1 64 ? -9.45118  4.82657   10.82360  1.000 35.93000  ? 64  LEU A CD1 1 
ATOM   478  C CD2 . LEU A 1 64 ? -10.51386 2.67704   10.06495  1.000 29.35000  ? 64  LEU A CD2 1 
ATOM   479  N N   . GLU A 1 65 ? -6.81605  2.02157   13.21211  1.000 35.86000  ? 65  GLU A N   1 
ATOM   480  C CA  . GLU A 1 65 ? -6.98440  1.84760   14.65467  1.000 36.98000  ? 65  GLU A CA  1 
ATOM   481  C C   . GLU A 1 65 ? -5.93196  2.66054   15.39974  1.000 40.73000  ? 65  GLU A C   1 
ATOM   482  O O   . GLU A 1 65 ? -6.18867  3.15532   16.50708  1.000 43.94000  ? 65  GLU A O   1 
ATOM   483  C CB  . GLU A 1 65 ? -6.86899  0.38473   15.06853  1.000 36.52000  ? 65  GLU A CB  1 
ATOM   484  C CG  . GLU A 1 65 ? -7.95742  -0.55057  14.57549  1.000 42.33000  ? 65  GLU A CG  1 
ATOM   485  C CD  . GLU A 1 65 ? -7.76179  -1.99189  15.06158  1.000 55.40000  ? 65  GLU A CD  1 
ATOM   486  O OE1 . GLU A 1 65 ? -6.71347  -2.27474  15.68186  1.000 68.03000  ? 65  GLU A OE1 1 
ATOM   487  O OE2 . GLU A 1 65 ? -8.66347  -2.84037  14.82630  1.000 58.58000  ? 65  GLU A OE2 1 
ATOM   488  N N   . GLU A 1 66 ? -4.74834  2.81764   14.78861  1.000 41.57000  ? 66  GLU A N   1 
ATOM   489  C CA  . GLU A 1 66 ? -3.67670  3.59121   15.41450  1.000 47.47000  ? 66  GLU A CA  1 
ATOM   490  C C   . GLU A 1 66 ? -4.11395  5.03795   15.59313  1.000 45.78000  ? 66  GLU A C   1 
ATOM   491  O O   . GLU A 1 66 ? -3.91670  5.63593   16.65671  1.000 49.74000  ? 66  GLU A O   1 
ATOM   492  C CB  . GLU A 1 66 ? -2.40832  3.51181   14.56032  1.000 58.29000  ? 66  GLU A CB  1 
ATOM   493  C CG  . GLU A 1 66 ? -1.25682  2.69074   15.11798  1.000 73.80000  ? 66  GLU A CG  1 
ATOM   494  C CD  . GLU A 1 66 ? -0.25479  2.29247   14.02547  1.000 76.43000  ? 66  GLU A CD  1 
ATOM   495  O OE1 . GLU A 1 66 ? 0.34461   3.20848   13.40683  1.000 63.33000  ? 66  GLU A OE1 1 
ATOM   496  O OE2 . GLU A 1 66 ? -0.06890  1.07066   13.79259  1.000 70.28000  ? 66  GLU A OE2 1 
ATOM   497  N N   . SER A 1 67 ? -4.73247  5.61855   14.55532  1.000 44.05000  ? 67  SER A N   1 
ATOM   498  C CA  . SER A 1 67 ? -5.19138  7.00571   14.61673  1.000 45.39000  ? 67  SER A CA  1 
ATOM   499  C C   . SER A 1 67 ? -6.46954  7.15587   15.42248  1.000 49.89000  ? 67  SER A C   1 
ATOM   500  O O   . SER A 1 67 ? -6.86579  8.28826   15.70229  1.000 52.75000  ? 67  SER A O   1 
ATOM   501  C CB  . SER A 1 67 ? -5.33711  7.56514   13.20339  1.000 47.69000  ? 67  SER A CB  1 
ATOM   502  O OG  . SER A 1 67 ? -5.73486  6.53234   12.31408  1.000 57.95000  ? 67  SER A OG  1 
ATOM   503  N N   . LEU A 1 68 ? -7.10092  6.04572   15.79724  1.000 44.28000  ? 68  LEU A N   1 
ATOM   504  C CA  . LEU A 1 68 ? -8.20230  5.92849   16.76634  1.000 52.32000  ? 68  LEU A CA  1 
ATOM   505  C C   . LEU A 1 68 ? -9.55011  5.97033   16.06450  1.000 59.20000  ? 68  LEU A C   1 
ATOM   506  O O   . LEU A 1 68 ? -10.05007 4.94569   15.62340  1.000 51.64000  ? 68  LEU A O   1 
ATOM   507  C CB  . LEU A 1 68 ? -8.15414  6.97305   17.86684  1.000 56.30000  ? 68  LEU A CB  1 
ATOM   508  C CG  . LEU A 1 68 ? -7.32447  6.61638   19.10887  1.000 60.48000  ? 68  LEU A CG  1 
ATOM   509  C CD1 . LEU A 1 68 ? -8.08795  5.58559   19.96780  1.000 68.75000  ? 68  LEU A CD1 1 
ATOM   510  C CD2 . LEU A 1 68 ? -5.95543  6.09989   18.76446  1.000 62.42000  ? 68  LEU A CD2 1 
ATOM   511  N N   . MET B 1 4  ? 3.90208   18.18589  2.88341   1.000 74.12000  ? 4   MET B N   1 
ATOM   512  C CA  . MET B 1 4  ? 4.44594   17.02607  2.19113   1.000 63.95000  ? 4   MET B CA  1 
ATOM   513  C C   . MET B 1 4  ? 5.94138   17.11836  2.08513   1.000 52.12000  ? 4   MET B C   1 
ATOM   514  O O   . MET B 1 4  ? 6.45091   17.71317  1.19119   1.000 57.32000  ? 4   MET B O   1 
ATOM   515  C CB  . MET B 1 4  ? 3.84532   16.91676  0.79981   1.000 71.65000  ? 4   MET B CB  1 
ATOM   516  C CG  . MET B 1 4  ? 2.54758   16.13293  0.76156   1.000 68.86000  ? 4   MET B CG  1 
ATOM   517  S SD  . MET B 1 4  ? 2.32091   15.04466  -0.64848  1.000 100.55000 ? 4   MET B SD  1 
ATOM   518  C CE  . MET B 1 4  ? 2.89171   13.51725  0.07448   1.000 54.57000  ? 4   MET B CE  1 
ATOM   519  N N   . SER B 1 5  ? 6.64718   16.52331  3.01104   1.000 50.41000  ? 5   SER B N   1 
ATOM   520  C CA  . SER B 1 5  ? 8.09760   16.57505  2.97337   1.000 44.98000  ? 5   SER B CA  1 
ATOM   521  C C   . SER B 1 5  ? 8.59423   15.79564  1.76480   1.000 41.10000  ? 5   SER B C   1 
ATOM   522  O O   . SER B 1 5  ? 7.91640   14.87900  1.28825   1.000 38.73000  ? 5   SER B O   1 
ATOM   523  C CB  . SER B 1 5  ? 8.68702   16.02579  4.25910   1.000 47.56000  ? 5   SER B CB  1 
ATOM   524  O OG  . SER B 1 5  ? 8.93936   14.63569  4.17009   1.000 54.04000  ? 5   SER B OG  1 
ATOM   525  N N   . PRO B 1 6  ? 9.74276   16.18367  1.20265   1.000 43.31000  ? 6   PRO B N   1 
ATOM   526  C CA  . PRO B 1 6  ? 10.24577  15.44694  0.02733   1.000 38.46000  ? 6   PRO B CA  1 
ATOM   527  C C   . PRO B 1 6  ? 10.36664  13.95375  0.24987   1.000 36.02000  ? 6   PRO B C   1 
ATOM   528  O O   . PRO B 1 6  ? 10.10380  13.18467  -0.68985  1.000 30.55000  ? 6   PRO B O   1 
ATOM   529  C CB  . PRO B 1 6  ? 11.61041  16.10021  -0.24259  1.000 41.74000  ? 6   PRO B CB  1 
ATOM   530  C CG  . PRO B 1 6  ? 11.40994  17.53451  0.22137   1.000 45.78000  ? 6   PRO B CG  1 
ATOM   531  C CD  . PRO B 1 6  ? 10.55926  17.38212  1.49212   1.000 52.73000  ? 6   PRO B CD  1 
ATOM   532  N N   . TYR B 1 7  ? 10.82444  13.53287  1.43843   1.000 34.66000  ? 7   TYR B N   1 
ATOM   533  C CA  . TYR B 1 7  ? 10.94143  12.10483  1.70983   1.000 29.86000  ? 7   TYR B CA  1 
ATOM   534  C C   . TYR B 1 7  ? 9.56273   11.46081  1.70758   1.000 34.20000  ? 7   TYR B C   1 
ATOM   535  O O   . TYR B 1 7  ? 9.39516   10.34839  1.20315   1.000 28.18000  ? 7   TYR B O   1 
ATOM   536  C CB  . TYR B 1 7  ? 11.67401  11.86738  3.02587   1.000 33.46000  ? 7   TYR B CB  1 
ATOM   537  C CG  . TYR B 1 7  ? 13.15827  12.14987  2.95739   1.000 29.93000  ? 7   TYR B CG  1 
ATOM   538  C CD1 . TYR B 1 7  ? 13.94856  11.59088  1.97813   1.000 33.26000  ? 7   TYR B CD1 1 
ATOM   539  C CD2 . TYR B 1 7  ? 13.76462  12.98821  3.88184   1.000 38.85000  ? 7   TYR B CD2 1 
ATOM   540  C CE1 . TYR B 1 7  ? 15.28737  11.86415  1.89377   1.000 38.64000  ? 7   TYR B CE1 1 
ATOM   541  C CE2 . TYR B 1 7  ? 15.10835  13.26846  3.80644   1.000 37.94000  ? 7   TYR B CE2 1 
ATOM   542  C CZ  . TYR B 1 7  ? 15.85919  12.70279  2.81181   1.000 37.61000  ? 7   TYR B CZ  1 
ATOM   543  O OH  . TYR B 1 7  ? 17.21004  12.95313  2.74743   1.000 50.52000  ? 7   TYR B OH  1 
ATOM   544  N N   . LYS B 1 8  ? 8.55366   12.14562  2.25191   1.000 31.87000  ? 8   LYS B N   1 
ATOM   545  C CA  . LYS B 1 8  ? 7.19702   11.59013  2.25803   1.000 31.75000  ? 8   LYS B CA  1 
ATOM   546  C C   . LYS B 1 8  ? 6.68523   11.38973  0.82094   1.000 29.11000  ? 8   LYS B C   1 
ATOM   547  O O   . LYS B 1 8  ? 6.08355   10.33691  0.50620   1.000 29.30000  ? 8   LYS B O   1 
ATOM   548  C CB  . LYS B 1 8  ? 6.26163   12.51362  3.05841   1.000 36.01000  ? 8   LYS B CB  1 
ATOM   549  C CG  . LYS B 1 8  ? 6.02921   12.02192  4.45667   1.000 41.28000  ? 8   LYS B CG  1 
ATOM   550  C CD  . LYS B 1 8  ? 5.27972   10.71630  4.39884   1.000 46.15000  ? 8   LYS B CD  1 
ATOM   551  C CE  . LYS B 1 8  ? 5.19444   10.06906  5.77189   1.000 61.51000  ? 8   LYS B CE  1 
ATOM   552  N NZ  . LYS B 1 8  ? 4.74277   8.65676   5.60532   1.000 54.60000  ? 8   LYS B NZ  1 
ATOM   553  N N   . LYS B 1 9  ? 6.98804   12.35033  -0.08978  1.000 29.46000  ? 9   LYS B N   1 
ATOM   554  C CA  . LYS B 1 9  ? 6.60389   12.17133  -1.49966  1.000 29.69000  ? 9   LYS B CA  1 
ATOM   555  C C   . LYS B 1 9  ? 7.29963   10.95747  -2.09145  1.000 29.45000  ? 9   LYS B C   1 
ATOM   556  O O   . LYS B 1 9  ? 6.69740   10.19720  -2.87128  1.000 26.96000  ? 9   LYS B O   1 
ATOM   557  C CB  . LYS B 1 9  ? 6.97702   13.38583  -2.35028  1.000 33.48000  ? 9   LYS B CB  1 
ATOM   558  C CG  . LYS B 1 9  ? 6.00956   14.57695  -2.25466  1.000 47.63000  ? 9   LYS B CG  1 
ATOM   559  C CD  . LYS B 1 9  ? 6.73370   15.87964  -2.63422  1.000 51.46000  ? 9   LYS B CD  1 
ATOM   560  C CE  . LYS B 1 9  ? 5.79382   17.07973  -2.62236  1.000 61.45000  ? 9   LYS B CE  1 
ATOM   561  N NZ  . LYS B 1 9  ? 6.44465   18.28187  -3.21703  1.000 76.51000  ? 9   LYS B NZ  1 
ATOM   562  N N   . ALA B 1 10 ? 8.60719   10.78208  -1.76025  1.000 24.52000  ? 10  ALA B N   1 
ATOM   563  C CA  . ALA B 1 10 ? 9.35623   9.63073   -2.28995  1.000 21.65000  ? 10  ALA B CA  1 
ATOM   564  C C   . ALA B 1 10 ? 8.81137   8.32496   -1.75175  1.000 26.69000  ? 10  ALA B C   1 
ATOM   565  O O   . ALA B 1 10 ? 8.76340   7.30924   -2.46310  1.000 24.28000  ? 10  ALA B O   1 
ATOM   566  C CB  . ALA B 1 10 ? 10.82862  9.78119   -1.96768  1.000 26.50000  ? 10  ALA B CB  1 
ATOM   567  N N   . ILE B 1 11 ? 8.36802   8.31753   -0.49475  1.000 25.81000  ? 11  ILE B N   1 
ATOM   568  C CA  . ILE B 1 11 ? 7.71520   7.11508   0.05133   1.000 21.10000  ? 11  ILE B CA  1 
ATOM   569  C C   . ILE B 1 11 ? 6.44743   6.80047   -0.72464  1.000 24.35000  ? 11  ILE B C   1 
ATOM   570  O O   . ILE B 1 11 ? 6.14473   5.62926   -1.00966  1.000 28.00000  ? 11  ILE B O   1 
ATOM   571  C CB  . ILE B 1 11 ? 7.39695   7.31427   1.53533   1.000 21.60000  ? 11  ILE B CB  1 
ATOM   572  C CG1 . ILE B 1 11 ? 8.72679   7.31211   2.25702   1.000 26.51000  ? 11  ILE B CG1 1 
ATOM   573  C CG2 . ILE B 1 11 ? 6.52878   6.21393   2.15452   1.000 25.09000  ? 11  ILE B CG2 1 
ATOM   574  C CD1 . ILE B 1 11 ? 8.67769   7.96718   3.62651   1.000 34.04000  ? 11  ILE B CD1 1 
ATOM   575  N N   . GLU B 1 12 ? 5.62071   7.81019   -0.96557  1.000 24.51000  ? 12  GLU B N   1 
ATOM   576  C CA  . GLU B 1 12 ? 4.37440   7.52478   -1.67993  1.000 25.85000  ? 12  GLU B CA  1 
ATOM   577  C C   . GLU B 1 12 ? 4.63270   6.98039   -3.07352  1.000 25.94000  ? 12  GLU B C   1 
ATOM   578  O O   . GLU B 1 12 ? 3.93501   6.04168   -3.54272  1.000 24.33000  ? 12  GLU B O   1 
ATOM   579  C CB  . GLU B 1 12 ? 3.53310   8.77770   -1.74957  1.000 30.33000  ? 12  GLU B CB  1 
ATOM   580  C CG  . GLU B 1 12 ? 3.38575   9.40721   -0.34346  1.000 38.51000  ? 12  GLU B CG  1 
ATOM   581  C CD  . GLU B 1 12 ? 1.97591   9.73635   0.00804   1.000 58.94000  ? 12  GLU B CD  1 
ATOM   582  O OE1 . GLU B 1 12 ? 1.27495   8.82860   0.48866   1.000 62.83000  ? 12  GLU B OE1 1 
ATOM   583  O OE2 . GLU B 1 12 ? 1.59191   10.91504  -0.17959  1.000 63.14000  ? 12  GLU B OE2 1 
ATOM   584  N N   . ILE B 1 13 ? 5.57968   7.59029   -3.78502  1.000 23.87000  ? 13  ILE B N   1 
ATOM   585  C CA  . ILE B 1 13 ? 5.95890   7.09976   -5.11271  1.000 21.71000  ? 13  ILE B CA  1 
ATOM   586  C C   . ILE B 1 13 ? 6.42358   5.64944   -5.03243  1.000 20.87000  ? 13  ILE B C   1 
ATOM   587  O O   . ILE B 1 13 ? 6.01334   4.79753   -5.83748  1.000 24.30000  ? 13  ILE B O   1 
ATOM   588  C CB  . ILE B 1 13 ? 7.03678   8.02831   -5.69167  1.000 22.06000  ? 13  ILE B CB  1 
ATOM   589  C CG1 . ILE B 1 13 ? 6.44173   9.31265   -6.26323  1.000 23.05000  ? 13  ILE B CG1 1 
ATOM   590  C CG2 . ILE B 1 13 ? 7.85251   7.45135   -6.81192  1.000 23.45000  ? 13  ILE B CG2 1 
ATOM   591  C CD1 . ILE B 1 13 ? 7.43071   10.46639  -6.30087  1.000 23.03000  ? 13  ILE B CD1 1 
ATOM   592  N N   . THR B 1 14 ? 7.32062   5.33054   -4.08753  1.000 21.53000  ? 14  THR B N   1 
ATOM   593  C CA  . THR B 1 14 ? 7.88187   3.96437   -4.03031  1.000 18.84000  ? 14  THR B CA  1 
ATOM   594  C C   . THR B 1 14 ? 6.77348   2.95742   -3.71322  1.000 22.88000  ? 14  THR B C   1 
ATOM   595  O O   . THR B 1 14 ? 6.72780   1.84607   -4.27865  1.000 21.32000  ? 14  THR B O   1 
ATOM   596  C CB  . THR B 1 14 ? 9.00097   3.92556   -2.96883  1.000 19.93000  ? 14  THR B CB  1 
ATOM   597  O OG1 . THR B 1 14 ? 10.03134  4.85294   -3.32753  1.000 21.71000  ? 14  THR B OG1 1 
ATOM   598  C CG2 . THR B 1 14 ? 9.57775   2.57160   -2.79295  1.000 21.79000  ? 14  THR B CG2 1 
ATOM   599  N N   . LYS B 1 15 ? 5.82741   3.34318   -2.83548  1.000 23.62000  ? 15  LYS B N   1 
ATOM   600  C CA  . LYS B 1 15 ? 4.68949   2.45674   -2.56926  1.000 27.19000  ? 15  LYS B CA  1 
ATOM   601  C C   . LYS B 1 15 ? 3.80429   2.29195   -3.78370  1.000 24.73000  ? 15  LYS B C   1 
ATOM   602  O O   . LYS B 1 15 ? 3.31916   1.19056   -4.04715  1.000 25.89000  ? 15  LYS B O   1 
ATOM   603  C CB  . LYS B 1 15 ? 3.86544   2.98726   -1.41062  1.000 25.76000  ? 15  LYS B CB  1 
ATOM   604  C CG  . LYS B 1 15 ? 4.67162   3.03946   -0.12878  1.000 24.52000  ? 15  LYS B CG  1 
ATOM   605  C CD  . LYS B 1 15 ? 3.74066   2.95679   1.03656   1.000 32.77000  ? 15  LYS B CD  1 
ATOM   606  C CE  . LYS B 1 15 ? 4.41783   3.19738   2.37440   1.000 39.82000  ? 15  LYS B CE  1 
ATOM   607  N NZ  . LYS B 1 15 ? 3.35880   3.29085   3.43394   1.000 41.08000  ? 15  LYS B NZ  1 
ATOM   608  N N   . ARG B 1 16 ? 3.55901   3.37799   -4.53302  1.000 26.21000  ? 16  ARG B N   1 
ATOM   609  C CA  . ARG B 1 16 ? 2.84406   3.22730   -5.80660  1.000 24.61000  ? 16  ARG B CA  1 
ATOM   610  C C   . ARG B 1 16 ? 3.55181   2.23308   -6.73453  1.000 24.93000  ? 16  ARG B C   1 
ATOM   611  O O   . ARG B 1 16 ? 2.90529   1.42247   -7.43679  1.000 24.27000  ? 16  ARG B O   1 
ATOM   612  C CB  . ARG B 1 16 ? 2.73963   4.58744   -6.51942  1.000 29.55000  ? 16  ARG B CB  1 
ATOM   613  C CG  . ARG B 1 16 ? 1.43756   5.34410   -6.37950  1.000 40.65000  ? 16  ARG B CG  1 
ATOM   614  C CD  . ARG B 1 16 ? 1.45779   6.58831   -7.29216  1.000 36.92000  ? 16  ARG B CD  1 
ATOM   615  N NE  . ARG B 1 16 ? 0.91395   6.30162   -8.61396  1.000 52.92000  ? 16  ARG B NE  1 
ATOM   616  C CZ  . ARG B 1 16 ? 0.97034   7.14269   -9.63843  1.000 48.39000  ? 16  ARG B CZ  1 
ATOM   617  N NH1 . ARG B 1 16 ? 1.63543   8.28204   -9.54681  1.000 35.56000  ? 16  ARG B NH1 1 
ATOM   618  N NH2 . ARG B 1 16 ? 0.33609   6.83809   -10.77374 1.000 53.34000  ? 16  ARG B NH2 1 
ATOM   619  N N   . LEU B 1 17 ? 4.88638   2.31904   -6.80598  1.000 22.95000  ? 17  LEU B N   1 
ATOM   620  C CA  . LEU B 1 17 ? 5.62481   1.43382   -7.72075  1.000 26.20000  ? 17  LEU B CA  1 
ATOM   621  C C   . LEU B 1 17 ? 5.52907   -0.01673  -7.27995  1.000 27.38000  ? 17  LEU B C   1 
ATOM   622  O O   . LEU B 1 17 ? 5.34681   -0.91665  -8.11671  1.000 25.58000  ? 17  LEU B O   1 
ATOM   623  C CB  . LEU B 1 17 ? 7.07110   1.88361   -7.81229  1.000 23.08000  ? 17  LEU B CB  1 
ATOM   624  C CG  . LEU B 1 17 ? 7.20191   3.26734   -8.47120  1.000 24.37000  ? 17  LEU B CG  1 
ATOM   625  C CD1 . LEU B 1 17 ? 8.56821   3.82955   -8.09591  1.000 26.51000  ? 17  LEU B CD1 1 
ATOM   626  C CD2 . LEU B 1 17 ? 6.93868   3.20363   -9.96519  1.000 25.48000  ? 17  LEU B CD2 1 
ATOM   627  N N   . LEU B 1 18 ? 5.62010   -0.25470  -5.96299  1.000 25.65000  ? 18  LEU B N   1 
ATOM   628  C CA  . LEU B 1 18 ? 5.42937   -1.60616  -5.44443  1.000 23.25000  ? 18  LEU B CA  1 
ATOM   629  C C   . LEU B 1 18 ? 4.03925   -2.14654  -5.80623  1.000 28.26000  ? 18  LEU B C   1 
ATOM   630  O O   . LEU B 1 18 ? 3.90549   -3.30281  -6.25016  1.000 27.06000  ? 18  LEU B O   1 
ATOM   631  C CB  . LEU B 1 18 ? 5.61643   -1.61330  -3.94825  1.000 24.54000  ? 18  LEU B CB  1 
ATOM   632  C CG  . LEU B 1 18 ? 7.05453   -1.59603  -3.46623  1.000 23.97000  ? 18  LEU B CG  1 
ATOM   633  C CD1 . LEU B 1 18 ? 7.02736   -1.07347  -2.01559  1.000 23.88000  ? 18  LEU B CD1 1 
ATOM   634  C CD2 . LEU B 1 18 ? 7.58036   -2.97237  -3.48550  1.000 25.76000  ? 18  LEU B CD2 1 
ATOM   635  N N   . GLU B 1 19 ? 2.97940   -1.32786  -5.61334  1.000 29.53000  ? 19  GLU B N   1 
ATOM   636  C CA  . GLU B 1 19 ? 1.64389   -1.82819  -5.96730  1.000 26.13000  ? 19  GLU B CA  1 
ATOM   637  C C   . GLU B 1 19 ? 1.55565   -2.13984  -7.45125  1.000 30.41000  ? 19  GLU B C   1 
ATOM   638  O O   . GLU B 1 19 ? 0.89867   -3.11523  -7.85659  1.000 31.17000  ? 19  GLU B O   1 
ATOM   639  C CB  . GLU B 1 19 ? 0.52398   -0.86277  -5.55062  1.000 31.11000  ? 19  GLU B CB  1 
ATOM   640  C CG  . GLU B 1 19 ? 0.61327   -0.38789  -4.09154  1.000 31.77000  ? 19  GLU B CG  1 
ATOM   641  C CD  . GLU B 1 19 ? 0.08413   -1.48720  -3.14057  1.000 41.34000  ? 19  GLU B CD  1 
ATOM   642  O OE1 . GLU B 1 19 ? -0.18890  -2.61911  -3.59709  1.000 36.04000  ? 19  GLU B OE1 1 
ATOM   643  O OE2 . GLU B 1 19 ? 0.05945   -1.25408  -1.90702  1.000 48.42000  ? 19  GLU B OE2 1 
ATOM   644  N N   . LEU B 1 20 ? 2.17156   -1.31303  -8.29517  1.000 28.62000  ? 20  LEU B N   1 
ATOM   645  C CA  . LEU B 1 20 ? 2.11426   -1.61448  -9.72430  1.000 28.50000  ? 20  LEU B CA  1 
ATOM   646  C C   . LEU B 1 20 ? 2.76155   -2.95855  -10.00720 1.000 34.13000  ? 20  LEU B C   1 
ATOM   647  O O   . LEU B 1 20 ? 2.16967   -3.79830  -10.71036 1.000 30.27000  ? 20  LEU B O   1 
ATOM   648  C CB  . LEU B 1 20 ? 2.76482   -0.52891  -10.55029 1.000 26.93000  ? 20  LEU B CB  1 
ATOM   649  C CG  . LEU B 1 20 ? 1.96649   0.76052   -10.76674 1.000 31.87000  ? 20  LEU B CG  1 
ATOM   650  C CD1 . LEU B 1 20 ? 2.80568   1.82228   -11.43579 1.000 31.58000  ? 20  LEU B CD1 1 
ATOM   651  C CD2 . LEU B 1 20 ? 0.70979   0.42543   -11.58878 1.000 36.78000  ? 20  LEU B CD2 1 
ATOM   652  N N   . LEU B 1 21 ? 3.99020   -3.18728  -9.48163  1.000 25.64000  ? 21  LEU B N   1 
ATOM   653  C CA  . LEU B 1 21 ? 4.69582   -4.41252  -9.84385  1.000 23.65000  ? 21  LEU B CA  1 
ATOM   654  C C   . LEU B 1 21 ? 4.03572   -5.65019  -9.23517  1.000 30.31000  ? 21  LEU B C   1 
ATOM   655  O O   . LEU B 1 21 ? 4.20912   -6.76317  -9.75268  1.000 30.88000  ? 21  LEU B O   1 
ATOM   656  C CB  . LEU B 1 21 ? 6.16225   -4.43561  -9.37775  1.000 25.92000  ? 21  LEU B CB  1 
ATOM   657  C CG  . LEU B 1 21 ? 7.11155   -3.54099  -10.14784 1.000 26.27000  ? 21  LEU B CG  1 
ATOM   658  C CD1 . LEU B 1 21 ? 8.54470   -3.68822  -9.61636  1.000 30.70000  ? 21  LEU B CD1 1 
ATOM   659  C CD2 . LEU B 1 21 ? 7.09765   -3.88265  -11.64819 1.000 33.99000  ? 21  LEU B CD2 1 
ATOM   660  N N   . LEU B 1 22 ? 3.39159   -5.50360  -8.06676  1.000 29.42000  ? 22  LEU B N   1 
ATOM   661  C CA  . LEU B 1 22 ? 2.71109   -6.64020  -7.42980  1.000 33.78000  ? 22  LEU B CA  1 
ATOM   662  C C   . LEU B 1 22 ? 1.28216   -6.84774  -7.90666  1.000 37.64000  ? 22  LEU B C   1 
ATOM   663  O O   . LEU B 1 22 ? 0.66108   -7.85125  -7.53931  1.000 42.77000  ? 22  LEU B O   1 
ATOM   664  C CB  . LEU B 1 22 ? 2.64533   -6.42461  -5.93195  1.000 33.93000  ? 22  LEU B CB  1 
ATOM   665  C CG  . LEU B 1 22 ? 3.96070   -6.44704  -5.26121  1.000 30.16000  ? 22  LEU B CG  1 
ATOM   666  C CD1 . LEU B 1 22 ? 3.91384   -5.84093  -3.90708  1.000 32.66000  ? 22  LEU B CD1 1 
ATOM   667  C CD2 . LEU B 1 22 ? 4.45551   -7.89756  -5.12495  1.000 33.52000  ? 22  LEU B CD2 1 
ATOM   668  N N   . SER B 1 23 ? 0.75022   -5.90814  -8.67040  1.000 39.20000  ? 23  SER B N   1 
ATOM   669  C CA  A SER B 1 23 ? -0.65992  -5.94305  -9.05888  0.470 41.95000  ? 23  SER B CA  1 
ATOM   670  C CA  B SER B 1 23 ? -0.66340  -5.95300  -9.04018  0.530 41.87000  ? 23  SER B CA  1 
ATOM   671  C C   . SER B 1 23 ? -1.01046  -7.22751  -9.80059  1.000 46.17000  ? 23  SER B C   1 
ATOM   672  O O   . SER B 1 23 ? -2.11804  -7.76707  -9.65007  1.000 47.58000  ? 23  SER B O   1 
ATOM   673  C CB  A SER B 1 23 ? -0.96364  -4.71709  -9.92634  0.470 41.02000  ? 23  SER B CB  1 
ATOM   674  C CB  B SER B 1 23 ? -1.02403  -4.72820  -9.88254  0.530 41.06000  ? 23  SER B CB  1 
ATOM   675  O OG  A SER B 1 23 ? -0.32908  -4.83197  -11.20467 0.470 37.92000  ? 23  SER B OG  1 
ATOM   676  O OG  B SER B 1 23 ? -2.22089  -4.97204  -10.60750 0.530 43.30000  ? 23  SER B OG  1 
ATOM   677  N N   . ASN B 1 24 ? -0.09053  -7.71298  -10.62452 1.000 46.16000  ? 24  ASN B N   1 
ATOM   678  C CA  . ASN B 1 24 ? -0.27576  -8.90640  -11.44374 1.000 54.70000  ? 24  ASN B CA  1 
ATOM   679  C C   . ASN B 1 24 ? 0.72186   -9.96370  -10.99552 1.000 51.79000  ? 24  ASN B C   1 
ATOM   680  O O   . ASN B 1 24 ? 1.92515   -9.80703  -11.25271 1.000 49.79000  ? 24  ASN B O   1 
ATOM   681  C CB  . ASN B 1 24 ? -0.05513  -8.55257  -12.91941 1.000 52.08000  ? 24  ASN B CB  1 
ATOM   682  C CG  . ASN B 1 24 ? -0.12026  -9.76655  -13.83507 1.000 59.62000  ? 24  ASN B CG  1 
ATOM   683  O OD1 . ASN B 1 24 ? -0.27755  -10.90176 -13.37734 1.000 65.06000  ? 24  ASN B OD1 1 
ATOM   684  N ND2 . ASN B 1 24 ? 0.04082   -9.53029  -15.14394 1.000 57.57000  ? 24  ASN B ND2 1 
ATOM   685  N N   . PRO B 1 25 ? 0.29237   -11.05683 -10.34990 1.000 50.89000  ? 25  PRO B N   1 
ATOM   686  C CA  . PRO B 1 25 ? 1.28237   -12.00426 -9.82129  1.000 50.65000  ? 25  PRO B CA  1 
ATOM   687  C C   . PRO B 1 25 ? 2.20387   -12.55529 -10.88979 1.000 52.50000  ? 25  PRO B C   1 
ATOM   688  O O   . PRO B 1 25 ? 3.36085   -12.87306 -10.59755 1.000 44.07000  ? 25  PRO B O   1 
ATOM   689  C CB  . PRO B 1 25 ? 0.42960   -13.11378 -9.19268  1.000 54.46000  ? 25  PRO B CB  1 
ATOM   690  C CG  . PRO B 1 25 ? -0.93251  -12.51983 -9.02876  1.000 57.30000  ? 25  PRO B CG  1 
ATOM   691  C CD  . PRO B 1 25 ? -1.08579  -11.54682 -10.16325 1.000 53.53000  ? 25  PRO B CD  1 
ATOM   692  N N   . GLU B 1 26 ? 1.72700   -12.69680 -12.12526 1.000 54.89000  ? 26  GLU B N   1 
ATOM   693  C CA  . GLU B 1 26 ? 2.60677   -13.19625 -13.17788 1.000 51.83000  ? 26  GLU B CA  1 
ATOM   694  C C   . GLU B 1 26 ? 3.71472   -12.18975 -13.45552 1.000 48.40000  ? 26  GLU B C   1 
ATOM   695  O O   . GLU B 1 26 ? 4.86081   -12.57636 -13.72543 1.000 46.13000  ? 26  GLU B O   1 
ATOM   696  C CB  . GLU B 1 26 ? 1.78603   -13.51194 -14.43307 1.000 57.28000  ? 26  GLU B CB  1 
ATOM   697  C CG  . GLU B 1 26 ? 2.59406   -13.80061 -15.69762 1.000 61.30000  ? 26  GLU B CG  1 
ATOM   698  C CD  . GLU B 1 26 ? 1.98529   -13.16865 -16.94403 1.000 70.04000  ? 26  GLU B CD  1 
ATOM   699  O OE1 . GLU B 1 26 ? 1.98475   -11.92160 -17.04252 1.000 75.77000  ? 26  GLU B OE1 1 
ATOM   700  O OE2 . GLU B 1 26 ? 1.49260   -13.91299 -17.82818 1.000 68.23000  ? 26  GLU B OE2 1 
ATOM   701  N N   . LEU B 1 27 ? 3.39647   -10.88834 -13.36344 1.000 46.71000  ? 27  LEU B N   1 
ATOM   702  C CA  . LEU B 1 27 ? 4.41024   -9.85817  -13.58240 1.000 42.34000  ? 27  LEU B CA  1 
ATOM   703  C C   . LEU B 1 27 ? 5.33398   -9.77086  -12.36896 1.000 38.68000  ? 27  LEU B C   1 
ATOM   704  O O   . LEU B 1 27 ? 6.54887   -9.60792  -12.51176 1.000 36.71000  ? 27  LEU B O   1 
ATOM   705  C CB  . LEU B 1 27 ? 3.73946   -8.51062  -13.86117 1.000 53.64000  ? 27  LEU B CB  1 
ATOM   706  C CG  . LEU B 1 27 ? 3.87257   -8.01149  -15.30620 1.000 51.61000  ? 27  LEU B CG  1 
ATOM   707  C CD1 . LEU B 1 27 ? 2.99250   -6.81531  -15.63899 1.000 54.58000  ? 27  LEU B CD1 1 
ATOM   708  C CD2 . LEU B 1 27 ? 5.35535   -7.67303  -15.61109 1.000 54.37000  ? 27  LEU B CD2 1 
ATOM   709  N N   . ALA B 1 28 ? 4.77522   -9.97968  -11.16379 1.000 38.65000  ? 28  ALA B N   1 
ATOM   710  C CA  . ALA B 1 28 ? 5.57076   -9.96668  -9.94708  1.000 37.80000  ? 28  ALA B CA  1 
ATOM   711  C C   . ALA B 1 28 ? 6.62410   -11.06533 -9.95180  1.000 44.85000  ? 28  ALA B C   1 
ATOM   712  O O   . ALA B 1 28 ? 7.75260   -10.84610 -9.49848  1.000 37.83000  ? 28  ALA B O   1 
ATOM   713  C CB  . ALA B 1 28 ? 4.67680   -10.14290 -8.72213  1.000 35.96000  ? 28  ALA B CB  1 
ATOM   714  N N   . LYS B 1 29 ? 6.26661   -12.26855 -10.40728 1.000 39.23000  ? 29  LYS B N   1 
ATOM   715  C CA  . LYS B 1 29 ? 7.22951   -13.37342 -10.36591 1.000 42.05000  ? 29  LYS B CA  1 
ATOM   716  C C   . LYS B 1 29 ? 8.40137   -13.20606 -11.33274 1.000 37.96000  ? 29  LYS B C   1 
ATOM   717  O O   . LYS B 1 29 ? 9.45517   -13.83050 -11.11752 1.000 38.85000  ? 29  LYS B O   1 
ATOM   718  C CB  . LYS B 1 29 ? 6.52681   -14.71137 -10.63693 1.000 44.54000  ? 29  LYS B CB  1 
ATOM   719  C CG  . LYS B 1 29 ? 5.55546   -15.12283 -9.53870  1.000 51.84000  ? 29  LYS B CG  1 
ATOM   720  C CD  . LYS B 1 29 ? 4.85000   -16.44471 -9.84083  1.000 76.77000  ? 29  LYS B CD  1 
ATOM   721  C CE  . LYS B 1 29 ? 3.89893   -16.84077 -8.70373  1.000 103.35000 ? 29  LYS B CE  1 
ATOM   722  N NZ  . LYS B 1 29 ? 3.17691   -18.12107 -8.98629  1.000 120.02000 ? 29  LYS B NZ  1 
ATOM   723  N N   . LYS B 1 30 ? 8.25267   -12.37498 -12.37224 1.000 39.20000  ? 30  LYS B N   1 
ATOM   724  C CA  . LYS B 1 30 ? 9.34507   -12.06351 -13.29452 1.000 37.20000  ? 30  LYS B CA  1 
ATOM   725  C C   . LYS B 1 30 ? 10.15215  -10.84849 -12.85434 1.000 37.01000  ? 30  LYS B C   1 
ATOM   726  O O   . LYS B 1 30 ? 11.08813  -10.45717 -13.56174 1.000 31.08000  ? 30  LYS B O   1 
ATOM   727  C CB  . LYS B 1 30 ? 8.81304   -11.84113 -14.70984 1.000 44.00000  ? 30  LYS B CB  1 
ATOM   728  C CG  . LYS B 1 30 ? 8.03799   -13.04633 -15.25496 1.000 52.72000  ? 30  LYS B CG  1 
ATOM   729  C CD  . LYS B 1 30 ? 7.39213   -12.75157 -16.62066 1.000 64.95000  ? 30  LYS B CD  1 
ATOM   730  C CE  . LYS B 1 30 ? 7.18717   -14.02897 -17.43098 1.000 74.22000  ? 30  LYS B CE  1 
ATOM   731  N NZ  . LYS B 1 30 ? 7.55705   -13.86825 -18.87159 1.000 86.70000  ? 30  LYS B NZ  1 
ATOM   732  N N   . ASN B 1 31 ? 9.78608   -10.21641 -11.73627 1.000 35.84000  ? 31  ASN B N   1 
ATOM   733  C CA  . ASN B 1 31 ? 10.45861  -8.98653  -11.30589 1.000 35.92000  ? 31  ASN B CA  1 
ATOM   734  C C   . ASN B 1 31 ? 10.71613  -9.01484  -9.80674  1.000 37.46000  ? 31  ASN B C   1 
ATOM   735  O O   . ASN B 1 31 ? 10.59681  -7.98637  -9.11572  1.000 30.71000  ? 31  ASN B O   1 
ATOM   736  C CB  . ASN B 1 31 ? 9.63941   -7.75753  -11.69630 1.000 32.56000  ? 31  ASN B CB  1 
ATOM   737  C CG  . ASN B 1 31 ? 9.71950   -7.47975  -13.19174 1.000 36.35000  ? 31  ASN B CG  1 
ATOM   738  O OD1 . ASN B 1 31 ? 10.73923  -6.93110  -13.67434 1.000 35.25000  ? 31  ASN B OD1 1 
ATOM   739  N ND2 . ASN B 1 31 ? 8.67386   -7.83268  -13.92135 1.000 32.56000  ? 31  ASN B ND2 1 
ATOM   740  N N   . LEU B 1 32 ? 11.08481  -10.19926 -9.29371  1.000 32.84000  ? 32  LEU B N   1 
ATOM   741  C CA  . LEU B 1 32 ? 11.29389  -10.36700 -7.85535  1.000 27.84000  ? 32  LEU B CA  1 
ATOM   742  C C   . LEU B 1 32 ? 12.42918  -9.50959  -7.33541  1.000 28.83000  ? 32  LEU B C   1 
ATOM   743  O O   . LEU B 1 32 ? 12.34418  -8.93210  -6.23451  1.000 32.25000  ? 32  LEU B O   1 
ATOM   744  C CB  . LEU B 1 32 ? 11.59147  -11.83182 -7.56458  1.000 31.65000  ? 32  LEU B CB  1 
ATOM   745  C CG  . LEU B 1 32 ? 10.43304  -12.79830 -7.81335  1.000 35.90000  ? 32  LEU B CG  1 
ATOM   746  C CD1 . LEU B 1 32 ? 10.90757  -14.24420 -7.82233  1.000 40.26000  ? 32  LEU B CD1 1 
ATOM   747  C CD2 . LEU B 1 32 ? 9.38982   -12.56139 -6.78346  1.000 36.79000  ? 32  LEU B CD2 1 
ATOM   748  N N   . GLY B 1 33 ? 13.51117  -9.45271  -8.08280  1.000 27.38000  ? 33  GLY B N   1 
ATOM   749  C CA  . GLY B 1 33 ? 14.63788  -8.67407  -7.64919  1.000 30.37000  ? 33  GLY B CA  1 
ATOM   750  C C   . GLY B 1 33 ? 14.26320  -7.22028  -7.55508  1.000 28.37000  ? 33  GLY B C   1 
ATOM   751  O O   . GLY B 1 33 ? 14.66204  -6.52908  -6.60787  1.000 26.33000  ? 33  GLY B O   1 
ATOM   752  N N   . GLY B 1 34 ? 13.51147  -6.71420  -8.54226  1.000 24.93000  ? 34  GLY B N   1 
ATOM   753  C CA  . GLY B 1 34 ? 13.14526  -5.29150  -8.46576  1.000 30.27000  ? 34  GLY B CA  1 
ATOM   754  C C   . GLY B 1 34 ? 12.17370  -4.97232  -7.33760  1.000 24.45000  ? 34  GLY B C   1 
ATOM   755  O O   . GLY B 1 34 ? 12.23540  -3.88713  -6.70966  1.000 27.35000  ? 34  GLY B O   1 
ATOM   756  N N   . ILE B 1 35 ? 11.17966  -5.85022  -7.11776  1.000 22.46000  ? 35  ILE B N   1 
ATOM   757  C CA  . ILE B 1 35 ? 10.31709  -5.69591  -5.93301  1.000 22.85000  ? 35  ILE B CA  1 
ATOM   758  C C   . ILE B 1 35 ? 11.18498  -5.65482  -4.65795  1.000 22.75000  ? 35  ILE B C   1 
ATOM   759  O O   . ILE B 1 35 ? 11.01073  -4.77909  -3.77762  1.000 27.33000  ? 35  ILE B O   1 
ATOM   760  C CB  . ILE B 1 35 ? 9.26488   -6.83356  -5.88126  1.000 27.87000  ? 35  ILE B CB  1 
ATOM   761  C CG1 . ILE B 1 35 ? 8.27434   -6.63157  -7.06200  1.000 25.94000  ? 35  ILE B CG1 1 
ATOM   762  C CG2 . ILE B 1 35 ? 8.61022   -6.88615  -4.54152  1.000 24.96000  ? 35  ILE B CG2 1 
ATOM   763  C CD1 . ILE B 1 35 ? 7.34244   -7.81436  -7.27758  1.000 31.78000  ? 35  ILE B CD1 1 
ATOM   764  N N   . ALA B 1 36 ? 12.10979  -6.60397  -4.50863  1.000 22.38000  ? 36  ALA B N   1 
ATOM   765  C CA  . ALA B 1 36 ? 12.91463  -6.58579  -3.26856  1.000 20.80000  ? 36  ALA B CA  1 
ATOM   766  C C   . ALA B 1 36 ? 13.68997  -5.28323  -3.15152  1.000 24.93000  ? 36  ALA B C   1 
ATOM   767  O O   . ALA B 1 36 ? 13.89277  -4.75854  -2.03506  1.000 23.10000  ? 36  ALA B O   1 
ATOM   768  C CB  . ALA B 1 36 ? 13.87686  -7.77212  -3.20324  1.000 23.47000  ? 36  ALA B CB  1 
ATOM   769  N N   . THR B 1 37 ? 14.20724  -4.77201  -4.27502  1.000 23.30000  ? 37  THR B N   1 
ATOM   770  C CA  A THR B 1 37 ? 15.05033  -3.57329  -4.19565  0.580 24.11000  ? 37  THR B CA  1 
ATOM   771  C CA  B THR B 1 37 ? 15.04883  -3.58120  -4.16757  0.420 24.48000  ? 37  THR B CA  1 
ATOM   772  C C   . THR B 1 37 ? 14.19741  -2.38237  -3.81098  1.000 23.60000  ? 37  THR B C   1 
ATOM   773  O O   . THR B 1 37 ? 14.60027  -1.57865  -2.99381  1.000 22.06000  ? 37  THR B O   1 
ATOM   774  C CB  A THR B 1 37 ? 15.79405  -3.32962  -5.51199  0.580 23.52000  ? 37  THR B CB  1 
ATOM   775  C CB  B THR B 1 37 ? 15.85345  -3.35430  -5.44831  0.420 23.78000  ? 37  THR B CB  1 
ATOM   776  O OG1 A THR B 1 37 ? 16.72028  -4.40253  -5.69819  0.580 20.87000  ? 37  THR B OG1 1 
ATOM   777  O OG1 B THR B 1 37 ? 14.97509  -3.34107  -6.57303  0.420 20.20000  ? 37  THR B OG1 1 
ATOM   778  C CG2 A THR B 1 37 ? 16.53710  -1.98651  -5.52673  0.580 24.84000  ? 37  THR B CG2 1 
ATOM   779  C CG2 B THR B 1 37 ? 16.90407  -4.44086  -5.58826  0.420 20.82000  ? 37  THR B CG2 1 
ATOM   780  N N   . LEU B 1 38 ? 12.97728  -2.29458  -4.36979  1.000 22.15000  ? 38  LEU B N   1 
ATOM   781  C CA  . LEU B 1 38 ? 11.98651  -1.31184  -3.94664  1.000 21.95000  ? 38  LEU B CA  1 
ATOM   782  C C   . LEU B 1 38 ? 11.67498  -1.42355  -2.46466  1.000 20.96000  ? 38  LEU B C   1 
ATOM   783  O O   . LEU B 1 38 ? 11.53165  -0.38974  -1.77870  1.000 24.10000  ? 38  LEU B O   1 
ATOM   784  C CB  . LEU B 1 38 ? 10.72365  -1.50534  -4.79754  1.000 24.44000  ? 38  LEU B CB  1 
ATOM   785  C CG  . LEU B 1 38 ? 10.84580  -0.94627  -6.22095  1.000 18.70000  ? 38  LEU B CG  1 
ATOM   786  C CD1 . LEU B 1 38 ? 9.55080   -1.31270  -6.95335  1.000 23.18000  ? 38  LEU B CD1 1 
ATOM   787  C CD2 . LEU B 1 38 ? 10.98547  0.57740   -6.22660  1.000 22.11000  ? 38  LEU B CD2 1 
ATOM   788  N N   . ILE B 1 39 ? 11.59793  -2.65245  -1.91633  1.000 20.13000  ? 39  ILE B N   1 
ATOM   789  C CA  . ILE B 1 39 ? 11.27614  -2.72617  -0.47507  1.000 25.55000  ? 39  ILE B CA  1 
ATOM   790  C C   . ILE B 1 39 ? 12.43530  -2.19596  0.35601   1.000 22.71000  ? 39  ILE B C   1 
ATOM   791  O O   . ILE B 1 39 ? 12.25531  -1.41109  1.33171   1.000 21.19000  ? 39  ILE B O   1 
ATOM   792  C CB  . ILE B 1 39 ? 10.92283  -4.15198  -0.04155  1.000 25.17000  ? 39  ILE B CB  1 
ATOM   793  C CG1 . ILE B 1 39 ? 9.67440   -4.58047  -0.78131  1.000 24.69000  ? 39  ILE B CG1 1 
ATOM   794  C CG2 . ILE B 1 39 ? 10.75274  -4.18741  1.48597   1.000 24.79000  ? 39  ILE B CG2 1 
ATOM   795  C CD1 . ILE B 1 39 ? 9.33821   -6.05059  -0.53204  1.000 24.31000  ? 39  ILE B CD1 1 
ATOM   796  N N   . SER B 1 40 ? 13.66801  -2.60927  -0.02538  1.000 20.24000  ? 40  SER B N   1 
ATOM   797  C CA  . SER B 1 40 ? 14.85075  -1.97210  0.58484   1.000 26.17000  ? 40  SER B CA  1 
ATOM   798  C C   . SER B 1 40 ? 14.83953  -0.44410  0.46932   1.000 20.63000  ? 40  SER B C   1 
ATOM   799  O O   . SER B 1 40 ? 15.09221  0.25708   1.46148   1.000 20.51000  ? 40  SER B O   1 
ATOM   800  C CB  . SER B 1 40 ? 16.10035  -2.54315  -0.05278  1.000 20.39000  ? 40  SER B CB  1 
ATOM   801  O OG  . SER B 1 40 ? 17.29480  -2.14163  0.59121   1.000 24.12000  ? 40  SER B OG  1 
ATOM   802  N N   . LEU B 1 41 ? 14.58452  0.10479   -0.74664  1.000 18.43000  ? 41  LEU B N   1 
ATOM   803  C CA  . LEU B 1 41 ? 14.53132  1.56183   -0.88468  1.000 19.93000  ? 41  LEU B CA  1 
ATOM   804  C C   . LEU B 1 41 ? 13.46077  2.18648   0.00590   1.000 23.30000  ? 41  LEU B C   1 
ATOM   805  O O   . LEU B 1 41 ? 13.67891  3.24297   0.60321   1.000 23.35000  ? 41  LEU B O   1 
ATOM   806  C CB  . LEU B 1 41 ? 14.29659  1.97143   -2.33857  1.000 25.33000  ? 41  LEU B CB  1 
ATOM   807  C CG  . LEU B 1 41 ? 15.52859  1.96513   -3.19943  1.000 23.05000  ? 41  LEU B CG  1 
ATOM   808  C CD1 . LEU B 1 41 ? 15.06437  1.88907   -4.63285  1.000 25.18000  ? 41  LEU B CD1 1 
ATOM   809  C CD2 . LEU B 1 41 ? 16.32595  3.18757   -3.04644  1.000 22.43000  ? 41  LEU B CD2 1 
ATOM   810  N N   . LEU B 1 42 ? 12.29505  1.55718   0.11755   1.000 23.84000  ? 42  LEU B N   1 
ATOM   811  C CA  . LEU B 1 42 ? 11.24367  2.08643   0.99253   1.000 22.19000  ? 42  LEU B CA  1 
ATOM   812  C C   . LEU B 1 42 ? 11.73320  2.19018   2.43204   1.000 24.17000  ? 42  LEU B C   1 
ATOM   813  O O   . LEU B 1 42 ? 11.49427  3.20260   3.12412   1.000 23.74000  ? 42  LEU B O   1 
ATOM   814  C CB  . LEU B 1 42 ? 10.03425  1.15299   0.94063   1.000 23.11000  ? 42  LEU B CB  1 
ATOM   815  C CG  . LEU B 1 42 ? 8.79959   1.52002   1.70853   1.000 23.62000  ? 42  LEU B CG  1 
ATOM   816  C CD1 . LEU B 1 42 ? 8.34778   2.88097   1.17994   1.000 28.80000  ? 42  LEU B CD1 1 
ATOM   817  C CD2 . LEU B 1 42 ? 7.75091   0.45719   1.51783   1.000 22.49000  ? 42  LEU B CD2 1 
ATOM   818  N N   . ALA B 1 43 ? 12.47586  1.18130   2.89028   1.000 22.35000  ? 43  ALA B N   1 
ATOM   819  C CA  . ALA B 1 43 ? 13.01711  1.25261   4.25297   1.000 23.58000  ? 43  ALA B CA  1 
ATOM   820  C C   . ALA B 1 43 ? 14.06394  2.34816   4.36862   1.000 25.09000  ? 43  ALA B C   1 
ATOM   821  O O   . ALA B 1 43 ? 14.10737  3.11293   5.35566   1.000 26.94000  ? 43  ALA B O   1 
ATOM   822  C CB  . ALA B 1 43 ? 13.63604  -0.08811  4.65302   1.000 24.15000  ? 43  ALA B CB  1 
ATOM   823  N N   . LEU B 1 44 ? 14.97036  2.42328   3.39448   1.000 23.96000  ? 44  LEU B N   1 
ATOM   824  C CA  . LEU B 1 44 ? 15.99994  3.47409   3.44590   1.000 22.74000  ? 44  LEU B CA  1 
ATOM   825  C C   . LEU B 1 44 ? 15.39817  4.88636   3.47079   1.000 25.42000  ? 44  LEU B C   1 
ATOM   826  O O   . LEU B 1 44 ? 15.72914  5.71721   4.35015   1.000 26.60000  ? 44  LEU B O   1 
ATOM   827  C CB  . LEU B 1 44 ? 16.94411  3.34732   2.24384   1.000 22.86000  ? 44  LEU B CB  1 
ATOM   828  C CG  . LEU B 1 44 ? 17.94622  4.45551   2.02946   1.000 27.17000  ? 44  LEU B CG  1 
ATOM   829  C CD1 . LEU B 1 44 ? 18.80923  4.70526   3.23980   1.000 32.18000  ? 44  LEU B CD1 1 
ATOM   830  C CD2 . LEU B 1 44 ? 18.78315  4.19157   0.79008   1.000 28.39000  ? 44  LEU B CD2 1 
ATOM   831  N N   . ILE B 1 45 ? 14.49050  5.17733   2.54579   1.000 24.15000  ? 45  ILE B N   1 
ATOM   832  C CA  . ILE B 1 45 ? 13.84168  6.48685   2.51608   1.000 22.91000  ? 45  ILE B CA  1 
ATOM   833  C C   . ILE B 1 45 ? 13.09132  6.76145   3.81591   1.000 24.15000  ? 45  ILE B C   1 
ATOM   834  O O   . ILE B 1 45 ? 13.02472  7.90758   4.30529   1.000 27.51000  ? 45  ILE B O   1 
ATOM   835  C CB  . ILE B 1 45 ? 12.85993  6.55515   1.33417   1.000 23.43000  ? 45  ILE B CB  1 
ATOM   836  C CG1 . ILE B 1 45 ? 13.52203  6.31002   -0.02429  1.000 23.26000  ? 45  ILE B CG1 1 
ATOM   837  C CG2 . ILE B 1 45 ? 12.17387  7.89214   1.30248   1.000 25.22000  ? 45  ILE B CG2 1 
ATOM   838  C CD1 . ILE B 1 45 ? 12.47533  6.04558   -1.11874  1.000 25.31000  ? 45  ILE B CD1 1 
ATOM   839  N N   . SER B 1 46 ? 12.41433  5.73045   4.34321   1.000 24.76000  ? 46  SER B N   1 
ATOM   840  C CA  . SER B 1 46 ? 11.69134  5.90824   5.59658   1.000 27.76000  ? 46  SER B CA  1 
ATOM   841  C C   . SER B 1 46 ? 12.63609  6.26459   6.73598   1.000 29.97000  ? 46  SER B C   1 
ATOM   842  O O   . SER B 1 46 ? 12.33911  7.15072   7.55762   1.000 33.38000  ? 46  SER B O   1 
ATOM   843  C CB  . SER B 1 46 ? 10.92805  4.63078   5.90292   1.000 30.57000  ? 46  SER B CB  1 
ATOM   844  O OG  . SER B 1 46 ? 9.80652   4.51432   5.00057   1.000 30.02000  ? 46  SER B OG  1 
ATOM   845  N N   . ALA B 1 47 ? 13.76280  5.59258   6.80623   1.000 31.41000  ? 47  ALA B N   1 
ATOM   846  C CA  . ALA B 1 47 ? 14.73636  5.91168   7.85466   1.000 32.04000  ? 47  ALA B CA  1 
ATOM   847  C C   . ALA B 1 47 ? 15.30986  7.31325   7.65087   1.000 33.53000  ? 47  ALA B C   1 
ATOM   848  O O   . ALA B 1 47 ? 15.60001  8.04018   8.62050   1.000 31.84000  ? 47  ALA B O   1 
ATOM   849  C CB  . ALA B 1 47 ? 15.84688  4.85197   7.89845   1.000 32.58000  ? 47  ALA B CB  1 
ATOM   850  N N   . LEU B 1 48 ? 15.50750  7.72378   6.39724   1.000 27.50000  ? 48  LEU B N   1 
ATOM   851  C CA  . LEU B 1 48 ? 15.93113  9.12079   6.18944   1.000 29.74000  ? 48  LEU B CA  1 
ATOM   852  C C   . LEU B 1 48 ? 14.87167  10.10679  6.67419   1.000 32.79000  ? 48  LEU B C   1 
ATOM   853  O O   . LEU B 1 48 ? 15.21259  11.18756  7.19328   1.000 33.71000  ? 48  LEU B O   1 
ATOM   854  C CB  . LEU B 1 48 ? 16.27965  9.36205   4.72462   1.000 31.22000  ? 48  LEU B CB  1 
ATOM   855  C CG  . LEU B 1 48 ? 17.60967  8.79237   4.26259   1.000 30.72000  ? 48  LEU B CG  1 
ATOM   856  C CD1 . LEU B 1 48 ? 17.61915  8.65887   2.73902   1.000 27.96000  ? 48  LEU B CD1 1 
ATOM   857  C CD2 . LEU B 1 48 ? 18.82776  9.60792   4.69269   1.000 26.74000  ? 48  LEU B CD2 1 
ATOM   858  N N   . ASP B 1 49 ? 13.59868  9.77610   6.56986   1.000 32.49000  ? 49  ASP B N   1 
ATOM   859  C CA  . ASP B 1 49 ? 12.54077  10.66291  7.00006   1.000 32.78000  ? 49  ASP B CA  1 
ATOM   860  C C   . ASP B 1 49 ? 12.31996  10.56935  8.49686   1.000 34.45000  ? 49  ASP B C   1 
ATOM   861  O O   . ASP B 1 49 ? 11.64661  11.40934  9.05740   1.000 35.40000  ? 49  ASP B O   1 
ATOM   862  C CB  . ASP B 1 49 ? 11.27386  10.29144  6.28330   1.000 32.65000  ? 49  ASP B CB  1 
ATOM   863  C CG  . ASP B 1 49 ? 10.15986  11.28002  6.49950   1.000 38.26000  ? 49  ASP B CG  1 
ATOM   864  O OD1 . ASP B 1 49 ? 10.38269  12.48557  6.32020   1.000 36.29000  ? 49  ASP B OD1 1 
ATOM   865  O OD2 . ASP B 1 49 ? 9.05165   10.83643  6.83356   1.000 40.75000  ? 49  ASP B OD2 1 
ATOM   866  N N   . GLY B 1 50 ? 12.90132  9.56132   9.13838   1.000 35.68000  ? 50  GLY B N   1 
ATOM   867  C CA  . GLY B 1 50 ? 12.69403  9.33730   10.56658  1.000 34.98000  ? 50  GLY B CA  1 
ATOM   868  C C   . GLY B 1 50 ? 11.29963  8.86396   10.86909  1.000 40.52000  ? 50  GLY B C   1 
ATOM   869  O O   . GLY B 1 50 ? 10.71322  9.26707   11.86500  1.000 53.54000  ? 50  GLY B O   1 
ATOM   870  N N   . THR B 1 51 ? 10.73305  8.03956   10.02152  1.000 41.34000  ? 51  THR B N   1 
ATOM   871  C CA  . THR B 1 51 ? 9.40257   7.52630   10.23264  1.000 40.36000  ? 51  THR B CA  1 
ATOM   872  C C   . THR B 1 51 ? 9.36690   6.07500   9.83642   1.000 42.64000  ? 51  THR B C   1 
ATOM   873  O O   . THR B 1 51 ? 8.32630   5.59317   9.40409   1.000 50.59000  ? 51  THR B O   1 
ATOM   874  C CB  . THR B 1 51 ? 8.34893   8.24678   9.38610   1.000 46.17000  ? 51  THR B CB  1 
ATOM   875  O OG1 . THR B 1 51 ? 8.72643   8.21035   8.00242   1.000 41.74000  ? 51  THR B OG1 1 
ATOM   876  C CG2 . THR B 1 51 ? 8.19127   9.69315   9.83793   1.000 44.26000  ? 51  THR B CG2 1 
ATOM   877  N N   . LEU B 1 52 ? 10.46210  5.35311   10.01942  1.000 36.43000  ? 52  LEU B N   1 
ATOM   878  C CA  . LEU B 1 52 ? 10.41422  3.91506   9.73213   1.000 39.11000  ? 52  LEU B CA  1 
ATOM   879  C C   . LEU B 1 52 ? 9.68662   3.08540   10.75947  1.000 40.11000  ? 52  LEU B C   1 
ATOM   880  O O   . LEU B 1 52 ? 10.09607  3.01749   11.88820  1.000 42.14000  ? 52  LEU B O   1 
ATOM   881  C CB  . LEU B 1 52 ? 11.79838  3.30892   9.49794   1.000 35.94000  ? 52  LEU B CB  1 
ATOM   882  C CG  . LEU B 1 52 ? 11.87592  1.83022   9.11793   1.000 35.51000  ? 52  LEU B CG  1 
ATOM   883  C CD1 . LEU B 1 52 ? 10.88886  1.48078   8.01710   1.000 36.57000  ? 52  LEU B CD1 1 
ATOM   884  C CD2 . LEU B 1 52 ? 13.29198  1.47816   8.69075   1.000 37.78000  ? 52  LEU B CD2 1 
ATOM   885  N N   . ASP B 1 53 ? 8.58504   2.47853   10.34310  1.000 38.70000  ? 53  ASP B N   1 
ATOM   886  C CA  . ASP B 1 53 ? 7.82013   1.56066   11.18726  1.000 42.47000  ? 53  ASP B CA  1 
ATOM   887  C C   . ASP B 1 53 ? 7.85211   0.20231   10.49862  1.000 40.88000  ? 53  ASP B C   1 
ATOM   888  O O   . ASP B 1 53 ? 7.34437   0.08050   9.38400   1.000 41.29000  ? 53  ASP B O   1 
ATOM   889  C CB  . ASP B 1 53 ? 6.37337   2.05660   11.30179  1.000 46.02000  ? 53  ASP B CB  1 
ATOM   890  C CG  . ASP B 1 53 ? 5.54771   1.32664   12.36387  1.000 63.77000  ? 53  ASP B CG  1 
ATOM   891  O OD1 . ASP B 1 53 ? 5.93583   0.19854   12.77213  1.000 45.40000  ? 53  ASP B OD1 1 
ATOM   892  O OD2 . ASP B 1 53 ? 4.44026   1.85722   12.70076  1.000 61.03000  ? 53  ASP B OD2 1 
ATOM   893  N N   . GLU B 1 54 ? 8.40821   -0.82234  11.15724  1.000 42.72000  ? 54  GLU B N   1 
ATOM   894  C CA  . GLU B 1 54 ? 8.46400   -2.12032  10.49729  1.000 42.66000  ? 54  GLU B CA  1 
ATOM   895  C C   . GLU B 1 54 ? 7.10034   -2.57720  9.97419   1.000 42.07000  ? 54  GLU B C   1 
ATOM   896  O O   . GLU B 1 54 ? 7.04784   -3.32425  8.97663   1.000 39.19000  ? 54  GLU B O   1 
ATOM   897  C CB  . GLU B 1 54 ? 9.00449   -3.22801  11.43686  1.000 51.80000  ? 54  GLU B CB  1 
ATOM   898  C CG  . GLU B 1 54 ? 10.52678  -3.33000  11.59477  1.000 57.06000  ? 54  GLU B CG  1 
ATOM   899  C CD  . GLU B 1 54 ? 10.99950  -3.51370  13.05000  1.000 72.46000  ? 54  GLU B CD  1 
ATOM   900  O OE1 . GLU B 1 54 ? 10.32155  -3.00279  13.97294  1.000 77.11000  ? 54  GLU B OE1 1 
ATOM   901  O OE2 . GLU B 1 54 ? 12.04712  -4.16617  13.26499  1.000 73.76000  ? 54  GLU B OE2 1 
ATOM   902  N N   . LYS B 1 55 ? 5.98830   -2.17473  10.64823  1.000 43.82000  ? 55  LYS B N   1 
ATOM   903  C CA  . LYS B 1 55 ? 4.66868   -2.69670  10.27260  1.000 44.05000  ? 55  LYS B CA  1 
ATOM   904  C C   . LYS B 1 55 ? 4.27976   -2.22981  8.87673   1.000 40.44000  ? 55  LYS B C   1 
ATOM   905  O O   . LYS B 1 55 ? 3.41213   -2.83581  8.22081   1.000 39.03000  ? 55  LYS B O   1 
ATOM   906  C CB  . LYS B 1 55 ? 3.55056   -2.26535  11.24203  1.000 48.27000  ? 55  LYS B CB  1 
ATOM   907  C CG  . LYS B 1 55 ? 3.03789   -0.80741  11.04647  1.000 55.29000  ? 55  LYS B CG  1 
ATOM   908  C CD  . LYS B 1 55 ? 1.57934   -0.47574  11.59123  1.000 77.50000  ? 55  LYS B CD  1 
ATOM   909  C CE  . LYS B 1 55 ? 0.45219   -1.48057  11.27511  1.000 80.05000  ? 55  LYS B CE  1 
ATOM   910  N NZ  . LYS B 1 55 ? -0.15375  -1.44529  9.86519   1.000 43.22000  ? 55  LYS B NZ  1 
ATOM   911  N N   . ASP B 1 56 ? 4.80968   -1.06892  8.47030   1.000 41.13000  ? 56  ASP B N   1 
ATOM   912  C CA  . ASP B 1 56 ? 4.52575   -0.53021  7.14447   1.000 41.02000  ? 56  ASP B CA  1 
ATOM   913  C C   . ASP B 1 56 ? 5.27894   -1.28344  6.05515   1.000 38.13000  ? 56  ASP B C   1 
ATOM   914  O O   . ASP B 1 56 ? 4.89350   -1.18504  4.87240   1.000 37.31000  ? 56  ASP B O   1 
ATOM   915  C CB  . ASP B 1 56 ? 4.87785   0.96217   7.10631   1.000 42.22000  ? 56  ASP B CB  1 
ATOM   916  C CG  . ASP B 1 56 ? 4.12706   1.74467   8.16483   1.000 48.93000  ? 56  ASP B CG  1 
ATOM   917  O OD1 . ASP B 1 56 ? 3.04053   1.28313   8.57335   1.000 50.12000  ? 56  ASP B OD1 1 
ATOM   918  O OD2 . ASP B 1 56 ? 4.62753   2.79402   8.60712   1.000 48.58000  ? 56  ASP B OD2 1 
ATOM   919  N N   . ILE B 1 57 ? 6.35233   -1.99586  6.41223   1.000 32.97000  ? 57  ILE B N   1 
ATOM   920  C CA  . ILE B 1 57 ? 7.16153   -2.72105  5.41673   1.000 31.74000  ? 57  ILE B CA  1 
ATOM   921  C C   . ILE B 1 57 ? 6.76232   -4.19462  5.31734   1.000 31.79000  ? 57  ILE B C   1 
ATOM   922  O O   . ILE B 1 57 ? 6.79099   -4.78021  4.23056   1.000 27.28000  ? 57  ILE B O   1 
ATOM   923  C CB  . ILE B 1 57 ? 8.66802   -2.59272  5.72212   1.000 41.18000  ? 57  ILE B CB  1 
ATOM   924  C CG1 . ILE B 1 57 ? 9.03974   -1.15635  6.07828   1.000 39.07000  ? 57  ILE B CG1 1 
ATOM   925  C CG2 . ILE B 1 57 ? 9.50671   -3.03972  4.51350   1.000 33.26000  ? 57  ILE B CG2 1 
ATOM   926  C CD1 . ILE B 1 57 ? 8.87663   -0.20370  4.94863   1.000 35.71000  ? 57  ILE B CD1 1 
ATOM   927  N N   . GLU B 1 58 ? 6.38466   -4.81815  6.42696   1.000 28.17000  ? 58  GLU B N   1 
ATOM   928  C CA  . GLU B 1 58 ? 6.17407   -6.27331  6.40272   1.000 28.96000  ? 58  GLU B CA  1 
ATOM   929  C C   . GLU B 1 58 ? 5.13726   -6.75053  5.39290   1.000 27.04000  ? 58  GLU B C   1 
ATOM   930  O O   . GLU B 1 58 ? 5.39029   -7.78943  4.73180   1.000 29.30000  ? 58  GLU B O   1 
ATOM   931  C CB  . GLU B 1 58 ? 5.82245   -6.74999  7.82887   1.000 38.79000  ? 58  GLU B CB  1 
ATOM   932  C CG  . GLU B 1 58 ? 5.73014   -8.29178  7.96034   1.000 46.08000  ? 58  GLU B CG  1 
ATOM   933  C CD  . GLU B 1 58 ? 7.01539   -8.94895  8.41544   1.000 46.88000  ? 58  GLU B CD  1 
ATOM   934  O OE1 . GLU B 1 58 ? 8.01422   -8.22617  8.60794   1.000 39.95000  ? 58  GLU B OE1 1 
ATOM   935  O OE2 . GLU B 1 58 ? 7.02890   -10.19656 8.57190   1.000 44.24000  ? 58  GLU B OE2 1 
ATOM   936  N N   . PRO B 1 59 ? 4.01629   -6.03395  5.15079   1.000 31.13000  ? 59  PRO B N   1 
ATOM   937  C CA  . PRO B 1 59 ? 3.04204   -6.54599  4.15757   1.000 27.81000  ? 59  PRO B CA  1 
ATOM   938  C C   . PRO B 1 59 ? 3.68490   -6.82294  2.81100   1.000 28.14000  ? 59  PRO B C   1 
ATOM   939  O O   . PRO B 1 59 ? 3.43226   -7.87178  2.20054   1.000 31.23000  ? 59  PRO B O   1 
ATOM   940  C CB  . PRO B 1 59 ? 1.99539   -5.42918  4.08350   1.000 28.52000  ? 59  PRO B CB  1 
ATOM   941  C CG  . PRO B 1 59 ? 2.04184   -4.76275  5.47681   1.000 30.83000  ? 59  PRO B CG  1 
ATOM   942  C CD  . PRO B 1 59 ? 3.51583   -4.80999  5.82625   1.000 30.49000  ? 59  PRO B CD  1 
ATOM   943  N N   . TYR B 1 60 ? 4.56846   -5.93977  2.36628   1.000 25.27000  ? 60  TYR B N   1 
ATOM   944  C CA  . TYR B 1 60 ? 5.25267   -6.15247  1.09505   1.000 23.97000  ? 60  TYR B CA  1 
ATOM   945  C C   . TYR B 1 60 ? 6.19878   -7.32813  1.13713   1.000 28.37000  ? 60  TYR B C   1 
ATOM   946  O O   . TYR B 1 60 ? 6.30581   -8.06487  0.14753   1.000 28.17000  ? 60  TYR B O   1 
ATOM   947  C CB  . TYR B 1 60 ? 5.95603   -4.88103  0.80952   1.000 24.23000  ? 60  TYR B CB  1 
ATOM   948  C CG  . TYR B 1 60 ? 5.06716   -3.68570  0.51034   1.000 26.13000  ? 60  TYR B CG  1 
ATOM   949  C CD1 . TYR B 1 60 ? 4.11306   -3.69821  -0.49883  1.000 30.01000  ? 60  TYR B CD1 1 
ATOM   950  C CD2 . TYR B 1 60 ? 5.13239   -2.59009  1.33156   1.000 29.03000  ? 60  TYR B CD2 1 
ATOM   951  C CE1 . TYR B 1 60 ? 3.34350   -2.56306  -0.77805  1.000 29.01000  ? 60  TYR B CE1 1 
ATOM   952  C CE2 . TYR B 1 60 ? 4.35551   -1.46254  1.08843   1.000 31.38000  ? 60  TYR B CE2 1 
ATOM   953  C CZ  . TYR B 1 60 ? 3.47828   -1.44636  0.04220   1.000 33.31000  ? 60  TYR B CZ  1 
ATOM   954  O OH  . TYR B 1 60 ? 2.72323   -0.29167  -0.10610  1.000 34.65000  ? 60  TYR B OH  1 
ATOM   955  N N   . ILE B 1 61 ? 6.93500   -7.51845  2.24193   1.000 27.34000  ? 61  ILE B N   1 
ATOM   956  C CA  . ILE B 1 61 ? 7.85435   -8.64581  2.31364   1.000 27.88000  ? 61  ILE B CA  1 
ATOM   957  C C   . ILE B 1 61 ? 7.06705   -9.93826  2.23916   1.000 32.34000  ? 61  ILE B C   1 
ATOM   958  O O   . ILE B 1 61 ? 7.44465   -10.86765 1.51621   1.000 31.61000  ? 61  ILE B O   1 
ATOM   959  C CB  . ILE B 1 61 ? 8.72319   -8.59631  3.58197   1.000 28.47000  ? 61  ILE B CB  1 
ATOM   960  C CG1 . ILE B 1 61 ? 9.62066   -7.33352  3.60338   1.000 27.66000  ? 61  ILE B CG1 1 
ATOM   961  C CG2 . ILE B 1 61 ? 9.52204   -9.84754  3.75666   1.000 29.76000  ? 61  ILE B CG2 1 
ATOM   962  C CD1 . ILE B 1 61 ? 10.39993  -7.22273  4.92502   1.000 30.49000  ? 61  ILE B CD1 1 
ATOM   963  N N   . LYS B 1 62 ? 5.91651   -9.99599  2.92399   1.000 29.16000  ? 62  LYS B N   1 
ATOM   964  C CA  . LYS B 1 62 ? 5.10743   -11.22124 2.88548   1.000 34.83000  ? 62  LYS B CA  1 
ATOM   965  C C   . LYS B 1 62 ? 4.51257   -11.46076 1.50567   1.000 37.92000  ? 62  LYS B C   1 
ATOM   966  O O   . LYS B 1 62 ? 4.45435   -12.61850 1.04992   1.000 37.75000  ? 62  LYS B O   1 
ATOM   967  C CB  . LYS B 1 62 ? 4.01306   -11.19040 3.95255   1.000 37.83000  ? 62  LYS B CB  1 
ATOM   968  C CG  . LYS B 1 62 ? 4.52011   -11.17229 5.40326   1.000 40.55000  ? 62  LYS B CG  1 
ATOM   969  C CD  . LYS B 1 62 ? 5.53564   -12.23937 5.73034   1.000 57.47000  ? 62  LYS B CD  1 
ATOM   970  C CE  . LYS B 1 62 ? 4.96073   -13.64151 5.60638   1.000 83.02000  ? 62  LYS B CE  1 
ATOM   971  N NZ  . LYS B 1 62 ? 5.84473   -14.66956 6.26298   1.000 70.29000  ? 62  LYS B NZ  1 
ATOM   972  N N   . LYS B 1 63 ? 4.10306   -10.40034 0.79840   1.000 34.38000  ? 63  LYS B N   1 
ATOM   973  C CA  . LYS B 1 63 ? 3.65705   -10.58099 -0.59335  1.000 34.53000  ? 63  LYS B CA  1 
ATOM   974  C C   . LYS B 1 63 ? 4.78854   -11.12203 -1.48567  1.000 36.75000  ? 63  LYS B C   1 
ATOM   975  O O   . LYS B 1 63 ? 4.59196   -12.03485 -2.32128  1.000 38.10000  ? 63  LYS B O   1 
ATOM   976  C CB  . LYS B 1 63 ? 3.15045   -9.24434  -1.15836  1.000 36.86000  ? 63  LYS B CB  1 
ATOM   977  C CG  . LYS B 1 63 ? 1.70498   -8.90216  -0.88155  1.000 45.24000  ? 63  LYS B CG  1 
ATOM   978  C CD  . LYS B 1 63 ? 0.81845   -9.44088  -1.97583  1.000 53.32000  ? 63  LYS B CD  1 
ATOM   979  C CE  . LYS B 1 63 ? -0.63990  -9.08708  -1.73384  1.000 73.52000  ? 63  LYS B CE  1 
ATOM   980  N NZ  . LYS B 1 63 ? -1.47108  -10.31445 -1.54316  1.000 73.53000  ? 63  LYS B NZ  1 
ATOM   981  N N   . LEU B 1 64 ? 5.98090   -10.53562 -1.35842  1.000 31.85000  ? 64  LEU B N   1 
ATOM   982  C CA  . LEU B 1 64 ? 7.13385   -11.04077 -2.10824  1.000 31.46000  ? 64  LEU B CA  1 
ATOM   983  C C   . LEU B 1 64 ? 7.37293   -12.52763 -1.81477  1.000 35.02000  ? 64  LEU B C   1 
ATOM   984  O O   . LEU B 1 64 ? 7.54229   -13.34130 -2.74479  1.000 36.02000  ? 64  LEU B O   1 
ATOM   985  C CB  . LEU B 1 64 ? 8.36408   -10.20886 -1.76154  1.000 31.36000  ? 64  LEU B CB  1 
ATOM   986  C CG  . LEU B 1 64 ? 9.72712   -10.66617 -2.28332  1.000 29.90000  ? 64  LEU B CG  1 
ATOM   987  C CD1 . LEU B 1 64 ? 9.69977   -10.84987 -3.76165  1.000 35.74000  ? 64  LEU B CD1 1 
ATOM   988  C CD2 . LEU B 1 64 ? 10.82413  -9.65425  -1.85101  1.000 35.17000  ? 64  LEU B CD2 1 
ATOM   989  N N   . GLU B 1 65 ? 7.38276   -12.89966 -0.52639  1.000 36.46000  ? 65  GLU B N   1 
ATOM   990  C CA  . GLU B 1 65 ? 7.59255   -14.30089 -0.14521  1.000 35.76000  ? 65  GLU B CA  1 
ATOM   991  C C   . GLU B 1 65 ? 6.56801   -15.20253 -0.80905  1.000 42.09000  ? 65  GLU B C   1 
ATOM   992  O O   . GLU B 1 65 ? 6.90540   -16.28949 -1.29140  1.000 40.66000  ? 65  GLU B O   1 
ATOM   993  C CB  . GLU B 1 65 ? 7.48595   -14.48729 1.36526   1.000 36.72000  ? 65  GLU B CB  1 
ATOM   994  C CG  . GLU B 1 65 ? 8.51216   -13.80979 2.20245   1.000 42.13000  ? 65  GLU B CG  1 
ATOM   995  C CD  . GLU B 1 65 ? 8.33819   -14.18334 3.67257   1.000 54.84000  ? 65  GLU B CD  1 
ATOM   996  O OE1 . GLU B 1 65 ? 7.27018   -14.75371 4.00798   1.000 57.58000  ? 65  GLU B OE1 1 
ATOM   997  O OE2 . GLU B 1 65 ? 9.26468   -13.92688 4.47839   1.000 66.31000  ? 65  GLU B OE2 1 
ATOM   998  N N   . GLU B 1 66 ? 5.28674   -14.78089 -0.80883  1.000 40.56000  ? 66  GLU B N   1 
ATOM   999  C CA  . GLU B 1 66 ? 4.27424   -15.61051 -1.46837  1.000 44.79000  ? 66  GLU B CA  1 
ATOM   1000 C C   . GLU B 1 66 ? 4.56542   -15.75016 -2.96012  1.000 40.50000  ? 66  GLU B C   1 
ATOM   1001 O O   . GLU B 1 66 ? 4.17512   -16.74834 -3.58244  1.000 43.81000  ? 66  GLU B O   1 
ATOM   1002 C CB  . GLU B 1 66 ? 2.84383   -15.06542 -1.29894  1.000 48.76000  ? 66  GLU B CB  1 
ATOM   1003 C CG  . GLU B 1 66 ? 2.47144   -14.46619 0.05555   1.000 75.63000  ? 66  GLU B CG  1 
ATOM   1004 C CD  . GLU B 1 66 ? 0.93542   -14.42739 0.27030   1.000 82.67000  ? 66  GLU B CD  1 
ATOM   1005 O OE1 . GLU B 1 66 ? 0.25112   -15.41754 -0.06500  1.000 82.18000  ? 66  GLU B OE1 1 
ATOM   1006 O OE2 . GLU B 1 66 ? 0.42091   -13.38947 0.76841   1.000 76.78000  ? 66  GLU B OE2 1 
ATOM   1007 N N   . SER B 1 67 ? 5.22228   -14.76154 -3.57033  1.000 41.04000  ? 67  SER B N   1 
ATOM   1008 C CA  . SER B 1 67 ? 5.46348   -14.89149 -5.01607  1.000 41.25000  ? 67  SER B CA  1 
ATOM   1009 C C   . SER B 1 67 ? 6.67884   -15.74950 -5.37620  1.000 48.24000  ? 67  SER B C   1 
ATOM   1010 O O   . SER B 1 67 ? 6.82930   -16.11725 -6.54839  1.000 48.52000  ? 67  SER B O   1 
ATOM   1011 C CB  . SER B 1 67 ? 5.61364   -13.52304 -5.67872  1.000 47.96000  ? 67  SER B CB  1 
ATOM   1012 O OG  . SER B 1 67 ? 6.58711   -12.73451 -5.01601  1.000 62.37000  ? 67  SER B OG  1 
ATOM   1013 N N   . LEU B 1 68 ? 7.54058   -16.08309 -4.42360  1.000 46.95000  ? 68  LEU B N   1 
ATOM   1014 C CA  . LEU B 1 68 ? 8.56965   -17.07994 -4.67252  1.000 49.66000  ? 68  LEU B CA  1 
ATOM   1015 C C   . LEU B 1 68 ? 7.96700   -18.41084 -5.13524  1.000 58.57000  ? 68  LEU B C   1 
ATOM   1016 O O   . LEU B 1 68 ? 7.21860   -18.46638 -6.10851  1.000 68.96000  ? 68  LEU B O   1 
ATOM   1017 C CB  . LEU B 1 68 ? 9.38695   -17.33403 -3.40105  1.000 51.92000  ? 68  LEU B CB  1 
ATOM   1018 C CG  . LEU B 1 68 ? 10.10049  -16.06737 -2.92936  1.000 44.34000  ? 68  LEU B CG  1 
ATOM   1019 C CD1 . LEU B 1 68 ? 10.93870  -16.37965 -1.69907  1.000 40.52000  ? 68  LEU B CD1 1 
ATOM   1020 C CD2 . LEU B 1 68 ? 10.95065  -15.50102 -4.05297  1.000 49.41000  ? 68  LEU B CD2 1 
HETATM 1021 O O   . HOH C 2 .  ? -6.66753  -8.67928  -2.20440  1.000 43.50000  ? 101 HOH A O   1 
HETATM 1022 O O   . HOH C 2 .  ? 1.00488   6.89020   3.11469   1.000 44.81000  ? 102 HOH A O   1 
HETATM 1023 O O   . HOH C 2 .  ? -3.08657  9.66412   13.06871  1.000 50.09000  ? 103 HOH A O   1 
HETATM 1024 O O   . HOH C 2 .  ? -6.80847  -7.41286  -5.62256  1.000 46.21000  ? 104 HOH A O   1 
HETATM 1025 O O   . HOH C 2 .  ? -13.17110 11.96786  6.69089   1.000 35.24000  ? 105 HOH A O   1 
HETATM 1026 O O   . HOH C 2 .  ? -0.00952  2.24880   4.56711   1.000 52.82000  ? 106 HOH A O   1 
HETATM 1027 O O   . HOH C 2 .  ? -1.24119  2.22728   -5.63989  1.000 30.86000  ? 107 HOH A O   1 
HETATM 1028 O O   . HOH C 2 .  ? -0.16712  8.00233   -2.42213  1.000 29.39000  ? 108 HOH A O   1 
HETATM 1029 O O   . HOH C 2 .  ? -8.88695  -13.65751 3.28876   1.000 51.93000  ? 109 HOH A O   1 
HETATM 1030 O O   . HOH C 2 .  ? -2.93947  5.83597   -9.73245  1.000 43.07000  ? 110 HOH A O   1 
HETATM 1031 O O   . HOH C 2 .  ? -3.28392  -1.88752  -13.29060 1.000 44.75000  ? 111 HOH A O   1 
HETATM 1032 O O   . HOH C 2 .  ? -8.48863  -9.47542  -12.81359 1.000 51.69000  ? 112 HOH A O   1 
HETATM 1033 O O   . HOH C 2 .  ? 0.46675   9.70250   -4.76194  1.000 43.44000  ? 113 HOH A O   1 
HETATM 1034 O O   . HOH C 2 .  ? 0.65645   -9.61973  5.81279   1.000 47.59000  ? 114 HOH A O   1 
HETATM 1035 O O   . HOH C 2 .  ? -1.87276  -7.19636  14.07802  1.000 44.65000  ? 115 HOH A O   1 
HETATM 1036 O O   . HOH C 2 .  ? 1.82412   16.63312  11.07314  1.000 58.45000  ? 116 HOH A O   1 
HETATM 1037 O O   . HOH C 2 .  ? -1.68981  -8.31284  6.70755   1.000 48.18000  ? 117 HOH A O   1 
HETATM 1038 O O   . HOH C 2 .  ? -3.44596  -7.34417  11.86026  1.000 48.07000  ? 118 HOH A O   1 
HETATM 1039 O O   . HOH C 2 .  ? -0.08044  3.17031   -3.18684  1.000 27.47000  ? 119 HOH A O   1 
HETATM 1040 O O   . HOH D 2 .  ? 4.29016   -15.05525 7.95797   1.000 51.92000  ? 101 HOH B O   1 
HETATM 1041 O O   . HOH D 2 .  ? 12.71403  -7.51147  -14.88944 1.000 46.35000  ? 102 HOH B O   1 
HETATM 1042 O O   . HOH D 2 .  ? -0.95893  -3.45628  -6.25703  1.000 45.82000  ? 103 HOH B O   1 
HETATM 1043 O O   . HOH D 2 .  ? 7.09245   3.29836   8.35035   1.000 43.52000  ? 104 HOH B O   1 
HETATM 1044 O O   . HOH D 2 .  ? -0.02642  1.22830   -1.05481  1.000 39.25000  ? 105 HOH B O   1 
HETATM 1045 O O   . HOH D 2 .  ? 0.95788   0.07310   7.48023   1.000 48.92000  ? 106 HOH B O   1 
HETATM 1046 O O   . HOH D 2 .  ? 6.75927   6.61987   7.02537   1.000 47.15000  ? 107 HOH B O   1 
HETATM 1047 O O   . HOH D 2 .  ? 2.32513   -5.18830  9.12202   1.000 42.65000  ? 108 HOH B O   1 
HETATM 1048 O O   . HOH D 2 .  ? -0.10439  -4.14282  10.39039  1.000 46.74000  ? 109 HOH B O   1 
HETATM 1049 O O   . HOH D 2 .  ? 13.16778  -7.34954  -11.22916 1.000 39.85000  ? 110 HOH B O   1 
HETATM 1050 O O   . HOH D 2 .  ? 1.32969   5.69492   -2.58283  1.000 30.67000  ? 111 HOH B O   1 
HETATM 1051 O O   . HOH D 2 .  ? 4.27202   -10.74077 9.15669   1.000 49.23000  ? 112 HOH B O   1 
HETATM 1052 O O   . HOH D 2 .  ? 10.17528  -7.13778  -16.48608 1.000 36.97000  ? 113 HOH B O   1 
HETATM 1053 O O   . HOH D 2 .  ? -0.73407  4.09236   -9.62351  1.000 49.07000  ? 114 HOH B O   1 
HETATM 1054 O O   . HOH D 2 .  ? -0.02539  1.85157   -8.04804  1.000 33.40000  ? 115 HOH B O   1 
HETATM 1055 O O   . HOH D 2 .  ? 13.49035  -12.29911 -13.23152 1.000 50.13000  ? 116 HOH B O   1 
HETATM 1056 O O   . HOH D 2 .  ? 14.65443  -5.72082  -11.31369 1.000 46.41000  ? 117 HOH B O   1 
# 
